data_6N2O
#
_entry.id   6N2O
#
_cell.length_a   86.407
_cell.length_b   100.532
_cell.length_c   202.053
_cell.angle_alpha   90.00
_cell.angle_beta   90.00
_cell.angle_gamma   90.00
#
_symmetry.space_group_name_H-M   'P 21 21 21'
#
loop_
_entity.id
_entity.type
_entity.pdbx_description
1 polymer 'Pyruvate flavodoxin/ferredoxin oxidoreductase domain protein'
2 polymer 'Pyruvate ferredoxin/flavodoxin oxidoreductase, beta subunit'
3 non-polymer '2-OXOGLUTARIC ACID'
4 non-polymer 'COENZYME A'
5 non-polymer 'IRON/SULFUR CLUSTER'
6 non-polymer 'THIAMINE DIPHOSPHATE'
7 non-polymer 'MAGNESIUM ION'
8 non-polymer 'SUCCINYL-COENZYME A'
9 water water
#
loop_
_entity_poly.entity_id
_entity_poly.type
_entity_poly.pdbx_seq_one_letter_code
_entity_poly.pdbx_strand_id
1 'polypeptide(L)'
;MEKKDLIIRVAGEGGEGIISSGDFIAAACARAGLEVYTFKTFPAEIKGGYAMYQVRASSEKLYCQGDTFDVFCAFNGEAY
EQNKDKIKPGTAFVYDYPGGDFEPDEIPEGVFAYPIPMSQTAKEMKSYRSKNMVALGALSELFNISENTLKEVLSDKFGK
KGEEVLAFNLEAFDKGKALAKALTKADPFRVADPQEPKDVIIMAGNDAVGLGGILGGLEFFSAYPITPATEVAKYVATHL
PKCGGDLVQAEDEIASIAQVLGASYAGKKSMTATSGPGLALMSEMLGMAHMSETPCLVVDVQRGGPSTGLPTKHEQSDLF
LAIHGGHGDSPRIVLSVEDVKDCISMTVDGLNLAEKYQAPVIVLSDGSLAFSTQTIPRPKPEDFTIINRKTWDGQGTYKR
YELTEDNISPMAAPGTPNAKHIATGLEHGETGAPNYSPANHELMHRKRFNKQNSVLDFYKNMEVEGVEGEADVGIITWGS
TIGVVREAMQRLTAEGLKVKAMYPKLLWPMPVADYDAFGATCKKVIVPEVNFQGQLSHFIRAETSIKPIPYTICGGLPFT
PEMIVNRVKEEIQ
;
A,C
2 'polypeptide(L)'
;MTVEAFHKMENMKPKDYKSEVPTTWCPGCGHFGILNGVYRAMAELGIDSTKFAAISGIGCSSRMPYFVDSYKMHTLHGRA
GAVATGTQVARPDLCVVVAGGDGDGFSIGGGHMPHMARKNVNMTYVLMDNGIYGLTKGQYSPTSRPEMTAYTTPYGGPEN
PMNPLLYMLTYGATYVAQAFAGKPKDCAELIKGAMEHEGFAYVNIFSQCPTFNKIDTVDFYRDLVEPIPEDHDTSDLGAA
MELARRPGGKAPTGLLYKTSAPTLDQNLAKIRERLGGHVGYDKNKIIALAKP
;
B,D
#
loop_
_chem_comp.id
_chem_comp.type
_chem_comp.name
_chem_comp.formula
AKG non-polymer '2-OXOGLUTARIC ACID' 'C5 H6 O5'
COA non-polymer 'COENZYME A' 'C21 H36 N7 O16 P3 S'
MG non-polymer 'MAGNESIUM ION' 'Mg 2'
SCA non-polymer 'SUCCINYL-COENZYME A' 'C25 H40 N7 O19 P3 S'
SF4 non-polymer 'IRON/SULFUR CLUSTER' 'Fe4 S4'
TPP non-polymer 'THIAMINE DIPHOSPHATE' 'C12 H19 N4 O7 P2 S 1'
#
# COMPACT_ATOMS: atom_id res chain seq x y z
N GLU A 2 -34.04 1.54 39.70
CA GLU A 2 -32.94 1.50 40.65
C GLU A 2 -31.58 1.55 39.94
N LYS A 3 -30.66 2.32 40.51
CA LYS A 3 -29.31 2.46 39.96
C LYS A 3 -28.39 1.41 40.56
N LYS A 4 -27.81 0.56 39.70
CA LYS A 4 -26.91 -0.49 40.14
C LYS A 4 -25.45 -0.21 39.85
N ASP A 5 -25.14 0.78 39.03
CA ASP A 5 -23.79 1.11 38.62
C ASP A 5 -23.37 2.46 39.20
N LEU A 6 -22.06 2.68 39.22
CA LEU A 6 -21.51 3.98 39.60
C LEU A 6 -20.35 4.29 38.67
N ILE A 7 -20.33 5.52 38.14
CA ILE A 7 -19.32 5.94 37.17
C ILE A 7 -18.44 6.99 37.84
N ILE A 8 -17.15 6.67 38.00
CA ILE A 8 -16.20 7.54 38.66
C ILE A 8 -15.12 7.92 37.66
N ARG A 9 -14.98 9.22 37.40
CA ARG A 9 -13.95 9.75 36.51
C ARG A 9 -12.92 10.50 37.34
N VAL A 10 -11.65 10.15 37.16
CA VAL A 10 -10.53 10.80 37.84
C VAL A 10 -9.62 11.43 36.80
N ALA A 11 -9.25 12.68 37.02
CA ALA A 11 -8.43 13.42 36.07
C ALA A 11 -7.37 14.23 36.82
N GLY A 12 -6.31 14.58 36.11
CA GLY A 12 -5.24 15.33 36.70
C GLY A 12 -3.99 15.27 35.82
N GLU A 13 -2.89 15.75 36.38
CA GLU A 13 -1.63 15.74 35.67
C GLU A 13 -1.03 14.35 35.67
N GLY A 14 -0.67 13.85 34.49
CA GLY A 14 -0.01 12.56 34.41
C GLY A 14 1.27 12.56 35.25
N GLY A 15 1.50 11.44 35.92
CA GLY A 15 2.58 11.34 36.88
C GLY A 15 2.14 11.51 38.32
N GLU A 16 0.94 12.03 38.53
CA GLU A 16 0.32 12.08 39.85
C GLU A 16 -0.51 10.84 40.12
N GLY A 17 -0.33 9.79 39.31
CA GLY A 17 -0.98 8.52 39.54
C GLY A 17 -2.43 8.42 39.11
N ILE A 18 -2.82 9.15 38.06
CA ILE A 18 -4.21 9.10 37.61
C ILE A 18 -4.52 7.74 36.99
N ILE A 19 -3.63 7.22 36.16
CA ILE A 19 -3.88 5.93 35.51
C ILE A 19 -3.85 4.79 36.52
N SER A 20 -2.83 4.77 37.39
CA SER A 20 -2.71 3.68 38.35
C SER A 20 -3.88 3.66 39.33
N SER A 21 -4.33 4.84 39.76
CA SER A 21 -5.45 4.90 40.69
C SER A 21 -6.71 4.30 40.05
N GLY A 22 -6.88 4.50 38.75
CA GLY A 22 -8.02 3.90 38.08
C GLY A 22 -7.91 2.39 38.02
N ASP A 23 -6.72 1.86 37.76
CA ASP A 23 -6.53 0.42 37.73
C ASP A 23 -6.75 -0.20 39.09
N PHE A 24 -6.33 0.49 40.16
CA PHE A 24 -6.51 -0.05 41.51
C PHE A 24 -7.99 -0.16 41.87
N ILE A 25 -8.78 0.86 41.55
CA ILE A 25 -10.21 0.81 41.82
C ILE A 25 -10.86 -0.35 41.06
N ALA A 26 -10.40 -0.59 39.82
CA ALA A 26 -10.94 -1.69 39.03
C ALA A 26 -10.60 -3.03 39.67
N ALA A 27 -9.35 -3.21 40.11
CA ALA A 27 -8.97 -4.46 40.75
C ALA A 27 -9.69 -4.67 42.06
N ALA A 28 -9.97 -3.59 42.80
CA ALA A 28 -10.68 -3.72 44.07
C ALA A 28 -12.12 -4.17 43.86
N CYS A 29 -12.81 -3.56 42.89
CA CYS A 29 -14.17 -3.99 42.60
C CYS A 29 -14.21 -5.39 42.03
N ALA A 30 -13.13 -5.80 41.33
CA ALA A 30 -13.09 -7.15 40.79
C ALA A 30 -12.88 -8.18 41.88
N ARG A 31 -11.97 -7.91 42.82
CA ARG A 31 -11.80 -8.80 43.97
C ARG A 31 -13.06 -8.89 44.82
N ALA A 32 -13.93 -7.87 44.76
CA ALA A 32 -15.19 -7.85 45.47
C ALA A 32 -16.34 -8.42 44.64
N GLY A 33 -16.04 -9.06 43.52
CA GLY A 33 -17.06 -9.69 42.71
C GLY A 33 -17.99 -8.75 41.96
N LEU A 34 -17.47 -7.62 41.47
CA LEU A 34 -18.25 -6.66 40.72
C LEU A 34 -17.78 -6.61 39.27
N GLU A 35 -18.67 -6.19 38.39
CA GLU A 35 -18.34 -6.00 36.99
C GLU A 35 -17.73 -4.64 36.78
N VAL A 36 -16.62 -4.58 36.05
CA VAL A 36 -15.86 -3.35 35.86
C VAL A 36 -15.72 -3.10 34.36
N TYR A 37 -15.85 -1.83 33.99
CA TYR A 37 -15.64 -1.39 32.60
C TYR A 37 -14.90 -0.06 32.67
N THR A 38 -13.62 -0.07 32.30
CA THR A 38 -12.81 1.12 32.39
C THR A 38 -12.56 1.72 31.00
N PHE A 39 -12.02 2.93 31.00
CA PHE A 39 -11.63 3.65 29.80
C PHE A 39 -10.74 4.82 30.22
N LYS A 40 -9.56 4.91 29.62
CA LYS A 40 -8.55 5.88 30.02
C LYS A 40 -8.03 6.63 28.80
N THR A 41 -7.55 7.85 29.04
CA THR A 41 -6.83 8.60 28.03
C THR A 41 -5.54 9.12 28.64
N PHE A 42 -4.44 8.90 27.92
CA PHE A 42 -3.14 9.38 28.32
C PHE A 42 -3.02 10.85 27.95
N PRO A 43 -2.00 11.56 28.43
CA PRO A 43 -1.85 12.95 27.99
C PRO A 43 -1.55 12.99 26.51
N ALA A 44 -1.94 14.12 25.88
CA ALA A 44 -1.79 14.21 24.42
C ALA A 44 -0.32 14.28 23.99
N GLU A 45 0.58 14.65 24.89
CA GLU A 45 2.00 14.63 24.62
C GLU A 45 2.66 13.64 25.57
N ILE A 46 3.78 13.06 25.12
CA ILE A 46 4.47 12.07 25.92
C ILE A 46 5.06 12.72 27.17
N LYS A 47 5.44 14.00 27.06
CA LYS A 47 6.15 14.71 28.11
C LYS A 47 5.28 15.04 29.33
N GLY A 48 3.97 14.83 29.27
CA GLY A 48 3.14 15.27 30.37
C GLY A 48 1.86 15.95 29.94
N GLY A 49 0.92 16.11 30.88
CA GLY A 49 -0.30 16.82 30.57
C GLY A 49 -1.48 16.18 31.23
N TYR A 50 -2.66 16.47 30.69
CA TYR A 50 -3.93 16.08 31.28
C TYR A 50 -4.25 14.63 30.95
N ALA A 51 -4.30 13.79 31.99
CA ALA A 51 -4.66 12.39 31.89
C ALA A 51 -6.02 12.16 32.52
N MET A 52 -6.77 11.19 31.99
CA MET A 52 -8.14 10.95 32.42
C MET A 52 -8.40 9.46 32.47
N TYR A 53 -9.03 9.01 33.55
CA TYR A 53 -9.44 7.63 33.74
C TYR A 53 -10.87 7.63 34.25
N GLN A 54 -11.70 6.73 33.72
CA GLN A 54 -13.09 6.61 34.13
C GLN A 54 -13.41 5.15 34.35
N VAL A 55 -13.75 4.79 35.58
CA VAL A 55 -14.03 3.41 35.98
C VAL A 55 -15.51 3.29 36.30
N ARG A 56 -16.12 2.19 35.87
CA ARG A 56 -17.53 1.91 36.09
C ARG A 56 -17.66 0.55 36.76
N ALA A 57 -18.21 0.52 37.96
CA ALA A 57 -18.46 -0.72 38.69
C ALA A 57 -19.95 -0.92 38.86
N SER A 58 -20.41 -2.16 38.68
CA SER A 58 -21.82 -2.47 38.77
C SER A 58 -22.01 -3.90 39.27
N SER A 59 -23.22 -4.17 39.75
CA SER A 59 -23.59 -5.50 40.19
C SER A 59 -24.11 -6.38 39.05
N GLU A 60 -24.29 -5.81 37.86
CA GLU A 60 -24.75 -6.54 36.69
C GLU A 60 -23.76 -6.31 35.54
N LYS A 61 -24.01 -6.97 34.41
CA LYS A 61 -23.12 -6.87 33.27
C LYS A 61 -23.09 -5.45 32.72
N LEU A 62 -21.90 -5.02 32.31
CA LEU A 62 -21.69 -3.72 31.68
C LEU A 62 -21.32 -3.93 30.22
N TYR A 63 -21.72 -2.97 29.38
CA TYR A 63 -21.50 -3.08 27.95
C TYR A 63 -20.85 -1.86 27.30
N CYS A 64 -20.72 -0.75 28.01
CA CYS A 64 -20.06 0.42 27.47
C CYS A 64 -19.63 1.31 28.63
N GLN A 65 -19.31 2.58 28.32
CA GLN A 65 -18.77 3.51 29.30
C GLN A 65 -19.83 4.33 30.03
N GLY A 66 -21.00 4.52 29.44
CA GLY A 66 -22.05 5.31 30.05
C GLY A 66 -22.19 6.67 29.38
N ASP A 67 -23.24 7.39 29.81
CA ASP A 67 -23.50 8.72 29.26
C ASP A 67 -22.49 9.74 29.77
N THR A 68 -22.28 9.77 31.08
CA THR A 68 -21.33 10.68 31.70
C THR A 68 -21.06 10.20 33.12
N PHE A 69 -20.11 10.86 33.78
CA PHE A 69 -19.71 10.41 35.10
C PHE A 69 -20.77 10.79 36.15
N ASP A 70 -20.82 10.01 37.22
CA ASP A 70 -21.57 10.36 38.42
C ASP A 70 -20.70 11.01 39.47
N VAL A 71 -19.47 10.54 39.61
CA VAL A 71 -18.49 11.08 40.54
C VAL A 71 -17.28 11.55 39.73
N PHE A 72 -16.79 12.74 40.03
CA PHE A 72 -15.62 13.30 39.37
C PHE A 72 -14.60 13.69 40.43
N CYS A 73 -13.33 13.42 40.15
CA CYS A 73 -12.24 13.74 41.07
C CYS A 73 -11.16 14.48 40.31
N ALA A 74 -10.90 15.73 40.70
CA ALA A 74 -9.95 16.59 40.03
C ALA A 74 -8.70 16.74 40.88
N PHE A 75 -7.54 16.42 40.32
CA PHE A 75 -6.28 16.60 41.03
C PHE A 75 -5.74 18.02 40.91
N ASN A 76 -6.24 18.80 39.94
CA ASN A 76 -5.77 20.17 39.77
C ASN A 76 -6.84 20.96 39.03
N GLY A 77 -6.53 22.23 38.74
CA GLY A 77 -7.51 23.13 38.16
C GLY A 77 -7.85 22.80 36.72
N GLU A 78 -6.85 22.36 35.94
CA GLU A 78 -7.09 22.05 34.53
C GLU A 78 -8.08 20.90 34.39
N ALA A 79 -7.99 19.91 35.27
CA ALA A 79 -8.99 18.84 35.25
C ALA A 79 -10.39 19.38 35.49
N TYR A 80 -10.51 20.38 36.38
CA TYR A 80 -11.81 20.98 36.64
C TYR A 80 -12.33 21.71 35.40
N GLU A 81 -11.49 22.57 34.80
CA GLU A 81 -11.94 23.35 33.66
C GLU A 81 -12.25 22.45 32.47
N GLN A 82 -11.51 21.34 32.30
CA GLN A 82 -11.78 20.44 31.19
C GLN A 82 -13.12 19.73 31.35
N ASN A 83 -13.54 19.48 32.57
CA ASN A 83 -14.79 18.77 32.84
C ASN A 83 -15.88 19.69 33.39
N LYS A 84 -15.64 21.00 33.43
CA LYS A 84 -16.61 21.91 34.07
C LYS A 84 -17.97 21.84 33.40
N ASP A 85 -18.01 21.63 32.09
CA ASP A 85 -19.28 21.54 31.37
C ASP A 85 -20.09 20.32 31.79
N LYS A 86 -19.43 19.27 32.30
CA LYS A 86 -20.12 18.05 32.71
C LYS A 86 -20.41 17.99 34.20
N ILE A 87 -19.89 18.93 34.99
CA ILE A 87 -20.22 18.98 36.41
C ILE A 87 -21.60 19.59 36.58
N LYS A 88 -22.63 18.80 36.28
CA LYS A 88 -24.01 19.26 36.32
C LYS A 88 -24.65 18.92 37.65
N PRO A 89 -25.75 19.60 38.00
CA PRO A 89 -26.41 19.31 39.29
C PRO A 89 -26.81 17.86 39.42
N GLY A 90 -26.64 17.32 40.62
CA GLY A 90 -26.90 15.93 40.90
C GLY A 90 -25.67 15.04 40.99
N THR A 91 -24.52 15.52 40.54
CA THR A 91 -23.30 14.73 40.50
C THR A 91 -22.42 15.04 41.71
N ALA A 92 -21.65 14.03 42.13
CA ALA A 92 -20.68 14.23 43.19
C ALA A 92 -19.40 14.83 42.61
N PHE A 93 -18.75 15.67 43.41
CA PHE A 93 -17.58 16.41 42.96
C PHE A 93 -16.54 16.39 44.08
N VAL A 94 -15.44 15.69 43.85
CA VAL A 94 -14.28 15.70 44.74
C VAL A 94 -13.18 16.48 44.03
N TYR A 95 -12.52 17.37 44.77
CA TYR A 95 -11.48 18.20 44.19
C TYR A 95 -10.42 18.48 45.24
N ASP A 96 -9.28 19.00 44.78
CA ASP A 96 -8.10 19.21 45.62
C ASP A 96 -8.19 20.61 46.22
N TYR A 97 -8.72 20.69 47.45
CA TYR A 97 -8.93 22.00 48.09
C TYR A 97 -9.08 21.79 49.59
N PRO A 98 -8.43 22.62 50.42
CA PRO A 98 -7.50 23.65 49.95
C PRO A 98 -6.10 23.11 49.71
N GLY A 99 -5.17 24.00 49.37
CA GLY A 99 -3.80 23.62 49.09
C GLY A 99 -3.49 23.33 47.64
N GLY A 100 -4.51 23.13 46.81
CA GLY A 100 -4.31 22.90 45.40
C GLY A 100 -3.90 24.15 44.66
N ASP A 101 -3.94 24.06 43.33
CA ASP A 101 -3.54 25.14 42.45
C ASP A 101 -4.74 25.87 41.85
N PHE A 102 -5.89 25.86 42.54
CA PHE A 102 -7.08 26.54 42.05
C PHE A 102 -8.12 26.57 43.16
N GLU A 103 -9.05 27.51 43.02
CA GLU A 103 -10.27 27.57 43.81
C GLU A 103 -11.45 27.45 42.86
N PRO A 104 -12.36 26.50 43.09
CA PRO A 104 -13.43 26.25 42.10
C PRO A 104 -14.33 27.46 41.93
N ASP A 105 -14.83 27.62 40.71
CA ASP A 105 -15.72 28.72 40.35
C ASP A 105 -17.04 28.55 41.10
N GLU A 106 -18.01 29.40 40.77
CA GLU A 106 -19.32 29.29 41.38
C GLU A 106 -19.90 27.90 41.12
N ILE A 107 -19.83 27.04 42.14
CA ILE A 107 -20.31 25.66 42.01
C ILE A 107 -21.82 25.72 41.85
N PRO A 108 -22.36 25.18 40.76
CA PRO A 108 -23.80 25.27 40.52
C PRO A 108 -24.60 24.65 41.66
N GLU A 109 -25.76 25.24 41.92
CA GLU A 109 -26.61 24.78 43.01
C GLU A 109 -27.10 23.36 42.73
N GLY A 110 -26.93 22.48 43.71
CA GLY A 110 -27.27 21.08 43.57
C GLY A 110 -26.09 20.14 43.39
N VAL A 111 -24.88 20.68 43.20
CA VAL A 111 -23.68 19.85 43.05
C VAL A 111 -23.13 19.52 44.43
N PHE A 112 -23.00 18.22 44.71
CA PHE A 112 -22.49 17.74 45.99
C PHE A 112 -20.97 17.84 45.96
N ALA A 113 -20.44 18.96 46.45
CA ALA A 113 -19.01 19.21 46.44
C ALA A 113 -18.37 18.67 47.71
N TYR A 114 -17.25 17.97 47.55
CA TYR A 114 -16.50 17.39 48.67
C TYR A 114 -15.04 17.82 48.57
N PRO A 115 -14.70 19.00 49.08
CA PRO A 115 -13.30 19.45 49.02
C PRO A 115 -12.42 18.59 49.91
N ILE A 116 -11.34 18.07 49.33
CA ILE A 116 -10.40 17.20 50.03
C ILE A 116 -9.01 17.77 49.83
N PRO A 117 -8.30 18.18 50.88
CA PRO A 117 -6.92 18.65 50.71
C PRO A 117 -5.96 17.53 50.35
N MET A 118 -5.89 17.18 49.06
CA MET A 118 -5.04 16.08 48.63
C MET A 118 -3.58 16.49 48.59
N SER A 119 -3.28 17.62 47.95
CA SER A 119 -1.90 18.08 47.88
C SER A 119 -1.37 18.51 49.24
N GLN A 120 -2.26 18.99 50.13
CA GLN A 120 -1.84 19.37 51.47
C GLN A 120 -1.40 18.15 52.28
N THR A 121 -2.25 17.12 52.34
CA THR A 121 -1.91 15.94 53.13
C THR A 121 -0.68 15.24 52.57
N ALA A 122 -0.50 15.26 51.25
CA ALA A 122 0.71 14.72 50.66
C ALA A 122 1.92 15.55 51.05
N LYS A 123 1.78 16.88 51.03
CA LYS A 123 2.86 17.76 51.47
C LYS A 123 3.06 17.66 52.98
N GLU A 124 2.00 17.42 53.75
CA GLU A 124 2.15 17.28 55.20
C GLU A 124 2.93 16.02 55.56
N MET A 125 2.92 15.01 54.69
CA MET A 125 3.67 13.78 54.89
C MET A 125 5.07 13.85 54.28
N LYS A 126 5.51 15.03 53.82
CA LYS A 126 6.82 15.25 53.21
C LYS A 126 7.05 14.38 51.98
N SER A 127 5.99 13.95 51.31
CA SER A 127 6.12 13.10 50.13
C SER A 127 4.92 13.38 49.22
N TYR A 128 5.13 14.22 48.20
CA TYR A 128 4.08 14.53 47.25
C TYR A 128 3.78 13.36 46.33
N ARG A 129 4.67 12.36 46.29
CA ARG A 129 4.49 11.20 45.43
C ARG A 129 3.23 10.44 45.83
N SER A 130 2.83 10.51 47.10
CA SER A 130 1.67 9.81 47.64
C SER A 130 0.39 10.61 47.54
N LYS A 131 0.32 11.59 46.64
CA LYS A 131 -0.90 12.39 46.53
C LYS A 131 -2.08 11.54 46.07
N ASN A 132 -1.83 10.58 45.18
CA ASN A 132 -2.91 9.74 44.65
C ASN A 132 -3.45 8.78 45.70
N MET A 133 -2.65 8.45 46.72
CA MET A 133 -3.12 7.52 47.74
C MET A 133 -4.18 8.17 48.62
N VAL A 134 -4.04 9.47 48.88
CA VAL A 134 -5.00 10.20 49.72
C VAL A 134 -6.37 10.26 49.05
N ALA A 135 -6.41 10.36 47.72
CA ALA A 135 -7.69 10.37 47.02
C ALA A 135 -8.33 9.00 47.02
N LEU A 136 -7.53 7.93 47.03
CA LEU A 136 -8.09 6.59 47.07
C LEU A 136 -8.83 6.36 48.40
N GLY A 137 -8.21 6.76 49.51
CA GLY A 137 -8.89 6.66 50.78
C GLY A 137 -10.13 7.53 50.84
N ALA A 138 -10.08 8.71 50.22
CA ALA A 138 -11.23 9.61 50.23
C ALA A 138 -12.37 9.06 49.39
N LEU A 139 -12.06 8.52 48.21
CA LEU A 139 -13.11 7.96 47.36
C LEU A 139 -13.65 6.66 47.92
N SER A 140 -12.81 5.87 48.59
CA SER A 140 -13.26 4.62 49.17
C SER A 140 -14.31 4.87 50.26
N GLU A 141 -14.08 5.88 51.09
CA GLU A 141 -15.04 6.19 52.15
C GLU A 141 -16.33 6.74 51.58
N LEU A 142 -16.22 7.78 50.73
CA LEU A 142 -17.42 8.51 50.30
C LEU A 142 -18.35 7.66 49.46
N PHE A 143 -17.83 6.72 48.68
CA PHE A 143 -18.65 5.97 47.73
C PHE A 143 -18.55 4.46 47.92
N ASN A 144 -18.08 4.01 49.08
CA ASN A 144 -18.11 2.61 49.49
C ASN A 144 -17.36 1.71 48.50
N ILE A 145 -16.09 2.03 48.31
CA ILE A 145 -15.15 1.13 47.66
C ILE A 145 -14.59 0.20 48.73
N SER A 146 -14.58 -1.10 48.44
CA SER A 146 -14.12 -2.10 49.40
C SER A 146 -12.70 -1.83 49.88
N GLU A 147 -12.56 -1.32 51.11
CA GLU A 147 -11.24 -0.94 51.62
C GLU A 147 -10.33 -2.14 51.79
N ASN A 148 -10.90 -3.32 52.13
CA ASN A 148 -10.07 -4.50 52.31
C ASN A 148 -9.46 -4.96 51.00
N THR A 149 -10.28 -5.00 49.93
CA THR A 149 -9.72 -5.34 48.62
C THR A 149 -8.86 -4.21 48.09
N LEU A 150 -9.19 -2.96 48.45
CA LEU A 150 -8.41 -1.82 47.97
C LEU A 150 -7.02 -1.82 48.57
N LYS A 151 -6.91 -2.07 49.88
CA LYS A 151 -5.61 -2.19 50.52
C LYS A 151 -4.88 -3.47 50.13
N GLU A 152 -5.63 -4.50 49.71
CA GLU A 152 -4.99 -5.73 49.24
C GLU A 152 -4.31 -5.50 47.90
N VAL A 153 -4.95 -4.73 47.01
CA VAL A 153 -4.35 -4.44 45.71
C VAL A 153 -3.09 -3.62 45.88
N LEU A 154 -3.10 -2.67 46.82
CA LEU A 154 -1.90 -1.88 47.09
C LEU A 154 -0.83 -2.72 47.76
N SER A 155 -1.22 -3.77 48.49
CA SER A 155 -0.24 -4.64 49.13
C SER A 155 0.45 -5.53 48.10
N ASP A 156 -0.30 -6.03 47.12
CA ASP A 156 0.32 -6.87 46.09
C ASP A 156 1.27 -6.07 45.22
N LYS A 157 0.99 -4.77 45.05
CA LYS A 157 1.81 -3.89 44.22
C LYS A 157 3.01 -3.32 44.96
N PHE A 158 2.83 -2.94 46.23
CA PHE A 158 3.88 -2.27 46.99
C PHE A 158 4.54 -3.17 48.03
N GLY A 159 4.19 -4.46 48.09
CA GLY A 159 4.83 -5.36 49.03
C GLY A 159 6.27 -5.69 48.66
N LYS A 160 6.61 -5.65 47.37
CA LYS A 160 7.94 -6.00 46.92
C LYS A 160 8.96 -4.88 47.09
N LYS A 161 8.56 -3.73 47.63
CA LYS A 161 9.51 -2.65 47.91
C LYS A 161 9.94 -2.59 49.37
N GLY A 162 9.20 -3.25 50.28
CA GLY A 162 9.55 -3.22 51.69
C GLY A 162 8.34 -3.10 52.60
N GLU A 163 8.56 -3.17 53.91
CA GLU A 163 7.49 -3.03 54.89
C GLU A 163 7.21 -1.58 55.24
N GLU A 164 8.22 -0.71 55.13
CA GLU A 164 8.02 0.71 55.39
C GLU A 164 7.48 1.46 54.19
N VAL A 165 7.70 0.94 52.98
CA VAL A 165 7.12 1.57 51.79
C VAL A 165 5.62 1.31 51.73
N LEU A 166 5.21 0.09 52.09
CA LEU A 166 3.77 -0.23 52.07
C LEU A 166 3.03 0.45 53.20
N ALA A 167 3.59 0.44 54.42
CA ALA A 167 2.92 1.06 55.56
C ALA A 167 2.80 2.57 55.39
N PHE A 168 3.70 3.19 54.62
CA PHE A 168 3.64 4.63 54.44
C PHE A 168 2.51 5.05 53.51
N ASN A 169 2.33 4.33 52.40
CA ASN A 169 1.23 4.66 51.49
C ASN A 169 -0.11 4.31 52.12
N LEU A 170 -0.15 3.26 52.93
CA LEU A 170 -1.37 2.94 53.66
C LEU A 170 -1.75 4.03 54.64
N GLU A 171 -0.75 4.73 55.20
CA GLU A 171 -1.05 5.84 56.11
C GLU A 171 -1.66 7.02 55.37
N ALA A 172 -1.30 7.21 54.10
CA ALA A 172 -1.90 8.27 53.31
C ALA A 172 -3.34 7.93 52.94
N PHE A 173 -3.64 6.63 52.81
CA PHE A 173 -4.98 6.20 52.44
C PHE A 173 -5.99 6.59 53.51
N ASP A 174 -5.79 6.13 54.75
CA ASP A 174 -6.75 6.42 55.82
C ASP A 174 -6.65 7.86 56.30
N LYS A 175 -5.57 8.58 55.97
CA LYS A 175 -5.58 10.02 56.20
C LYS A 175 -6.61 10.71 55.31
N GLY A 176 -6.66 10.33 54.04
CA GLY A 176 -7.74 10.81 53.18
C GLY A 176 -9.07 10.19 53.53
N LYS A 177 -9.07 9.03 54.18
CA LYS A 177 -10.31 8.44 54.67
C LYS A 177 -10.92 9.30 55.79
N ALA A 178 -10.06 9.88 56.63
CA ALA A 178 -10.54 10.73 57.72
C ALA A 178 -11.00 12.08 57.20
N LEU A 179 -10.29 12.63 56.20
CA LEU A 179 -10.71 13.89 55.60
C LEU A 179 -12.08 13.76 54.95
N ALA A 180 -12.40 12.56 54.45
CA ALA A 180 -13.65 12.30 53.76
C ALA A 180 -14.79 12.14 54.74
N LYS A 181 -14.65 11.19 55.68
CA LYS A 181 -15.72 10.95 56.66
C LYS A 181 -15.94 12.15 57.56
N ALA A 182 -14.97 13.06 57.65
CA ALA A 182 -15.20 14.31 58.37
C ALA A 182 -16.25 15.16 57.69
N LEU A 183 -16.40 15.04 56.37
CA LEU A 183 -17.39 15.80 55.63
C LEU A 183 -18.74 15.09 55.65
N THR A 184 -19.78 15.86 55.36
CA THR A 184 -21.16 15.38 55.37
C THR A 184 -21.49 14.72 54.04
N LYS A 185 -21.68 13.40 54.04
CA LYS A 185 -22.01 12.68 52.81
C LYS A 185 -23.47 12.93 52.45
N ALA A 186 -23.69 13.69 51.38
CA ALA A 186 -25.04 13.98 50.89
C ALA A 186 -25.37 13.35 49.55
N ASP A 187 -24.36 12.82 48.83
CA ASP A 187 -24.61 12.26 47.51
C ASP A 187 -25.34 10.93 47.62
N PRO A 188 -26.20 10.60 46.65
CA PRO A 188 -26.91 9.31 46.68
C PRO A 188 -26.14 8.21 45.97
N PHE A 189 -24.84 8.42 45.77
CA PHE A 189 -24.02 7.56 44.93
C PHE A 189 -23.20 6.61 45.80
N ARG A 190 -23.43 5.31 45.63
CA ARG A 190 -22.72 4.28 46.37
C ARG A 190 -22.40 3.11 45.46
N VAL A 191 -21.17 2.61 45.55
CA VAL A 191 -20.80 1.38 44.85
C VAL A 191 -21.53 0.21 45.48
N ALA A 192 -22.07 -0.68 44.64
CA ALA A 192 -22.82 -1.82 45.13
C ALA A 192 -21.99 -2.61 46.13
N ASP A 193 -22.68 -3.26 47.06
CA ASP A 193 -22.00 -3.94 48.15
C ASP A 193 -21.29 -5.20 47.65
N PRO A 194 -20.19 -5.58 48.31
CA PRO A 194 -19.36 -6.70 47.82
C PRO A 194 -20.13 -8.01 47.74
N GLN A 195 -20.08 -8.64 46.57
CA GLN A 195 -20.64 -9.96 46.34
C GLN A 195 -19.54 -11.02 46.37
N GLU A 196 -19.90 -12.26 46.04
CA GLU A 196 -18.93 -13.34 45.97
C GLU A 196 -18.00 -13.13 44.79
N PRO A 197 -16.68 -13.09 44.98
CA PRO A 197 -15.77 -12.83 43.86
C PRO A 197 -15.85 -13.90 42.78
N LYS A 198 -16.45 -13.54 41.66
CA LYS A 198 -16.56 -14.46 40.54
C LYS A 198 -15.19 -14.76 39.94
N ASP A 199 -15.05 -15.95 39.37
CA ASP A 199 -13.81 -16.39 38.74
C ASP A 199 -13.68 -15.65 37.41
N VAL A 200 -13.01 -14.50 37.43
CA VAL A 200 -12.87 -13.65 36.26
C VAL A 200 -11.43 -13.14 36.19
N ILE A 201 -11.14 -12.38 35.12
CA ILE A 201 -9.87 -11.66 34.98
C ILE A 201 -10.17 -10.27 34.41
N ILE A 202 -9.21 -9.37 34.60
CA ILE A 202 -9.26 -8.03 34.05
C ILE A 202 -8.24 -7.95 32.91
N MET A 203 -8.66 -7.42 31.75
CA MET A 203 -7.79 -7.39 30.60
C MET A 203 -8.16 -6.26 29.66
N ALA A 204 -7.14 -5.60 29.10
CA ALA A 204 -7.33 -4.59 28.09
C ALA A 204 -7.55 -5.23 26.72
N GLY A 205 -8.22 -4.48 25.84
CA GLY A 205 -8.63 -5.03 24.55
C GLY A 205 -7.47 -5.51 23.71
N ASN A 206 -6.41 -4.70 23.62
CA ASN A 206 -5.26 -5.10 22.83
C ASN A 206 -4.60 -6.33 23.40
N ASP A 207 -4.44 -6.39 24.72
CA ASP A 207 -3.90 -7.59 25.35
C ASP A 207 -4.78 -8.80 25.07
N ALA A 208 -6.09 -8.59 24.97
CA ALA A 208 -6.99 -9.70 24.68
C ALA A 208 -6.79 -10.23 23.26
N VAL A 209 -6.44 -9.35 22.31
CA VAL A 209 -6.15 -9.81 20.96
C VAL A 209 -4.88 -10.66 20.95
N GLY A 210 -3.86 -10.24 21.69
CA GLY A 210 -2.65 -11.05 21.79
C GLY A 210 -2.91 -12.40 22.42
N LEU A 211 -3.76 -12.42 23.45
CA LEU A 211 -4.12 -13.69 24.07
C LEU A 211 -4.95 -14.54 23.13
N GLY A 212 -5.94 -13.93 22.46
CA GLY A 212 -6.77 -14.68 21.53
C GLY A 212 -5.96 -15.32 20.41
N GLY A 213 -4.93 -14.62 19.93
CA GLY A 213 -4.06 -15.23 18.93
C GLY A 213 -3.34 -16.44 19.48
N ILE A 214 -2.79 -16.33 20.70
CA ILE A 214 -2.07 -17.45 21.30
C ILE A 214 -3.01 -18.63 21.55
N LEU A 215 -4.18 -18.35 22.13
CA LEU A 215 -5.13 -19.44 22.39
C LEU A 215 -5.64 -20.06 21.10
N GLY A 216 -5.64 -19.32 20.00
CA GLY A 216 -6.06 -19.82 18.71
C GLY A 216 -5.01 -20.59 17.93
N GLY A 217 -3.84 -20.82 18.52
CA GLY A 217 -2.81 -21.58 17.84
C GLY A 217 -1.81 -20.76 17.07
N LEU A 218 -1.59 -19.50 17.46
CA LEU A 218 -0.64 -18.66 16.77
C LEU A 218 0.77 -19.24 16.87
N GLU A 219 1.52 -19.14 15.77
CA GLU A 219 2.88 -19.66 15.74
C GLU A 219 3.85 -18.59 15.25
N PHE A 220 3.39 -17.69 14.40
CA PHE A 220 4.24 -16.63 13.86
C PHE A 220 3.51 -15.30 13.86
N PHE A 221 4.18 -14.26 14.36
CA PHE A 221 3.65 -12.90 14.41
C PHE A 221 4.72 -11.95 13.90
N SER A 222 4.34 -11.06 12.98
CA SER A 222 5.25 -10.04 12.47
C SER A 222 4.58 -8.68 12.60
N ALA A 223 5.26 -7.75 13.28
CA ALA A 223 4.65 -6.47 13.62
C ALA A 223 5.55 -5.30 13.22
N TYR A 224 4.90 -4.15 13.03
CA TYR A 224 5.55 -2.86 12.94
C TYR A 224 4.76 -1.90 13.82
N PRO A 225 5.42 -1.11 14.67
CA PRO A 225 4.68 -0.31 15.66
C PRO A 225 3.78 0.74 15.02
N ILE A 226 2.57 0.87 15.59
CA ILE A 226 1.68 1.95 15.20
C ILE A 226 0.62 2.11 16.29
N THR A 227 0.29 3.36 16.61
CA THR A 227 -0.75 3.64 17.58
C THR A 227 -2.12 3.51 16.92
N PRO A 228 -3.10 2.87 17.57
CA PRO A 228 -3.05 2.27 18.90
C PRO A 228 -3.00 0.74 18.91
N ALA A 229 -2.19 0.13 18.06
CA ALA A 229 -2.16 -1.32 17.94
C ALA A 229 -0.85 -1.94 18.43
N THR A 230 0.13 -1.13 18.82
CA THR A 230 1.44 -1.69 19.18
C THR A 230 1.37 -2.59 20.40
N GLU A 231 0.39 -2.37 21.28
CA GLU A 231 0.32 -3.15 22.52
C GLU A 231 0.18 -4.64 22.21
N VAL A 232 -0.58 -4.97 21.15
CA VAL A 232 -0.78 -6.37 20.78
C VAL A 232 0.56 -7.07 20.53
N ALA A 233 1.46 -6.40 19.81
CA ALA A 233 2.79 -6.97 19.58
C ALA A 233 3.57 -7.12 20.88
N LYS A 234 3.39 -6.20 21.84
CA LYS A 234 4.09 -6.30 23.11
C LYS A 234 3.66 -7.53 23.89
N TYR A 235 2.35 -7.80 23.92
CA TYR A 235 1.87 -9.00 24.58
C TYR A 235 2.37 -10.25 23.88
N VAL A 236 2.31 -10.26 22.54
CA VAL A 236 2.70 -11.45 21.79
C VAL A 236 4.21 -11.65 21.85
N ALA A 237 4.98 -10.57 21.79
CA ALA A 237 6.43 -10.70 21.91
C ALA A 237 6.83 -11.25 23.27
N THR A 238 6.02 -10.98 24.30
CA THR A 238 6.35 -11.46 25.63
C THR A 238 5.97 -12.93 25.82
N HIS A 239 4.76 -13.31 25.40
CA HIS A 239 4.19 -14.59 25.77
C HIS A 239 4.26 -15.66 24.67
N LEU A 240 4.18 -15.28 23.41
CA LEU A 240 4.26 -16.28 22.34
C LEU A 240 5.58 -17.06 22.33
N PRO A 241 6.75 -16.45 22.59
CA PRO A 241 7.97 -17.27 22.68
C PRO A 241 7.90 -18.38 23.73
N LYS A 242 7.07 -18.22 24.77
CA LYS A 242 6.91 -19.28 25.74
C LYS A 242 6.25 -20.52 25.13
N CYS A 243 5.35 -20.31 24.16
CA CYS A 243 4.58 -21.39 23.55
C CYS A 243 5.21 -21.89 22.25
N GLY A 244 6.53 -21.71 22.10
CA GLY A 244 7.23 -22.20 20.94
C GLY A 244 7.10 -21.37 19.68
N GLY A 245 6.42 -20.23 19.76
CA GLY A 245 6.26 -19.37 18.59
C GLY A 245 7.31 -18.27 18.55
N ASP A 246 7.23 -17.47 17.48
CA ASP A 246 8.19 -16.39 17.25
C ASP A 246 7.47 -15.11 16.85
N LEU A 247 7.98 -13.99 17.33
CA LEU A 247 7.58 -12.66 16.89
C LEU A 247 8.79 -11.96 16.29
N VAL A 248 8.58 -11.32 15.15
CA VAL A 248 9.61 -10.55 14.46
C VAL A 248 9.08 -9.16 14.19
N GLN A 249 9.88 -8.15 14.49
CA GLN A 249 9.50 -6.77 14.17
C GLN A 249 10.11 -6.43 12.81
N ALA A 250 9.26 -6.43 11.78
CA ALA A 250 9.69 -6.18 10.42
C ALA A 250 10.01 -4.69 10.23
N GLU A 251 10.49 -4.35 9.03
CA GLU A 251 10.89 -2.99 8.75
C GLU A 251 9.72 -2.10 8.37
N ASP A 252 8.60 -2.67 7.93
CA ASP A 252 7.39 -1.91 7.64
C ASP A 252 6.22 -2.86 7.56
N GLU A 253 5.02 -2.30 7.32
CA GLU A 253 3.81 -3.12 7.28
C GLU A 253 3.80 -4.04 6.07
N ILE A 254 4.32 -3.59 4.93
CA ILE A 254 4.38 -4.45 3.75
C ILE A 254 5.25 -5.67 4.04
N ALA A 255 6.43 -5.43 4.59
CA ALA A 255 7.30 -6.55 4.97
C ALA A 255 6.63 -7.45 6.01
N SER A 256 5.86 -6.86 6.93
CA SER A 256 5.24 -7.67 7.98
C SER A 256 4.20 -8.62 7.40
N ILE A 257 3.30 -8.12 6.54
CA ILE A 257 2.30 -9.00 5.95
C ILE A 257 2.94 -9.96 4.96
N ALA A 258 4.04 -9.54 4.32
CA ALA A 258 4.79 -10.44 3.47
C ALA A 258 5.34 -11.61 4.27
N GLN A 259 5.90 -11.34 5.45
CA GLN A 259 6.41 -12.41 6.31
C GLN A 259 5.30 -13.34 6.77
N VAL A 260 4.10 -12.81 6.98
CA VAL A 260 2.96 -13.64 7.39
C VAL A 260 2.67 -14.69 6.32
N LEU A 261 2.62 -14.26 5.05
CA LEU A 261 2.38 -15.21 3.97
C LEU A 261 3.51 -16.23 3.87
N GLY A 262 4.75 -15.80 4.05
CA GLY A 262 5.87 -16.73 4.00
C GLY A 262 5.77 -17.82 5.05
N ALA A 263 5.39 -17.45 6.27
CA ALA A 263 5.21 -18.42 7.34
C ALA A 263 3.93 -19.23 7.17
N SER A 264 2.90 -18.66 6.57
CA SER A 264 1.66 -19.39 6.36
C SER A 264 1.80 -20.42 5.26
N TYR A 265 2.55 -20.07 4.20
CA TYR A 265 2.86 -21.07 3.17
C TYR A 265 3.71 -22.20 3.75
N ALA A 266 4.59 -21.90 4.70
CA ALA A 266 5.39 -22.91 5.37
C ALA A 266 4.56 -23.76 6.33
N GLY A 267 3.30 -23.41 6.57
CA GLY A 267 2.40 -24.23 7.34
C GLY A 267 2.05 -23.72 8.73
N LYS A 268 2.52 -22.54 9.11
CA LYS A 268 2.30 -22.04 10.47
C LYS A 268 1.16 -21.04 10.48
N LYS A 269 0.39 -21.06 11.56
CA LYS A 269 -0.66 -20.06 11.77
C LYS A 269 -0.01 -18.71 12.06
N SER A 270 -0.28 -17.71 11.22
CA SER A 270 0.41 -16.44 11.29
C SER A 270 -0.59 -15.28 11.27
N MET A 271 -0.18 -14.15 11.85
CA MET A 271 -1.04 -12.98 11.90
C MET A 271 -0.18 -11.73 12.11
N THR A 272 -0.83 -10.58 11.98
CA THR A 272 -0.19 -9.30 12.23
C THR A 272 -1.25 -8.33 12.76
N ALA A 273 -0.78 -7.23 13.34
CA ALA A 273 -1.66 -6.18 13.85
C ALA A 273 -1.11 -4.83 13.42
N THR A 274 -2.02 -3.91 13.09
CA THR A 274 -1.65 -2.59 12.62
C THR A 274 -2.86 -1.68 12.77
N SER A 275 -2.81 -0.50 12.15
CA SER A 275 -3.95 0.39 12.14
C SER A 275 -4.22 0.87 10.71
N GLY A 276 -5.04 1.93 10.57
CA GLY A 276 -5.45 2.45 9.29
C GLY A 276 -4.34 2.60 8.27
N PRO A 277 -3.36 3.46 8.55
CA PRO A 277 -2.27 3.64 7.59
C PRO A 277 -1.55 2.35 7.23
N GLY A 278 -1.46 1.40 8.17
CA GLY A 278 -0.81 0.14 7.87
C GLY A 278 -1.63 -0.75 6.96
N LEU A 279 -2.95 -0.84 7.23
CA LEU A 279 -3.83 -1.63 6.37
C LEU A 279 -3.81 -1.15 4.93
N ALA A 280 -3.74 0.17 4.73
CA ALA A 280 -3.70 0.71 3.37
C ALA A 280 -2.39 0.33 2.67
N LEU A 281 -1.31 0.15 3.42
CA LEU A 281 -0.07 -0.30 2.82
C LEU A 281 -0.09 -1.80 2.52
N MET A 282 -0.89 -2.56 3.25
CA MET A 282 -0.99 -4.01 3.05
C MET A 282 -1.94 -4.39 1.93
N SER A 283 -2.53 -3.43 1.24
CA SER A 283 -3.60 -3.75 0.29
C SER A 283 -3.12 -4.68 -0.82
N GLU A 284 -1.95 -4.40 -1.39
CA GLU A 284 -1.49 -5.22 -2.51
C GLU A 284 -1.21 -6.65 -2.06
N MET A 285 -0.60 -6.82 -0.89
CA MET A 285 -0.27 -8.16 -0.41
C MET A 285 -1.50 -8.93 0.02
N LEU A 286 -2.55 -8.24 0.48
CA LEU A 286 -3.79 -8.94 0.82
C LEU A 286 -4.49 -9.46 -0.43
N GLY A 287 -4.30 -8.80 -1.57
CA GLY A 287 -4.81 -9.35 -2.82
C GLY A 287 -4.08 -10.61 -3.22
N MET A 288 -2.74 -10.59 -3.09
CA MET A 288 -1.95 -11.80 -3.29
C MET A 288 -2.42 -12.92 -2.39
N ALA A 289 -2.78 -12.60 -1.15
CA ALA A 289 -3.28 -13.62 -0.24
C ALA A 289 -4.58 -14.23 -0.76
N HIS A 290 -5.45 -13.39 -1.33
CA HIS A 290 -6.71 -13.89 -1.89
C HIS A 290 -6.46 -14.77 -3.11
N MET A 291 -5.60 -14.32 -4.02
CA MET A 291 -5.38 -15.05 -5.26
C MET A 291 -4.73 -16.40 -5.01
N SER A 292 -3.64 -16.44 -4.23
CA SER A 292 -2.94 -17.69 -3.97
C SER A 292 -3.63 -18.56 -2.94
N GLU A 293 -4.70 -18.07 -2.31
CA GLU A 293 -5.44 -18.82 -1.30
C GLU A 293 -4.53 -19.22 -0.13
N THR A 294 -3.80 -18.24 0.40
CA THR A 294 -2.93 -18.45 1.56
C THR A 294 -3.59 -17.86 2.80
N PRO A 295 -3.74 -18.63 3.88
CA PRO A 295 -4.39 -18.09 5.08
C PRO A 295 -3.52 -17.03 5.74
N CYS A 296 -4.18 -15.97 6.21
CA CYS A 296 -3.48 -14.93 6.96
C CYS A 296 -4.50 -14.08 7.70
N LEU A 297 -4.09 -13.58 8.87
CA LEU A 297 -4.95 -12.78 9.72
C LEU A 297 -4.32 -11.40 9.92
N VAL A 298 -5.13 -10.35 9.78
CA VAL A 298 -4.70 -8.98 10.02
C VAL A 298 -5.70 -8.30 10.95
N VAL A 299 -5.24 -7.90 12.12
CA VAL A 299 -6.07 -7.16 13.08
C VAL A 299 -5.77 -5.68 12.93
N ASP A 300 -6.78 -4.91 12.54
CA ASP A 300 -6.68 -3.47 12.36
C ASP A 300 -7.39 -2.78 13.51
N VAL A 301 -6.62 -2.31 14.48
CA VAL A 301 -7.17 -1.49 15.57
C VAL A 301 -7.42 -0.11 14.97
N GLN A 302 -8.68 0.21 14.68
CA GLN A 302 -9.00 1.42 13.92
C GLN A 302 -8.73 2.66 14.75
N ARG A 303 -8.09 3.63 14.13
CA ARG A 303 -7.87 4.94 14.71
C ARG A 303 -8.58 5.98 13.84
N GLY A 304 -8.36 7.26 14.16
CA GLY A 304 -9.02 8.33 13.43
C GLY A 304 -8.32 8.61 12.10
N GLY A 305 -9.13 8.88 11.09
CA GLY A 305 -8.61 9.21 9.78
C GLY A 305 -9.28 10.46 9.23
N PRO A 306 -9.00 10.79 7.96
CA PRO A 306 -8.12 10.03 7.07
C PRO A 306 -6.64 10.37 7.28
N SER A 307 -5.77 9.79 6.45
CA SER A 307 -4.33 9.99 6.55
C SER A 307 -3.84 9.75 7.97
N THR A 308 -2.88 10.55 8.44
CA THR A 308 -2.41 10.40 9.81
C THR A 308 -3.53 10.64 10.81
N GLY A 309 -4.47 11.53 10.48
CA GLY A 309 -5.72 11.64 11.21
C GLY A 309 -5.52 11.97 12.67
N LEU A 310 -6.30 11.29 13.51
CA LEU A 310 -6.28 11.43 14.98
C LEU A 310 -5.81 10.10 15.55
N PRO A 311 -4.50 9.91 15.74
CA PRO A 311 -4.00 8.59 16.13
C PRO A 311 -4.51 8.08 17.48
N THR A 312 -4.99 8.95 18.37
CA THR A 312 -5.37 8.54 19.71
C THR A 312 -6.87 8.56 19.96
N LYS A 313 -7.67 9.00 18.99
CA LYS A 313 -9.10 9.16 19.19
C LYS A 313 -9.86 7.92 18.72
N HIS A 314 -11.20 8.00 18.78
CA HIS A 314 -12.07 6.86 18.53
C HIS A 314 -12.75 7.02 17.17
N GLU A 315 -12.71 5.95 16.36
CA GLU A 315 -13.29 5.97 15.03
C GLU A 315 -13.34 4.54 14.51
N GLN A 316 -14.42 4.22 13.79
CA GLN A 316 -14.57 2.95 13.08
C GLN A 316 -14.83 3.25 11.60
N SER A 317 -13.78 3.65 10.89
CA SER A 317 -13.91 4.16 9.53
C SER A 317 -13.12 3.35 8.50
N ASP A 318 -12.65 2.16 8.84
CA ASP A 318 -11.86 1.35 7.92
C ASP A 318 -12.68 0.22 7.28
N LEU A 319 -14.02 0.35 7.26
CA LEU A 319 -14.85 -0.67 6.64
C LEU A 319 -14.81 -0.58 5.12
N PHE A 320 -14.72 0.64 4.57
CA PHE A 320 -14.55 0.78 3.13
C PHE A 320 -13.23 0.17 2.67
N LEU A 321 -12.17 0.33 3.47
CA LEU A 321 -10.87 -0.22 3.09
C LEU A 321 -10.79 -1.73 3.31
N ALA A 322 -11.45 -2.22 4.36
CA ALA A 322 -11.38 -3.66 4.64
C ALA A 322 -12.02 -4.47 3.51
N ILE A 323 -13.10 -3.94 2.93
CA ILE A 323 -13.89 -4.68 1.95
C ILE A 323 -13.42 -4.40 0.53
N HIS A 324 -13.19 -3.14 0.18
CA HIS A 324 -12.84 -2.76 -1.18
C HIS A 324 -11.38 -2.32 -1.31
N GLY A 325 -10.51 -2.76 -0.41
CA GLY A 325 -9.15 -2.27 -0.40
C GLY A 325 -8.20 -2.88 -1.39
N GLY A 326 -8.63 -3.91 -2.13
CA GLY A 326 -7.76 -4.63 -3.05
C GLY A 326 -8.04 -4.26 -4.49
N HIS A 327 -6.98 -4.26 -5.31
CA HIS A 327 -7.16 -4.04 -6.74
C HIS A 327 -7.75 -5.28 -7.39
N GLY A 328 -8.54 -5.05 -8.44
CA GLY A 328 -9.30 -6.13 -9.03
C GLY A 328 -10.38 -6.60 -8.07
N ASP A 329 -10.92 -7.77 -8.38
CA ASP A 329 -11.93 -8.41 -7.53
C ASP A 329 -11.19 -9.24 -6.49
N SER A 330 -11.01 -8.66 -5.30
CA SER A 330 -10.17 -9.25 -4.25
C SER A 330 -10.88 -9.12 -2.92
N PRO A 331 -11.85 -9.98 -2.65
CA PRO A 331 -12.65 -9.87 -1.42
C PRO A 331 -11.90 -10.42 -0.21
N ARG A 332 -12.35 -9.99 0.96
CA ARG A 332 -11.78 -10.43 2.23
C ARG A 332 -12.89 -10.83 3.19
N ILE A 333 -12.50 -11.57 4.22
CA ILE A 333 -13.40 -11.92 5.32
C ILE A 333 -13.15 -10.92 6.44
N VAL A 334 -14.15 -10.09 6.72
CA VAL A 334 -14.01 -8.95 7.62
C VAL A 334 -14.90 -9.17 8.84
N LEU A 335 -14.29 -9.13 10.02
CA LEU A 335 -14.99 -9.19 11.30
C LEU A 335 -14.71 -7.92 12.08
N SER A 336 -15.51 -7.69 13.13
CA SER A 336 -15.31 -6.53 13.99
C SER A 336 -15.72 -6.88 15.41
N VAL A 337 -14.80 -6.70 16.36
CA VAL A 337 -15.08 -7.05 17.74
C VAL A 337 -15.91 -5.95 18.41
N GLU A 338 -16.48 -6.30 19.56
CA GLU A 338 -17.32 -5.40 20.33
C GLU A 338 -16.76 -5.10 21.71
N ASP A 339 -16.27 -6.12 22.42
CA ASP A 339 -15.77 -5.95 23.78
C ASP A 339 -14.50 -6.76 23.95
N VAL A 340 -13.98 -6.75 25.18
CA VAL A 340 -12.77 -7.51 25.49
C VAL A 340 -13.02 -9.01 25.27
N LYS A 341 -14.26 -9.46 25.47
CA LYS A 341 -14.59 -10.86 25.19
C LYS A 341 -14.30 -11.22 23.73
N ASP A 342 -14.82 -10.41 22.80
CA ASP A 342 -14.61 -10.69 21.39
C ASP A 342 -13.13 -10.59 21.00
N CYS A 343 -12.38 -9.71 21.65
CA CYS A 343 -10.97 -9.56 21.33
C CYS A 343 -10.19 -10.85 21.55
N ILE A 344 -10.71 -11.79 22.34
CA ILE A 344 -10.12 -13.11 22.49
C ILE A 344 -10.79 -14.13 21.57
N SER A 345 -12.11 -14.24 21.65
CA SER A 345 -12.80 -15.27 20.87
C SER A 345 -12.69 -14.99 19.37
N MET A 346 -12.93 -13.75 18.96
CA MET A 346 -12.94 -13.44 17.53
C MET A 346 -11.55 -13.38 16.91
N THR A 347 -10.50 -13.19 17.71
CA THR A 347 -9.15 -13.39 17.18
C THR A 347 -8.89 -14.88 16.95
N VAL A 348 -9.40 -15.74 17.83
CA VAL A 348 -9.39 -17.17 17.56
C VAL A 348 -10.21 -17.47 16.31
N ASP A 349 -11.42 -16.92 16.23
CA ASP A 349 -12.27 -17.14 15.07
C ASP A 349 -11.59 -16.69 13.80
N GLY A 350 -10.85 -15.58 13.88
CA GLY A 350 -10.14 -15.08 12.70
C GLY A 350 -9.10 -16.07 12.19
N LEU A 351 -8.29 -16.60 13.10
CA LEU A 351 -7.31 -17.61 12.70
C LEU A 351 -7.99 -18.86 12.15
N ASN A 352 -9.11 -19.25 12.75
CA ASN A 352 -9.83 -20.44 12.28
C ASN A 352 -10.41 -20.21 10.89
N LEU A 353 -11.17 -19.12 10.72
CA LEU A 353 -11.75 -18.82 9.41
C LEU A 353 -10.67 -18.66 8.34
N ALA A 354 -9.49 -18.16 8.73
CA ALA A 354 -8.37 -18.13 7.79
C ALA A 354 -7.89 -19.54 7.48
N GLU A 355 -7.78 -20.39 8.51
CA GLU A 355 -7.38 -21.77 8.29
C GLU A 355 -8.42 -22.52 7.48
N LYS A 356 -9.70 -22.29 7.77
CA LYS A 356 -10.75 -23.07 7.13
C LYS A 356 -10.91 -22.70 5.65
N TYR A 357 -10.75 -21.41 5.33
CA TYR A 357 -11.09 -20.93 3.99
C TYR A 357 -9.89 -20.45 3.19
N GLN A 358 -8.67 -20.55 3.72
CA GLN A 358 -7.46 -20.19 2.99
C GLN A 358 -7.60 -18.81 2.35
N ALA A 359 -7.86 -17.81 3.19
CA ALA A 359 -8.20 -16.49 2.70
C ALA A 359 -7.70 -15.45 3.68
N PRO A 360 -7.52 -14.20 3.24
CA PRO A 360 -7.15 -13.14 4.17
C PRO A 360 -8.35 -12.72 5.02
N VAL A 361 -8.16 -12.73 6.34
CA VAL A 361 -9.19 -12.35 7.30
C VAL A 361 -8.74 -11.05 7.98
N ILE A 362 -9.66 -10.11 8.10
CA ILE A 362 -9.42 -8.82 8.75
C ILE A 362 -10.34 -8.68 9.95
N VAL A 363 -9.76 -8.39 11.11
CA VAL A 363 -10.49 -8.17 12.35
C VAL A 363 -10.41 -6.69 12.71
N LEU A 364 -11.56 -6.02 12.73
CA LEU A 364 -11.64 -4.59 13.01
C LEU A 364 -11.87 -4.37 14.50
N SER A 365 -10.95 -3.66 15.15
CA SER A 365 -11.10 -3.17 16.52
C SER A 365 -11.21 -1.64 16.47
N ASP A 366 -10.89 -0.98 17.58
CA ASP A 366 -10.83 0.48 17.59
C ASP A 366 -9.94 0.94 18.74
N GLY A 367 -9.68 2.25 18.75
CA GLY A 367 -8.71 2.81 19.68
C GLY A 367 -9.19 2.82 21.12
N SER A 368 -10.48 3.06 21.33
CA SER A 368 -11.04 3.00 22.68
C SER A 368 -10.93 1.59 23.24
N LEU A 369 -11.55 0.62 22.54
CA LEU A 369 -11.52 -0.77 22.96
C LEU A 369 -10.10 -1.29 23.15
N ALA A 370 -9.13 -0.70 22.45
CA ALA A 370 -7.74 -1.12 22.61
C ALA A 370 -7.28 -0.98 24.06
N PHE A 371 -7.58 0.16 24.68
CA PHE A 371 -7.09 0.44 26.02
C PHE A 371 -8.11 0.20 27.12
N SER A 372 -9.40 0.14 26.79
CA SER A 372 -10.42 -0.15 27.80
C SER A 372 -10.19 -1.53 28.40
N THR A 373 -10.22 -1.62 29.73
CA THR A 373 -10.13 -2.88 30.44
C THR A 373 -11.50 -3.30 30.94
N GLN A 374 -11.78 -4.60 30.90
CA GLN A 374 -13.04 -5.16 31.35
C GLN A 374 -12.80 -6.37 32.25
N THR A 375 -13.84 -6.75 32.95
CA THR A 375 -13.89 -8.01 33.68
C THR A 375 -14.56 -9.04 32.77
N ILE A 376 -13.84 -10.10 32.44
CA ILE A 376 -14.36 -11.15 31.57
C ILE A 376 -14.20 -12.50 32.26
N PRO A 377 -15.09 -13.46 32.01
CA PRO A 377 -14.91 -14.78 32.62
C PRO A 377 -13.54 -15.34 32.30
N ARG A 378 -12.91 -15.95 33.29
CA ARG A 378 -11.55 -16.45 33.16
C ARG A 378 -11.49 -17.51 32.07
N PRO A 379 -10.71 -17.30 31.00
CA PRO A 379 -10.72 -18.24 29.88
C PRO A 379 -9.88 -19.48 30.16
N LYS A 380 -10.33 -20.59 29.60
CA LYS A 380 -9.64 -21.85 29.68
C LYS A 380 -9.30 -22.34 28.27
N PRO A 381 -8.07 -22.80 28.03
CA PRO A 381 -7.66 -23.12 26.65
C PRO A 381 -8.56 -24.12 25.95
N GLU A 382 -9.26 -24.97 26.69
CA GLU A 382 -10.15 -25.95 26.07
C GLU A 382 -11.54 -25.39 25.78
N ASP A 383 -11.80 -24.14 26.16
CA ASP A 383 -13.10 -23.53 25.86
C ASP A 383 -13.26 -23.22 24.38
N PHE A 384 -12.17 -23.14 23.63
CA PHE A 384 -12.19 -22.63 22.26
C PHE A 384 -12.03 -23.75 21.25
N THR A 385 -12.85 -23.71 20.21
CA THR A 385 -12.70 -24.62 19.07
C THR A 385 -11.52 -24.17 18.22
N ILE A 386 -10.64 -25.11 17.87
CA ILE A 386 -9.49 -24.84 17.01
C ILE A 386 -9.73 -25.53 15.68
N ILE A 387 -9.62 -24.77 14.59
CA ILE A 387 -9.77 -25.30 13.24
C ILE A 387 -8.41 -25.27 12.57
N ASN A 388 -8.11 -26.30 11.78
CA ASN A 388 -6.85 -26.38 11.05
C ASN A 388 -7.13 -26.48 9.56
N ARG A 389 -6.12 -26.12 8.77
CA ARG A 389 -6.27 -26.13 7.32
C ARG A 389 -6.49 -27.55 6.82
N LYS A 390 -7.27 -27.66 5.75
CA LYS A 390 -7.53 -28.96 5.14
C LYS A 390 -6.24 -29.52 4.56
N THR A 391 -5.78 -30.64 5.09
CA THR A 391 -4.52 -31.26 4.68
C THR A 391 -4.79 -32.38 3.69
N TRP A 392 -3.90 -32.49 2.71
CA TRP A 392 -3.99 -33.53 1.69
C TRP A 392 -3.80 -34.92 2.30
N ASP A 393 -4.60 -35.87 1.85
CA ASP A 393 -4.53 -37.23 2.37
C ASP A 393 -3.42 -38.07 1.74
N GLY A 394 -2.65 -37.50 0.80
CA GLY A 394 -1.60 -38.24 0.12
C GLY A 394 -2.05 -39.10 -1.03
N GLN A 395 -3.36 -39.29 -1.22
CA GLN A 395 -3.86 -40.18 -2.26
C GLN A 395 -3.91 -39.45 -3.60
N GLY A 396 -3.38 -40.08 -4.63
CA GLY A 396 -3.42 -39.53 -5.97
C GLY A 396 -2.26 -38.60 -6.29
N THR A 397 -2.47 -37.78 -7.31
CA THR A 397 -1.52 -36.76 -7.72
C THR A 397 -1.96 -35.40 -7.19
N TYR A 398 -1.03 -34.68 -6.56
CA TYR A 398 -1.39 -33.47 -5.83
C TYR A 398 -1.56 -32.27 -6.74
N LYS A 399 -2.57 -31.46 -6.43
CA LYS A 399 -2.82 -30.21 -7.14
C LYS A 399 -3.15 -29.14 -6.10
N ARG A 400 -2.36 -28.06 -6.08
CA ARG A 400 -2.51 -27.05 -5.04
C ARG A 400 -3.86 -26.33 -5.16
N TYR A 401 -4.32 -26.11 -6.40
CA TYR A 401 -5.59 -25.42 -6.61
C TYR A 401 -6.60 -26.35 -7.25
N GLU A 402 -6.69 -27.58 -6.72
CA GLU A 402 -7.63 -28.56 -7.27
C GLU A 402 -9.07 -28.10 -7.05
N LEU A 403 -9.90 -28.31 -8.07
CA LEU A 403 -11.31 -27.94 -7.99
C LEU A 403 -12.08 -29.00 -7.20
N THR A 404 -12.69 -28.60 -6.10
CA THR A 404 -13.49 -29.49 -5.26
C THR A 404 -14.92 -28.98 -5.21
N GLU A 405 -15.79 -29.74 -4.53
CA GLU A 405 -17.20 -29.39 -4.45
C GLU A 405 -17.44 -28.19 -3.55
N ASP A 406 -16.61 -28.02 -2.51
CA ASP A 406 -16.69 -26.87 -1.64
C ASP A 406 -15.63 -25.83 -1.97
N ASN A 407 -14.96 -25.99 -3.10
CA ASN A 407 -13.97 -25.05 -3.63
C ASN A 407 -12.75 -24.88 -2.74
N ILE A 408 -12.59 -25.71 -1.72
CA ILE A 408 -11.45 -25.62 -0.80
C ILE A 408 -10.45 -26.69 -1.20
N SER A 409 -9.38 -26.29 -1.86
CA SER A 409 -8.34 -27.23 -2.26
C SER A 409 -7.48 -27.60 -1.05
N PRO A 410 -7.22 -28.89 -0.82
CA PRO A 410 -6.42 -29.28 0.34
C PRO A 410 -4.99 -28.74 0.25
N MET A 411 -4.49 -28.25 1.37
CA MET A 411 -3.18 -27.65 1.45
C MET A 411 -2.11 -28.67 1.84
N ALA A 412 -0.86 -28.31 1.61
CA ALA A 412 0.26 -29.18 1.94
C ALA A 412 1.44 -28.32 2.35
N ALA A 413 1.89 -28.48 3.58
CA ALA A 413 3.06 -27.77 4.05
C ALA A 413 4.32 -28.31 3.36
N PRO A 414 5.35 -27.49 3.19
CA PRO A 414 6.62 -28.01 2.68
C PRO A 414 7.13 -29.14 3.55
N GLY A 415 7.81 -30.10 2.91
CA GLY A 415 8.22 -31.31 3.56
C GLY A 415 7.30 -32.50 3.32
N THR A 416 6.05 -32.23 2.96
CA THR A 416 5.14 -33.31 2.61
C THR A 416 5.60 -33.97 1.32
N PRO A 417 5.83 -35.27 1.30
CA PRO A 417 6.33 -35.92 0.09
C PRO A 417 5.28 -35.91 -1.02
N ASN A 418 5.77 -35.79 -2.25
CA ASN A 418 4.94 -35.85 -3.46
C ASN A 418 3.90 -34.73 -3.51
N ALA A 419 4.11 -33.65 -2.76
CA ALA A 419 3.16 -32.54 -2.73
C ALA A 419 3.82 -31.21 -3.12
N LYS A 420 4.93 -31.26 -3.85
CA LYS A 420 5.58 -30.05 -4.32
C LYS A 420 4.65 -29.25 -5.21
N HIS A 421 4.49 -27.96 -4.89
CA HIS A 421 3.56 -27.09 -5.60
C HIS A 421 4.05 -25.65 -5.49
N ILE A 422 3.34 -24.74 -6.15
CA ILE A 422 3.67 -23.32 -6.13
C ILE A 422 2.44 -22.54 -5.69
N ALA A 423 2.67 -21.52 -4.87
CA ALA A 423 1.66 -20.51 -4.58
C ALA A 423 2.02 -19.26 -5.38
N THR A 424 1.04 -18.74 -6.12
CA THR A 424 1.31 -17.71 -7.12
C THR A 424 0.27 -16.60 -7.05
N GLY A 425 0.68 -15.42 -7.51
CA GLY A 425 -0.23 -14.29 -7.57
C GLY A 425 -0.84 -14.09 -8.94
N LEU A 426 -0.20 -14.67 -9.96
CA LEU A 426 -0.78 -14.66 -11.30
C LEU A 426 -2.01 -15.56 -11.34
N GLU A 427 -2.96 -15.21 -12.20
CA GLU A 427 -4.08 -16.11 -12.42
C GLU A 427 -3.58 -17.43 -12.99
N HIS A 428 -4.15 -18.53 -12.51
CA HIS A 428 -3.51 -19.82 -12.68
C HIS A 428 -4.55 -20.91 -12.88
N GLY A 429 -4.07 -22.09 -13.29
CA GLY A 429 -4.87 -23.28 -13.37
C GLY A 429 -4.73 -24.14 -12.13
N GLU A 430 -5.23 -25.38 -12.24
CA GLU A 430 -5.29 -26.28 -11.09
C GLU A 430 -3.89 -26.57 -10.52
N THR A 431 -2.86 -26.52 -11.36
CA THR A 431 -1.51 -26.84 -10.92
C THR A 431 -0.71 -25.60 -10.53
N GLY A 432 -1.31 -24.42 -10.59
CA GLY A 432 -0.61 -23.20 -10.24
C GLY A 432 0.16 -22.57 -11.39
N ALA A 433 0.08 -23.14 -12.59
CA ALA A 433 0.76 -22.56 -13.74
C ALA A 433 -0.03 -21.38 -14.29
N PRO A 434 0.67 -20.36 -14.79
CA PRO A 434 -0.03 -19.18 -15.33
C PRO A 434 -1.01 -19.55 -16.43
N ASN A 435 -2.22 -19.01 -16.32
CA ASN A 435 -3.31 -19.32 -17.24
C ASN A 435 -4.10 -18.04 -17.51
N TYR A 436 -3.97 -17.49 -18.71
CA TYR A 436 -4.62 -16.24 -19.07
C TYR A 436 -5.90 -16.45 -19.87
N SER A 437 -6.40 -17.68 -19.94
CA SER A 437 -7.54 -17.98 -20.80
C SER A 437 -8.83 -17.42 -20.20
N PRO A 438 -9.79 -17.03 -21.04
CA PRO A 438 -11.06 -16.51 -20.51
C PRO A 438 -11.80 -17.48 -19.62
N ALA A 439 -11.99 -18.73 -20.08
CA ALA A 439 -12.80 -19.67 -19.30
C ALA A 439 -12.18 -20.00 -17.97
N ASN A 440 -10.84 -20.00 -17.88
CA ASN A 440 -10.19 -20.32 -16.61
C ASN A 440 -10.32 -19.18 -15.62
N HIS A 441 -10.26 -17.93 -16.10
CA HIS A 441 -10.46 -16.79 -15.21
C HIS A 441 -11.87 -16.79 -14.63
N GLU A 442 -12.87 -17.06 -15.47
CA GLU A 442 -14.24 -17.17 -14.97
C GLU A 442 -14.38 -18.34 -14.01
N LEU A 443 -13.64 -19.42 -14.27
CA LEU A 443 -13.73 -20.61 -13.43
C LEU A 443 -13.08 -20.37 -12.07
N MET A 444 -11.92 -19.71 -12.06
CA MET A 444 -11.21 -19.51 -10.80
C MET A 444 -11.83 -18.40 -9.95
N HIS A 445 -12.39 -17.37 -10.58
CA HIS A 445 -13.13 -16.37 -9.82
C HIS A 445 -14.31 -17.02 -9.08
N ARG A 446 -15.02 -17.92 -9.76
CA ARG A 446 -16.15 -18.59 -9.12
C ARG A 446 -15.68 -19.56 -8.06
N LYS A 447 -14.48 -20.13 -8.21
CA LYS A 447 -13.96 -21.01 -7.16
C LYS A 447 -13.68 -20.21 -5.89
N ARG A 448 -12.88 -19.15 -6.00
CA ARG A 448 -12.44 -18.42 -4.82
C ARG A 448 -13.58 -17.61 -4.19
N PHE A 449 -14.49 -17.07 -5.01
CA PHE A 449 -15.59 -16.31 -4.46
C PHE A 449 -16.60 -17.22 -3.76
N ASN A 450 -17.02 -18.29 -4.42
CA ASN A 450 -17.92 -19.24 -3.78
C ASN A 450 -17.30 -19.84 -2.53
N LYS A 451 -15.98 -20.01 -2.53
CA LYS A 451 -15.31 -20.50 -1.32
C LYS A 451 -15.48 -19.53 -0.16
N GLN A 452 -15.14 -18.25 -0.39
CA GLN A 452 -15.19 -17.27 0.70
C GLN A 452 -16.62 -16.94 1.08
N ASN A 453 -17.53 -16.86 0.10
CA ASN A 453 -18.92 -16.59 0.41
C ASN A 453 -19.55 -17.70 1.25
N SER A 454 -19.01 -18.92 1.19
CA SER A 454 -19.54 -20.04 1.96
C SER A 454 -19.27 -19.94 3.45
N VAL A 455 -18.66 -18.86 3.92
CA VAL A 455 -18.51 -18.64 5.36
C VAL A 455 -19.89 -18.44 5.99
N LEU A 456 -20.83 -17.87 5.23
CA LEU A 456 -22.20 -17.66 5.72
C LEU A 456 -22.87 -18.96 6.14
N ASP A 457 -22.41 -20.10 5.62
CA ASP A 457 -22.95 -21.40 6.01
C ASP A 457 -22.25 -21.99 7.22
N PHE A 458 -21.29 -21.29 7.80
CA PHE A 458 -20.55 -21.83 8.93
C PHE A 458 -20.37 -20.84 10.07
N TYR A 459 -20.16 -19.56 9.76
CA TYR A 459 -19.95 -18.53 10.78
C TYR A 459 -21.17 -17.61 10.80
N LYS A 460 -21.87 -17.58 11.92
CA LYS A 460 -23.05 -16.74 12.10
C LYS A 460 -22.89 -15.97 13.39
N ASN A 461 -22.71 -14.66 13.29
CA ASN A 461 -22.54 -13.81 14.48
C ASN A 461 -23.26 -12.49 14.16
N MET A 462 -24.58 -12.50 14.36
CA MET A 462 -25.39 -11.31 14.14
C MET A 462 -26.58 -11.44 15.10
N GLU A 463 -26.29 -11.24 16.39
CA GLU A 463 -27.28 -11.39 17.45
C GLU A 463 -28.44 -10.41 17.26
N VAL A 464 -29.62 -10.83 17.71
CA VAL A 464 -30.82 -9.98 17.70
C VAL A 464 -31.44 -10.02 19.09
N GLU A 465 -31.74 -8.83 19.63
CA GLU A 465 -32.41 -8.72 20.91
C GLU A 465 -33.46 -7.62 20.84
N GLY A 466 -34.44 -7.70 21.74
CA GLY A 466 -35.51 -6.73 21.80
C GLY A 466 -36.87 -7.40 21.66
N VAL A 467 -37.83 -6.65 21.09
CA VAL A 467 -39.15 -7.20 20.90
C VAL A 467 -39.12 -8.25 19.78
N GLU A 468 -40.01 -9.23 19.89
CA GLU A 468 -40.04 -10.31 18.91
C GLU A 468 -40.95 -10.01 17.72
N GLY A 469 -42.04 -9.28 17.94
CA GLY A 469 -42.96 -8.97 16.87
C GLY A 469 -42.50 -7.77 16.06
N GLU A 470 -43.48 -7.14 15.40
CA GLU A 470 -43.20 -5.93 14.64
C GLU A 470 -42.69 -4.82 15.56
N ALA A 471 -41.77 -4.01 15.04
CA ALA A 471 -41.12 -2.96 15.82
C ALA A 471 -41.26 -1.62 15.11
N ASP A 472 -41.34 -0.54 15.91
CA ASP A 472 -41.42 0.80 15.34
C ASP A 472 -40.07 1.22 14.75
N VAL A 473 -38.97 0.83 15.38
CA VAL A 473 -37.63 1.23 14.96
C VAL A 473 -36.68 0.07 15.22
N GLY A 474 -35.88 -0.28 14.21
CA GLY A 474 -34.82 -1.25 14.35
C GLY A 474 -33.47 -0.56 14.36
N ILE A 475 -32.54 -1.11 15.15
CA ILE A 475 -31.21 -0.52 15.33
C ILE A 475 -30.17 -1.54 14.89
N ILE A 476 -29.31 -1.14 13.95
CA ILE A 476 -28.22 -1.97 13.45
C ILE A 476 -26.92 -1.20 13.63
N THR A 477 -25.96 -1.81 14.32
CA THR A 477 -24.67 -1.18 14.52
C THR A 477 -23.60 -2.26 14.69
N TRP A 478 -22.34 -1.85 14.52
CA TRP A 478 -21.23 -2.78 14.55
C TRP A 478 -20.10 -2.23 15.42
N GLY A 479 -19.15 -3.11 15.72
CA GLY A 479 -17.99 -2.70 16.49
C GLY A 479 -18.30 -2.56 17.98
N SER A 480 -17.56 -1.67 18.63
CA SER A 480 -17.83 -1.36 20.03
C SER A 480 -19.07 -0.50 20.21
N THR A 481 -19.58 0.10 19.13
CA THR A 481 -20.87 0.77 19.21
C THR A 481 -21.98 -0.19 19.62
N ILE A 482 -21.78 -1.48 19.38
CA ILE A 482 -22.77 -2.50 19.75
C ILE A 482 -23.04 -2.43 21.25
N GLY A 483 -21.99 -2.47 22.07
CA GLY A 483 -22.16 -2.40 23.50
C GLY A 483 -22.87 -1.15 23.96
N VAL A 484 -22.66 -0.03 23.24
CA VAL A 484 -23.38 1.19 23.57
C VAL A 484 -24.88 1.03 23.31
N VAL A 485 -25.22 0.30 22.24
CA VAL A 485 -26.63 0.10 21.91
C VAL A 485 -27.29 -0.92 22.83
N ARG A 486 -26.52 -1.84 23.41
CA ARG A 486 -27.09 -2.77 24.39
C ARG A 486 -27.71 -2.02 25.55
N GLU A 487 -26.93 -1.12 26.18
CA GLU A 487 -27.45 -0.33 27.29
C GLU A 487 -28.58 0.59 26.84
N ALA A 488 -28.51 1.10 25.60
CA ALA A 488 -29.62 1.88 25.08
C ALA A 488 -30.86 1.02 24.93
N MET A 489 -30.71 -0.26 24.57
CA MET A 489 -31.87 -1.14 24.45
C MET A 489 -32.42 -1.53 25.81
N GLN A 490 -31.57 -1.62 26.83
CA GLN A 490 -32.06 -1.86 28.18
C GLN A 490 -33.04 -0.78 28.61
N ARG A 491 -32.75 0.47 28.26
CA ARG A 491 -33.60 1.58 28.66
C ARG A 491 -34.82 1.71 27.75
N LEU A 492 -34.67 1.45 26.46
CA LEU A 492 -35.80 1.60 25.54
C LEU A 492 -36.85 0.53 25.79
N THR A 493 -36.44 -0.71 26.06
CA THR A 493 -37.40 -1.78 26.32
C THR A 493 -38.06 -1.61 27.68
N ALA A 494 -37.33 -1.06 28.66
CA ALA A 494 -37.89 -0.84 29.98
C ALA A 494 -39.04 0.18 29.96
N GLU A 495 -39.09 1.05 28.96
CA GLU A 495 -40.20 1.96 28.79
C GLU A 495 -41.31 1.39 27.91
N GLY A 496 -41.15 0.16 27.43
CA GLY A 496 -42.17 -0.48 26.64
C GLY A 496 -42.27 -0.01 25.21
N LEU A 497 -41.16 0.42 24.62
CA LEU A 497 -41.16 0.86 23.23
C LEU A 497 -40.93 -0.32 22.30
N LYS A 498 -41.59 -0.29 21.16
CA LYS A 498 -41.51 -1.38 20.18
C LYS A 498 -40.28 -1.15 19.31
N VAL A 499 -39.12 -1.53 19.86
CA VAL A 499 -37.84 -1.39 19.16
C VAL A 499 -37.08 -2.70 19.26
N LYS A 500 -36.28 -2.98 18.24
CA LYS A 500 -35.41 -4.14 18.23
C LYS A 500 -34.04 -3.73 17.69
N ALA A 501 -33.04 -4.55 17.98
CA ALA A 501 -31.66 -4.26 17.63
C ALA A 501 -31.01 -5.49 17.02
N MET A 502 -30.03 -5.25 16.15
CA MET A 502 -29.25 -6.31 15.53
C MET A 502 -27.78 -5.89 15.54
N TYR A 503 -26.90 -6.82 15.92
CA TYR A 503 -25.49 -6.53 16.17
C TYR A 503 -24.62 -7.39 15.25
N PRO A 504 -24.45 -6.99 13.99
CA PRO A 504 -23.59 -7.75 13.09
C PRO A 504 -22.12 -7.69 13.51
N LYS A 505 -21.49 -8.86 13.60
CA LYS A 505 -20.05 -8.95 13.81
C LYS A 505 -19.33 -9.61 12.64
N LEU A 506 -20.05 -10.22 11.71
CA LEU A 506 -19.51 -10.59 10.41
C LEU A 506 -19.93 -9.50 9.43
N LEU A 507 -18.95 -8.74 8.94
CA LEU A 507 -19.24 -7.61 8.07
C LEU A 507 -19.14 -7.96 6.60
N TRP A 508 -18.18 -8.81 6.21
CA TRP A 508 -18.12 -9.23 4.82
C TRP A 508 -17.62 -10.66 4.73
N PRO A 509 -18.31 -11.55 4.00
CA PRO A 509 -19.56 -11.25 3.27
C PRO A 509 -20.74 -11.08 4.23
N MET A 510 -21.77 -10.36 3.79
CA MET A 510 -22.86 -10.11 4.74
C MET A 510 -24.08 -10.94 4.39
N PRO A 511 -24.74 -11.53 5.40
CA PRO A 511 -25.94 -12.34 5.12
C PRO A 511 -27.12 -11.49 4.69
N VAL A 512 -27.21 -11.19 3.40
CA VAL A 512 -28.25 -10.31 2.86
C VAL A 512 -29.63 -10.80 3.28
N ALA A 513 -29.84 -12.11 3.24
CA ALA A 513 -31.16 -12.66 3.56
C ALA A 513 -31.50 -12.42 5.03
N ASP A 514 -30.52 -12.54 5.93
CA ASP A 514 -30.76 -12.27 7.34
C ASP A 514 -31.03 -10.80 7.60
N TYR A 515 -30.39 -9.90 6.85
CA TYR A 515 -30.70 -8.47 6.97
C TYR A 515 -32.14 -8.19 6.58
N ASP A 516 -32.60 -8.79 5.47
CA ASP A 516 -33.98 -8.56 5.06
C ASP A 516 -34.98 -9.13 6.06
N ALA A 517 -34.63 -10.24 6.73
CA ALA A 517 -35.50 -10.79 7.77
C ALA A 517 -35.65 -9.82 8.93
N PHE A 518 -34.59 -9.09 9.27
CA PHE A 518 -34.66 -8.11 10.35
C PHE A 518 -35.48 -6.90 9.92
N GLY A 519 -35.08 -6.26 8.82
CA GLY A 519 -35.75 -5.06 8.35
C GLY A 519 -37.17 -5.27 7.90
N ALA A 520 -37.63 -6.53 7.79
CA ALA A 520 -39.02 -6.78 7.46
C ALA A 520 -39.94 -6.46 8.63
N THR A 521 -39.45 -6.65 9.86
CA THR A 521 -40.21 -6.40 11.07
C THR A 521 -39.93 -5.03 11.66
N CYS A 522 -39.45 -4.09 10.84
CA CYS A 522 -39.04 -2.76 11.32
C CYS A 522 -39.62 -1.70 10.40
N LYS A 523 -40.39 -0.77 10.97
CA LYS A 523 -40.88 0.38 10.20
C LYS A 523 -39.73 1.25 9.72
N LYS A 524 -38.80 1.55 10.60
CA LYS A 524 -37.63 2.36 10.29
C LYS A 524 -36.39 1.67 10.85
N VAL A 525 -35.25 1.89 10.19
CA VAL A 525 -33.99 1.26 10.58
C VAL A 525 -32.94 2.36 10.78
N ILE A 526 -32.34 2.40 11.95
CA ILE A 526 -31.33 3.39 12.31
C ILE A 526 -29.98 2.70 12.45
N VAL A 527 -28.96 3.23 11.80
CA VAL A 527 -27.63 2.65 11.76
C VAL A 527 -26.66 3.63 12.39
N PRO A 528 -26.34 3.49 13.69
CA PRO A 528 -25.34 4.35 14.31
C PRO A 528 -23.92 3.81 14.15
N GLU A 529 -23.01 4.64 13.64
CA GLU A 529 -21.62 4.27 13.47
C GLU A 529 -20.75 5.52 13.50
N VAL A 530 -19.52 5.36 14.00
CA VAL A 530 -18.61 6.51 14.18
C VAL A 530 -17.73 6.57 12.94
N ASN A 531 -18.31 7.08 11.85
CA ASN A 531 -17.57 7.41 10.64
C ASN A 531 -18.38 8.41 9.84
N PHE A 532 -17.70 9.16 8.97
CA PHE A 532 -18.36 10.30 8.34
C PHE A 532 -19.36 9.87 7.26
N GLN A 533 -19.03 8.86 6.47
CA GLN A 533 -19.82 8.56 5.29
C GLN A 533 -20.97 7.60 5.56
N GLY A 534 -21.07 7.05 6.77
CA GLY A 534 -22.07 6.02 7.05
C GLY A 534 -21.75 4.75 6.29
N GLN A 535 -20.64 4.11 6.65
CA GLN A 535 -20.06 3.08 5.79
C GLN A 535 -20.88 1.79 5.82
N LEU A 536 -21.33 1.36 6.99
CA LEU A 536 -22.19 0.18 7.05
C LEU A 536 -23.53 0.45 6.37
N SER A 537 -24.06 1.67 6.50
CA SER A 537 -25.29 2.03 5.81
C SER A 537 -25.12 1.93 4.30
N HIS A 538 -23.91 2.19 3.81
CA HIS A 538 -23.62 2.08 2.39
C HIS A 538 -23.79 0.64 1.90
N PHE A 539 -23.17 -0.32 2.60
CA PHE A 539 -23.29 -1.71 2.20
C PHE A 539 -24.69 -2.26 2.43
N ILE A 540 -25.52 -1.59 3.23
CA ILE A 540 -26.91 -2.00 3.41
C ILE A 540 -27.76 -1.56 2.22
N ARG A 541 -27.53 -0.35 1.70
CA ARG A 541 -28.29 0.08 0.54
C ARG A 541 -27.88 -0.68 -0.72
N ALA A 542 -26.63 -1.13 -0.78
CA ALA A 542 -26.12 -1.79 -1.99
C ALA A 542 -26.52 -3.25 -2.05
N GLU A 543 -26.47 -3.96 -0.92
CA GLU A 543 -26.62 -5.40 -0.92
C GLU A 543 -27.96 -5.91 -0.41
N THR A 544 -28.64 -5.16 0.47
CA THR A 544 -29.93 -5.59 1.00
C THR A 544 -31.03 -4.66 0.49
N SER A 545 -32.26 -4.96 0.90
CA SER A 545 -33.42 -4.16 0.55
C SER A 545 -33.80 -3.15 1.61
N ILE A 546 -33.08 -3.12 2.75
CA ILE A 546 -33.34 -2.11 3.78
C ILE A 546 -32.88 -0.75 3.28
N LYS A 547 -33.73 0.26 3.46
CA LYS A 547 -33.32 1.63 3.23
C LYS A 547 -33.06 2.26 4.59
N PRO A 548 -31.82 2.34 5.06
CA PRO A 548 -31.56 2.70 6.45
C PRO A 548 -31.52 4.21 6.66
N ILE A 549 -31.53 4.59 7.94
CA ILE A 549 -31.38 5.97 8.36
C ILE A 549 -30.03 6.11 9.05
N PRO A 550 -29.02 6.68 8.40
CA PRO A 550 -27.68 6.72 9.00
C PRO A 550 -27.60 7.76 10.12
N TYR A 551 -27.13 7.31 11.29
CA TYR A 551 -26.83 8.18 12.41
C TYR A 551 -25.30 8.18 12.55
N THR A 552 -24.66 9.13 11.90
CA THR A 552 -23.21 9.16 11.74
C THR A 552 -22.61 10.30 12.55
N ILE A 553 -21.61 9.98 13.38
CA ILE A 553 -20.81 10.96 14.08
C ILE A 553 -19.34 10.70 13.76
N CYS A 554 -18.56 11.78 13.70
CA CYS A 554 -17.14 11.65 13.35
C CYS A 554 -16.34 12.74 14.05
N GLY A 555 -16.29 12.68 15.38
CA GLY A 555 -15.57 13.66 16.16
C GLY A 555 -14.47 13.09 17.04
N GLY A 556 -14.07 11.85 16.76
CA GLY A 556 -13.08 11.19 17.59
C GLY A 556 -13.59 10.68 18.92
N LEU A 557 -14.89 10.77 19.17
CA LEU A 557 -15.49 10.27 20.40
C LEU A 557 -16.54 9.21 20.09
N PRO A 558 -16.68 8.20 20.94
CA PRO A 558 -17.72 7.18 20.72
C PRO A 558 -19.11 7.69 21.05
N PHE A 559 -20.12 6.85 20.80
CA PHE A 559 -21.49 7.16 21.18
C PHE A 559 -21.69 6.98 22.70
N THR A 560 -22.75 7.59 23.21
CA THR A 560 -23.25 7.31 24.54
C THR A 560 -24.69 6.81 24.44
N PRO A 561 -25.12 5.95 25.37
CA PRO A 561 -26.49 5.40 25.28
C PRO A 561 -27.59 6.45 25.17
N GLU A 562 -27.46 7.60 25.83
CA GLU A 562 -28.50 8.61 25.75
C GLU A 562 -28.57 9.22 24.36
N MET A 563 -27.45 9.25 23.63
CA MET A 563 -27.49 9.72 22.26
C MET A 563 -28.33 8.79 21.40
N ILE A 564 -28.17 7.47 21.59
CA ILE A 564 -28.93 6.50 20.81
C ILE A 564 -30.41 6.57 21.18
N VAL A 565 -30.71 6.59 22.49
CA VAL A 565 -32.09 6.64 22.95
C VAL A 565 -32.79 7.89 22.41
N ASN A 566 -32.12 9.04 22.48
CA ASN A 566 -32.72 10.28 22.00
C ASN A 566 -32.96 10.23 20.49
N ARG A 567 -32.03 9.63 19.74
CA ARG A 567 -32.21 9.55 18.30
C ARG A 567 -33.37 8.66 17.92
N VAL A 568 -33.59 7.58 18.67
CA VAL A 568 -34.67 6.64 18.34
C VAL A 568 -36.03 7.29 18.56
N LYS A 569 -36.19 7.97 19.71
CA LYS A 569 -37.50 8.54 20.06
C LYS A 569 -37.95 9.61 19.06
N GLU A 570 -37.01 10.25 18.37
CA GLU A 570 -37.40 11.20 17.34
C GLU A 570 -38.04 10.48 16.15
N GLU A 571 -37.51 9.31 15.79
CA GLU A 571 -38.03 8.56 14.65
C GLU A 571 -39.28 7.76 14.97
N ILE A 572 -39.52 7.45 16.25
CA ILE A 572 -40.75 6.77 16.63
C ILE A 572 -41.95 7.63 16.23
N GLN A 573 -42.03 8.84 16.78
CA GLN A 573 -43.09 9.81 16.43
C GLN A 573 -44.49 9.23 16.62
N THR B 2 20.73 26.16 -8.80
CA THR B 2 21.31 27.08 -7.83
C THR B 2 20.28 27.50 -6.78
N VAL B 3 20.56 27.18 -5.52
CA VAL B 3 19.67 27.55 -4.43
C VAL B 3 19.71 29.06 -4.24
N GLU B 4 18.53 29.68 -4.16
CA GLU B 4 18.41 31.13 -4.09
C GLU B 4 17.96 31.63 -2.72
N ALA B 5 18.06 30.80 -1.68
CA ALA B 5 17.61 31.17 -0.36
C ALA B 5 18.75 31.65 0.55
N PHE B 6 20.00 31.48 0.13
CA PHE B 6 21.14 31.80 0.98
C PHE B 6 21.55 33.25 0.82
N HIS B 7 21.93 33.86 1.95
CA HIS B 7 22.47 35.22 1.98
C HIS B 7 21.53 36.23 1.33
N LYS B 8 20.27 36.20 1.77
CA LYS B 8 19.26 37.15 1.33
C LYS B 8 18.80 38.07 2.44
N MET B 9 19.13 37.76 3.70
CA MET B 9 18.72 38.53 4.86
C MET B 9 19.96 38.93 5.67
N GLU B 10 19.95 40.14 6.21
CA GLU B 10 21.08 40.67 6.95
C GLU B 10 20.75 40.79 8.43
N ASN B 11 21.77 40.56 9.27
CA ASN B 11 21.68 40.68 10.72
C ASN B 11 20.54 39.81 11.29
N MET B 12 20.64 38.51 11.02
CA MET B 12 19.67 37.54 11.49
C MET B 12 20.22 36.81 12.71
N LYS B 13 19.35 36.54 13.67
CA LYS B 13 19.68 35.80 14.88
C LYS B 13 19.00 34.43 14.85
N PRO B 14 19.50 33.46 15.61
CA PRO B 14 18.83 32.15 15.63
C PRO B 14 17.35 32.22 15.98
N LYS B 15 16.97 33.07 16.94
CA LYS B 15 15.56 33.13 17.33
C LYS B 15 14.67 33.72 16.25
N ASP B 16 15.23 34.29 15.19
CA ASP B 16 14.43 34.85 14.11
C ASP B 16 13.73 33.77 13.28
N TYR B 17 14.15 32.51 13.39
CA TYR B 17 13.55 31.42 12.62
C TYR B 17 12.66 30.54 13.49
N LYS B 18 12.39 30.91 14.73
CA LYS B 18 11.42 30.22 15.56
C LYS B 18 10.00 30.60 15.12
N SER B 19 9.10 29.63 15.13
CA SER B 19 7.72 29.83 14.76
C SER B 19 6.86 30.02 16.00
N GLU B 20 5.56 30.24 15.78
CA GLU B 20 4.62 30.48 16.87
C GLU B 20 4.24 29.21 17.63
N VAL B 21 4.65 28.04 17.16
CA VAL B 21 4.25 26.77 17.77
C VAL B 21 5.26 26.44 18.88
N PRO B 22 4.82 26.26 20.13
CA PRO B 22 5.76 25.87 21.18
C PRO B 22 6.17 24.42 21.02
N THR B 23 7.36 24.10 21.53
CA THR B 23 7.86 22.75 21.42
C THR B 23 7.03 21.80 22.28
N THR B 24 6.96 20.55 21.84
CA THR B 24 6.20 19.52 22.53
C THR B 24 7.08 18.41 23.09
N TRP B 25 8.39 18.49 22.90
CA TRP B 25 9.28 17.40 23.28
C TRP B 25 9.46 17.33 24.79
N CYS B 26 9.84 16.14 25.27
CA CYS B 26 10.11 15.93 26.68
C CYS B 26 11.34 16.73 27.10
N PRO B 27 11.38 17.19 28.35
CA PRO B 27 12.57 17.91 28.83
C PRO B 27 13.79 17.01 28.81
N GLY B 28 14.87 17.51 28.23
CA GLY B 28 16.08 16.74 28.09
C GLY B 28 16.24 16.01 26.78
N CYS B 29 15.21 16.01 25.93
CA CYS B 29 15.27 15.30 24.66
C CYS B 29 16.35 15.91 23.77
N GLY B 30 17.17 15.04 23.16
CA GLY B 30 18.26 15.51 22.33
C GLY B 30 17.84 16.22 21.06
N HIS B 31 16.56 16.12 20.68
CA HIS B 31 16.10 16.81 19.48
C HIS B 31 16.18 18.33 19.65
N PHE B 32 16.10 18.82 20.89
CA PHE B 32 16.25 20.24 21.14
C PHE B 32 17.60 20.77 20.67
N GLY B 33 18.67 20.01 20.92
CA GLY B 33 19.98 20.44 20.45
C GLY B 33 20.06 20.53 18.94
N ILE B 34 19.43 19.59 18.24
CA ILE B 34 19.42 19.61 16.78
C ILE B 34 18.60 20.78 16.26
N LEU B 35 17.43 21.03 16.87
CA LEU B 35 16.61 22.17 16.46
C LEU B 35 17.36 23.49 16.62
N ASN B 36 18.03 23.68 17.75
CA ASN B 36 18.79 24.91 17.95
C ASN B 36 19.96 24.99 16.98
N GLY B 37 20.51 23.85 16.57
CA GLY B 37 21.52 23.85 15.53
C GLY B 37 20.97 24.17 14.15
N VAL B 38 19.70 23.81 13.91
CA VAL B 38 19.07 24.19 12.65
C VAL B 38 18.87 25.70 12.59
N TYR B 39 18.47 26.30 13.72
CA TYR B 39 18.29 27.75 13.78
C TYR B 39 19.60 28.48 13.48
N ARG B 40 20.67 28.13 14.22
CA ARG B 40 21.95 28.82 14.03
C ARG B 40 22.46 28.68 12.61
N ALA B 41 22.24 27.51 11.99
CA ALA B 41 22.69 27.32 10.61
C ALA B 41 21.93 28.23 9.66
N MET B 42 20.62 28.36 9.84
CA MET B 42 19.84 29.26 9.01
C MET B 42 20.28 30.71 9.22
N ALA B 43 20.62 31.07 10.46
CA ALA B 43 21.01 32.45 10.77
C ALA B 43 22.38 32.78 10.21
N GLU B 44 23.35 31.87 10.37
CA GLU B 44 24.70 32.12 9.86
C GLU B 44 24.72 32.21 8.33
N LEU B 45 23.68 31.71 7.67
CA LEU B 45 23.57 31.77 6.21
C LEU B 45 22.65 32.88 5.74
N GLY B 46 22.04 33.63 6.65
CA GLY B 46 21.12 34.68 6.26
C GLY B 46 19.99 34.18 5.37
N ILE B 47 19.42 33.02 5.72
CA ILE B 47 18.45 32.39 4.83
C ILE B 47 17.15 33.16 4.84
N ASP B 48 16.67 33.49 3.65
CA ASP B 48 15.29 33.94 3.48
C ASP B 48 14.40 32.71 3.57
N SER B 49 13.85 32.45 4.75
CA SER B 49 13.11 31.21 4.95
C SER B 49 11.87 31.11 4.07
N THR B 50 11.54 32.17 3.33
CA THR B 50 10.48 32.06 2.33
C THR B 50 10.86 31.14 1.20
N LYS B 51 12.15 30.94 0.95
CA LYS B 51 12.65 30.03 -0.07
C LYS B 51 13.27 28.80 0.58
N PHE B 52 12.65 28.36 1.68
CA PHE B 52 13.15 27.25 2.49
C PHE B 52 12.01 26.27 2.72
N ALA B 53 12.24 24.99 2.39
CA ALA B 53 11.23 23.95 2.51
C ALA B 53 11.75 22.86 3.44
N ALA B 54 11.02 22.61 4.52
CA ALA B 54 11.38 21.59 5.51
C ALA B 54 10.32 20.50 5.49
N ILE B 55 10.69 19.31 5.06
CA ILE B 55 9.74 18.20 4.85
C ILE B 55 10.14 17.05 5.75
N SER B 56 9.18 16.53 6.50
CA SER B 56 9.45 15.48 7.49
C SER B 56 8.44 14.36 7.37
N GLY B 57 8.81 13.21 7.95
CA GLY B 57 7.94 12.05 7.97
C GLY B 57 7.10 11.98 9.23
N ILE B 58 7.23 10.87 9.97
CA ILE B 58 6.43 10.63 11.16
C ILE B 58 7.36 10.21 12.29
N GLY B 59 7.15 10.78 13.48
CA GLY B 59 7.97 10.49 14.64
C GLY B 59 8.25 11.74 15.45
N CYS B 60 8.77 11.56 16.67
CA CYS B 60 9.17 12.72 17.49
C CYS B 60 10.11 13.62 16.71
N SER B 61 11.11 13.01 16.07
CA SER B 61 12.05 13.77 15.25
C SER B 61 11.34 14.54 14.14
N SER B 62 10.27 13.97 13.59
CA SER B 62 9.59 14.59 12.45
C SER B 62 8.71 15.77 12.84
N ARG B 63 8.56 16.07 14.13
CA ARG B 63 7.79 17.24 14.50
C ARG B 63 8.59 18.53 14.41
N MET B 64 9.85 18.45 14.01
CA MET B 64 10.69 19.64 13.99
C MET B 64 10.21 20.73 13.05
N PRO B 65 9.76 20.45 11.81
CA PRO B 65 9.31 21.54 10.93
C PRO B 65 8.27 22.46 11.55
N TYR B 66 7.37 21.94 12.40
CA TYR B 66 6.40 22.80 13.05
C TYR B 66 7.06 23.95 13.80
N PHE B 67 8.25 23.71 14.36
CA PHE B 67 8.96 24.70 15.16
C PHE B 67 9.86 25.61 14.33
N VAL B 68 9.84 25.44 13.00
CA VAL B 68 10.68 26.21 12.09
C VAL B 68 9.79 27.18 11.33
N ASP B 69 10.27 28.42 11.17
CA ASP B 69 9.53 29.45 10.43
C ASP B 69 9.95 29.35 8.97
N SER B 70 9.21 28.56 8.20
CA SER B 70 9.51 28.36 6.78
C SER B 70 8.33 27.65 6.14
N TYR B 71 8.43 27.44 4.84
CA TYR B 71 7.54 26.49 4.17
C TYR B 71 7.88 25.08 4.65
N LYS B 72 6.85 24.27 4.83
CA LYS B 72 7.07 22.99 5.50
C LYS B 72 6.00 22.00 5.08
N MET B 73 6.32 20.72 5.24
CA MET B 73 5.40 19.64 4.92
C MET B 73 5.56 18.51 5.92
N HIS B 74 4.44 17.99 6.40
CA HIS B 74 4.40 16.85 7.32
C HIS B 74 3.69 15.71 6.59
N THR B 75 4.46 14.78 6.02
CA THR B 75 3.90 13.72 5.20
C THR B 75 3.77 12.41 5.96
N LEU B 76 3.87 11.29 5.25
CA LEU B 76 3.66 9.98 5.84
C LEU B 76 4.97 9.39 6.35
N HIS B 77 4.84 8.24 7.03
CA HIS B 77 5.98 7.62 7.69
C HIS B 77 6.98 7.08 6.67
N GLY B 78 8.19 7.62 6.68
CA GLY B 78 9.27 7.12 5.85
C GLY B 78 9.30 7.62 4.43
N ARG B 79 8.40 8.53 4.05
CA ARG B 79 8.30 9.00 2.66
C ARG B 79 8.78 10.44 2.49
N ALA B 80 9.33 11.06 3.54
CA ALA B 80 9.74 12.46 3.45
C ALA B 80 10.76 12.68 2.35
N GLY B 81 11.85 11.88 2.35
CA GLY B 81 12.85 12.01 1.32
C GLY B 81 12.32 11.79 -0.09
N ALA B 82 11.28 10.96 -0.23
CA ALA B 82 10.66 10.80 -1.54
C ALA B 82 9.87 12.05 -1.92
N VAL B 83 9.01 12.51 -1.01
CA VAL B 83 8.23 13.72 -1.25
C VAL B 83 9.15 14.92 -1.47
N ALA B 84 10.22 15.01 -0.69
CA ALA B 84 11.13 16.14 -0.84
C ALA B 84 11.79 16.12 -2.21
N THR B 85 12.01 14.94 -2.79
CA THR B 85 12.62 14.86 -4.11
C THR B 85 11.72 15.50 -5.16
N GLY B 86 10.41 15.25 -5.09
CA GLY B 86 9.50 15.93 -6.00
C GLY B 86 9.51 17.43 -5.82
N THR B 87 9.69 17.90 -4.58
CA THR B 87 9.81 19.33 -4.33
C THR B 87 11.10 19.88 -4.91
N GLN B 88 12.22 19.21 -4.65
CA GLN B 88 13.52 19.73 -5.07
C GLN B 88 13.65 19.75 -6.58
N VAL B 89 13.15 18.72 -7.27
CA VAL B 89 13.24 18.70 -8.72
C VAL B 89 12.37 19.80 -9.31
N ALA B 90 11.13 19.93 -8.82
CA ALA B 90 10.22 20.92 -9.37
C ALA B 90 10.74 22.34 -9.17
N ARG B 91 11.34 22.61 -8.01
CA ARG B 91 11.84 23.94 -7.68
C ARG B 91 13.28 23.83 -7.22
N PRO B 92 14.23 23.73 -8.16
CA PRO B 92 15.64 23.67 -7.76
C PRO B 92 16.15 24.91 -7.05
N ASP B 93 15.38 26.01 -7.06
CA ASP B 93 15.81 27.22 -6.37
C ASP B 93 15.64 27.13 -4.86
N LEU B 94 14.70 26.31 -4.40
CA LEU B 94 14.44 26.23 -2.97
C LEU B 94 15.57 25.48 -2.25
N CYS B 95 15.76 25.83 -0.99
CA CYS B 95 16.62 25.09 -0.09
C CYS B 95 15.75 24.03 0.59
N VAL B 96 15.99 22.77 0.27
CA VAL B 96 15.15 21.68 0.76
C VAL B 96 15.90 20.93 1.85
N VAL B 97 15.23 20.72 2.99
CA VAL B 97 15.80 20.02 4.13
C VAL B 97 14.80 18.96 4.62
N VAL B 98 15.31 17.78 4.94
CA VAL B 98 14.50 16.67 5.43
C VAL B 98 14.90 16.39 6.87
N ALA B 99 13.91 16.21 7.74
CA ALA B 99 14.14 15.93 9.16
C ALA B 99 13.35 14.68 9.56
N GLY B 100 14.01 13.77 10.28
CA GLY B 100 13.34 12.54 10.68
C GLY B 100 14.26 11.68 11.50
N GLY B 101 13.67 10.63 12.07
CA GLY B 101 14.37 9.75 13.00
C GLY B 101 15.02 8.55 12.31
N ASP B 102 15.61 7.69 13.15
CA ASP B 102 16.29 6.50 12.64
C ASP B 102 15.31 5.45 12.17
N GLY B 103 14.19 5.28 12.88
CA GLY B 103 13.17 4.35 12.42
C GLY B 103 12.47 4.85 11.18
N ASP B 104 12.18 6.15 11.12
CA ASP B 104 11.58 6.72 9.92
C ASP B 104 12.49 6.54 8.71
N GLY B 105 13.80 6.65 8.91
CA GLY B 105 14.74 6.70 7.80
C GLY B 105 15.26 5.37 7.31
N PHE B 106 15.65 4.48 8.22
CA PHE B 106 16.28 3.22 7.87
C PHE B 106 15.38 2.02 8.12
N SER B 107 14.11 2.24 8.42
CA SER B 107 13.18 1.13 8.53
C SER B 107 12.13 1.22 7.45
N ILE B 108 11.05 1.94 7.71
CA ILE B 108 9.98 2.06 6.72
C ILE B 108 10.45 2.90 5.53
N GLY B 109 11.41 3.80 5.75
CA GLY B 109 11.95 4.66 4.71
C GLY B 109 13.25 4.19 4.11
N GLY B 110 13.71 2.98 4.44
CA GLY B 110 15.00 2.50 3.95
C GLY B 110 15.04 2.22 2.46
N GLY B 111 13.88 2.11 1.81
CA GLY B 111 13.87 1.89 0.38
C GLY B 111 14.16 3.13 -0.43
N HIS B 112 13.79 4.30 0.09
CA HIS B 112 14.02 5.55 -0.62
C HIS B 112 15.40 6.14 -0.36
N MET B 113 16.07 5.70 0.72
CA MET B 113 17.38 6.25 1.05
C MET B 113 18.41 6.08 -0.05
N PRO B 114 18.63 4.89 -0.62
CA PRO B 114 19.73 4.75 -1.59
C PRO B 114 19.57 5.63 -2.81
N HIS B 115 18.34 5.82 -3.29
CA HIS B 115 18.12 6.56 -4.53
C HIS B 115 18.26 8.06 -4.32
N MET B 116 17.94 8.57 -3.13
CA MET B 116 18.24 9.96 -2.80
C MET B 116 19.73 10.24 -2.99
N ALA B 117 20.58 9.44 -2.34
CA ALA B 117 22.01 9.68 -2.39
C ALA B 117 22.61 9.31 -3.74
N ARG B 118 22.13 8.23 -4.35
CA ARG B 118 22.65 7.83 -5.66
C ARG B 118 22.43 8.94 -6.68
N LYS B 119 21.17 9.34 -6.89
CA LYS B 119 20.87 10.39 -7.86
C LYS B 119 21.42 11.75 -7.43
N ASN B 120 21.95 11.86 -6.21
CA ASN B 120 22.62 13.07 -5.74
C ASN B 120 21.69 14.29 -5.80
N VAL B 121 20.48 14.13 -5.23
CA VAL B 121 19.52 15.23 -5.18
C VAL B 121 20.03 16.31 -4.24
N ASN B 122 19.99 17.56 -4.69
CA ASN B 122 20.49 18.67 -3.89
C ASN B 122 19.56 18.98 -2.73
N MET B 123 19.72 18.27 -1.61
CA MET B 123 18.93 18.50 -0.41
C MET B 123 19.73 18.03 0.79
N THR B 124 19.26 18.39 1.97
CA THR B 124 19.91 18.03 3.22
C THR B 124 19.03 17.05 3.99
N TYR B 125 19.64 15.97 4.47
CA TYR B 125 18.94 15.00 5.32
C TYR B 125 19.57 15.08 6.70
N VAL B 126 18.80 15.57 7.67
CA VAL B 126 19.19 15.58 9.07
C VAL B 126 18.46 14.42 9.75
N LEU B 127 19.19 13.37 10.08
CA LEU B 127 18.61 12.21 10.74
C LEU B 127 18.98 12.25 12.21
N MET B 128 17.96 12.31 13.07
CA MET B 128 18.14 12.37 14.52
C MET B 128 18.11 10.95 15.06
N ASP B 129 19.27 10.42 15.43
CA ASP B 129 19.42 9.00 15.77
C ASP B 129 19.35 8.85 17.28
N ASN B 130 18.23 8.36 17.79
CA ASN B 130 18.08 8.08 19.21
C ASN B 130 18.07 6.59 19.52
N GLY B 131 18.24 5.73 18.51
CA GLY B 131 18.30 4.30 18.75
C GLY B 131 17.02 3.71 19.27
N ILE B 132 15.86 4.30 18.95
CA ILE B 132 14.58 3.80 19.42
C ILE B 132 13.48 4.49 18.64
N TYR B 133 12.28 3.90 18.68
CA TYR B 133 11.07 4.53 18.15
C TYR B 133 10.45 5.32 19.28
N GLY B 134 10.61 6.64 19.25
CA GLY B 134 10.14 7.48 20.34
C GLY B 134 8.63 7.66 20.41
N LEU B 135 8.04 8.21 19.35
CA LEU B 135 6.64 8.62 19.40
C LEU B 135 5.68 7.45 19.63
N THR B 136 6.07 6.22 19.26
CA THR B 136 5.23 5.05 19.51
C THR B 136 5.59 4.37 20.83
N LYS B 137 6.38 5.03 21.67
CA LYS B 137 6.57 4.68 23.08
C LYS B 137 7.55 3.54 23.32
N GLY B 138 8.63 3.49 22.55
CA GLY B 138 9.81 2.74 22.95
C GLY B 138 10.11 1.39 22.35
N GLN B 139 9.86 1.21 21.05
CA GLN B 139 10.28 0.01 20.34
C GLN B 139 11.66 0.21 19.74
N TYR B 140 12.43 -0.88 19.66
CA TYR B 140 13.81 -0.76 19.21
C TYR B 140 13.89 -0.43 17.71
N SER B 141 15.04 0.12 17.31
CA SER B 141 15.19 0.65 15.97
C SER B 141 16.35 -0.02 15.24
N PRO B 142 16.52 0.22 13.93
CA PRO B 142 17.68 -0.34 13.24
C PRO B 142 19.03 0.11 13.79
N THR B 143 19.08 1.15 14.61
CA THR B 143 20.33 1.55 15.26
C THR B 143 20.38 1.12 16.72
N SER B 144 19.32 0.51 17.23
CA SER B 144 19.31 0.04 18.61
C SER B 144 20.37 -1.03 18.81
N ARG B 145 21.00 -1.01 19.99
CA ARG B 145 21.98 -2.03 20.35
C ARG B 145 21.29 -3.32 20.74
N PRO B 146 21.93 -4.48 20.52
CA PRO B 146 21.24 -5.76 20.74
C PRO B 146 20.85 -6.00 22.18
N GLU B 147 21.71 -5.63 23.13
CA GLU B 147 21.45 -5.92 24.54
C GLU B 147 20.30 -5.11 25.11
N MET B 148 19.82 -4.09 24.40
CA MET B 148 18.73 -3.28 24.92
C MET B 148 17.43 -4.08 24.94
N THR B 149 16.66 -3.90 26.01
CA THR B 149 15.33 -4.46 26.13
C THR B 149 14.32 -3.33 25.96
N ALA B 150 13.35 -3.54 25.07
CA ALA B 150 12.42 -2.48 24.70
C ALA B 150 11.02 -3.07 24.53
N TYR B 151 10.11 -2.22 24.04
CA TYR B 151 8.67 -2.50 24.02
C TYR B 151 8.36 -3.86 23.42
N THR B 152 8.74 -4.08 22.17
CA THR B 152 8.51 -5.34 21.47
C THR B 152 9.68 -6.30 21.53
N THR B 153 10.78 -5.92 22.19
CA THR B 153 11.93 -6.80 22.38
C THR B 153 12.22 -6.88 23.87
N PRO B 154 11.37 -7.54 24.65
CA PRO B 154 11.65 -7.67 26.09
C PRO B 154 12.82 -8.59 26.39
N TYR B 155 13.17 -9.48 25.48
CA TYR B 155 14.25 -10.45 25.69
C TYR B 155 15.46 -10.12 24.82
N GLY B 156 15.67 -8.85 24.53
CA GLY B 156 16.83 -8.41 23.76
C GLY B 156 16.55 -8.33 22.27
N GLY B 157 17.46 -7.68 21.56
CA GLY B 157 17.34 -7.52 20.14
C GLY B 157 17.94 -8.68 19.37
N PRO B 158 17.13 -9.33 18.54
CA PRO B 158 17.59 -10.51 17.82
C PRO B 158 18.39 -10.22 16.56
N GLU B 159 18.92 -9.01 16.43
CA GLU B 159 19.77 -8.64 15.31
C GLU B 159 20.68 -7.49 15.71
N ASN B 160 21.70 -7.27 14.88
CA ASN B 160 22.68 -6.21 15.10
C ASN B 160 22.24 -4.91 14.45
N PRO B 161 22.74 -3.78 14.92
CA PRO B 161 22.40 -2.50 14.29
C PRO B 161 23.18 -2.29 12.99
N MET B 162 22.63 -1.40 12.16
CA MET B 162 23.26 -1.00 10.92
C MET B 162 24.00 0.32 11.09
N ASN B 163 24.91 0.60 10.14
CA ASN B 163 25.78 1.75 10.22
C ASN B 163 25.25 2.86 9.32
N PRO B 164 24.63 3.91 9.88
CA PRO B 164 24.02 4.95 9.02
C PRO B 164 25.03 5.67 8.14
N LEU B 165 26.22 5.97 8.66
CA LEU B 165 27.22 6.64 7.85
C LEU B 165 27.69 5.74 6.70
N LEU B 166 27.84 4.44 6.97
CA LEU B 166 28.32 3.53 5.95
C LEU B 166 27.29 3.33 4.85
N TYR B 167 26.00 3.27 5.21
CA TYR B 167 24.94 3.16 4.21
C TYR B 167 25.03 4.32 3.21
N MET B 168 25.10 5.56 3.72
CA MET B 168 25.07 6.72 2.84
C MET B 168 26.35 6.86 2.02
N LEU B 169 27.50 6.49 2.59
CA LEU B 169 28.73 6.50 1.79
C LEU B 169 28.67 5.49 0.66
N THR B 170 28.14 4.30 0.95
CA THR B 170 27.96 3.29 -0.11
C THR B 170 26.91 3.73 -1.12
N TYR B 171 25.79 4.28 -0.65
CA TYR B 171 24.75 4.77 -1.55
C TYR B 171 25.25 5.90 -2.44
N GLY B 172 26.35 6.55 -2.08
CA GLY B 172 26.92 7.60 -2.89
C GLY B 172 26.54 9.01 -2.50
N ALA B 173 26.29 9.26 -1.22
CA ALA B 173 26.01 10.62 -0.77
C ALA B 173 27.26 11.48 -0.91
N THR B 174 27.07 12.74 -1.32
CA THR B 174 28.18 13.63 -1.62
C THR B 174 28.53 14.55 -0.44
N TYR B 175 27.94 14.34 0.73
CA TYR B 175 28.30 15.09 1.93
C TYR B 175 27.80 14.28 3.12
N VAL B 176 28.73 13.75 3.91
CA VAL B 176 28.41 12.87 5.03
C VAL B 176 29.08 13.42 6.28
N ALA B 177 28.28 13.66 7.32
CA ALA B 177 28.79 14.21 8.56
C ALA B 177 28.08 13.54 9.73
N GLN B 178 28.67 13.66 10.90
CA GLN B 178 28.10 13.12 12.13
C GLN B 178 28.39 14.07 13.28
N ALA B 179 27.43 14.20 14.18
CA ALA B 179 27.55 15.13 15.30
C ALA B 179 26.77 14.59 16.48
N PHE B 180 26.91 15.27 17.62
CA PHE B 180 26.20 14.94 18.83
C PHE B 180 25.31 16.10 19.23
N ALA B 181 24.08 15.79 19.65
CA ALA B 181 23.12 16.83 20.01
C ALA B 181 23.60 17.68 21.18
N GLY B 182 24.44 17.11 22.05
CA GLY B 182 24.97 17.88 23.18
C GLY B 182 26.00 18.93 22.79
N LYS B 183 26.40 18.98 21.52
CA LYS B 183 27.27 20.02 20.98
C LYS B 183 26.48 20.80 19.94
N PRO B 184 25.57 21.68 20.36
CA PRO B 184 24.68 22.33 19.40
C PRO B 184 25.38 23.22 18.40
N LYS B 185 26.62 23.64 18.66
CA LYS B 185 27.38 24.36 17.65
C LYS B 185 28.14 23.44 16.70
N ASP B 186 28.38 22.19 17.10
CA ASP B 186 28.85 21.19 16.15
C ASP B 186 27.76 20.84 15.15
N CYS B 187 26.54 20.63 15.62
CA CYS B 187 25.41 20.39 14.74
C CYS B 187 25.23 21.55 13.76
N ALA B 188 25.23 22.78 14.29
CA ALA B 188 24.96 23.95 13.46
C ALA B 188 25.98 24.10 12.34
N GLU B 189 27.25 23.81 12.64
CA GLU B 189 28.29 23.99 11.61
C GLU B 189 28.15 22.95 10.51
N LEU B 190 28.02 21.67 10.88
CA LEU B 190 27.89 20.61 9.89
C LEU B 190 26.60 20.75 9.08
N ILE B 191 25.51 21.18 9.74
CA ILE B 191 24.27 21.43 9.01
C ILE B 191 24.44 22.60 8.05
N LYS B 192 25.20 23.62 8.47
CA LYS B 192 25.43 24.77 7.61
C LYS B 192 26.14 24.36 6.32
N GLY B 193 27.24 23.62 6.45
CA GLY B 193 27.94 23.14 5.27
C GLY B 193 27.13 22.16 4.45
N ALA B 194 26.20 21.43 5.10
CA ALA B 194 25.34 20.53 4.36
C ALA B 194 24.41 21.29 3.42
N MET B 195 23.90 22.43 3.88
CA MET B 195 22.99 23.22 3.06
C MET B 195 23.72 23.89 1.91
N GLU B 196 24.89 24.48 2.19
CA GLU B 196 25.67 25.15 1.14
C GLU B 196 26.10 24.16 0.07
N HIS B 197 26.37 22.92 0.47
CA HIS B 197 26.77 21.89 -0.47
C HIS B 197 25.70 21.68 -1.54
N GLU B 198 26.15 21.55 -2.79
CA GLU B 198 25.26 21.27 -3.91
C GLU B 198 25.29 19.77 -4.16
N GLY B 199 24.31 19.08 -3.60
CA GLY B 199 24.28 17.63 -3.65
C GLY B 199 23.45 17.10 -2.48
N PHE B 200 23.46 15.79 -2.33
CA PHE B 200 22.77 15.13 -1.23
C PHE B 200 23.67 15.11 0.00
N ALA B 201 23.32 15.91 0.99
CA ALA B 201 24.09 16.00 2.22
C ALA B 201 23.36 15.25 3.33
N TYR B 202 24.04 14.31 3.96
CA TYR B 202 23.47 13.50 5.03
C TYR B 202 24.21 13.82 6.33
N VAL B 203 23.46 14.10 7.39
CA VAL B 203 24.02 14.44 8.69
C VAL B 203 23.36 13.53 9.72
N ASN B 204 24.13 12.61 10.30
CA ASN B 204 23.64 11.71 11.32
C ASN B 204 24.01 12.28 12.69
N ILE B 205 23.00 12.59 13.49
CA ILE B 205 23.22 13.27 14.78
C ILE B 205 22.62 12.42 15.89
N PHE B 206 23.47 11.99 16.83
CA PHE B 206 22.98 11.28 18.00
C PHE B 206 22.17 12.23 18.87
N SER B 207 20.95 11.82 19.20
CA SER B 207 20.04 12.60 20.01
C SER B 207 19.48 11.71 21.08
N GLN B 208 19.77 12.02 22.35
CA GLN B 208 19.32 11.17 23.42
C GLN B 208 17.79 11.20 23.54
N CYS B 209 17.24 10.09 24.04
CA CYS B 209 15.82 9.98 24.37
C CYS B 209 15.75 9.46 25.80
N PRO B 210 15.73 10.37 26.78
CA PRO B 210 15.75 9.91 28.18
C PRO B 210 14.45 9.25 28.62
N THR B 211 13.35 9.42 27.87
CA THR B 211 12.07 8.88 28.28
C THR B 211 11.97 7.38 28.04
N PHE B 212 12.50 6.88 26.91
CA PHE B 212 12.36 5.47 26.56
C PHE B 212 13.68 4.73 26.38
N ASN B 213 14.73 5.39 25.89
CA ASN B 213 16.01 4.73 25.71
C ASN B 213 16.84 4.95 26.98
N LYS B 214 17.01 3.90 27.75
CA LYS B 214 17.66 4.00 29.06
C LYS B 214 19.16 3.74 29.00
N ILE B 215 19.69 3.25 27.88
CA ILE B 215 21.11 2.96 27.77
C ILE B 215 21.84 3.90 26.82
N ASP B 216 21.18 4.41 25.78
CA ASP B 216 21.79 5.40 24.91
C ASP B 216 21.50 6.79 25.46
N THR B 217 22.21 7.12 26.53
CA THR B 217 22.04 8.35 27.27
C THR B 217 23.05 9.40 26.80
N VAL B 218 22.96 10.59 27.40
CA VAL B 218 23.90 11.66 27.07
C VAL B 218 25.32 11.22 27.46
N ASP B 219 25.47 10.66 28.66
CA ASP B 219 26.78 10.21 29.12
C ASP B 219 27.36 9.17 28.18
N PHE B 220 26.51 8.28 27.66
CA PHE B 220 27.00 7.27 26.71
C PHE B 220 27.44 7.91 25.41
N TYR B 221 26.58 8.75 24.82
CA TYR B 221 26.93 9.43 23.58
C TYR B 221 28.14 10.34 23.77
N ARG B 222 28.28 10.94 24.95
CA ARG B 222 29.41 11.83 25.19
C ARG B 222 30.73 11.06 25.10
N ASP B 223 30.74 9.81 25.58
CA ASP B 223 31.94 8.99 25.50
C ASP B 223 32.09 8.30 24.15
N LEU B 224 30.99 8.02 23.46
CA LEU B 224 31.07 7.31 22.19
C LEU B 224 31.76 8.14 21.13
N VAL B 225 31.60 9.46 21.16
CA VAL B 225 32.12 10.29 20.08
C VAL B 225 33.65 10.34 20.14
N GLU B 226 34.24 10.68 19.00
CA GLU B 226 35.67 10.86 18.81
C GLU B 226 35.84 11.79 17.62
N PRO B 227 36.21 13.04 17.83
CA PRO B 227 36.25 14.00 16.72
C PRO B 227 37.26 13.60 15.66
N ILE B 228 36.90 13.85 14.41
CA ILE B 228 37.76 13.50 13.28
C ILE B 228 38.99 14.41 13.29
N PRO B 229 40.19 13.89 13.11
CA PRO B 229 41.37 14.75 13.03
C PRO B 229 41.31 15.64 11.80
N GLU B 230 41.90 16.84 11.91
CA GLU B 230 41.82 17.81 10.82
C GLU B 230 42.62 17.35 9.60
N ASP B 231 43.65 16.53 9.80
CA ASP B 231 44.43 16.04 8.67
C ASP B 231 43.71 14.97 7.86
N HIS B 232 42.49 14.60 8.25
CA HIS B 232 41.72 13.62 7.49
C HIS B 232 41.33 14.19 6.13
N ASP B 233 41.39 13.34 5.11
CA ASP B 233 41.09 13.75 3.74
C ASP B 233 39.62 13.49 3.47
N THR B 234 38.84 14.57 3.33
CA THR B 234 37.41 14.43 3.08
C THR B 234 37.10 14.11 1.62
N SER B 235 38.10 13.86 0.79
CA SER B 235 37.90 13.38 -0.56
C SER B 235 38.23 11.90 -0.73
N ASP B 236 38.75 11.25 0.31
CA ASP B 236 39.11 9.84 0.25
C ASP B 236 37.92 9.02 0.74
N LEU B 237 37.15 8.48 -0.20
CA LEU B 237 35.98 7.68 0.15
C LEU B 237 36.36 6.47 0.98
N GLY B 238 37.46 5.80 0.63
CA GLY B 238 37.89 4.65 1.41
C GLY B 238 38.24 5.00 2.85
N ALA B 239 38.91 6.15 3.04
CA ALA B 239 39.22 6.59 4.38
C ALA B 239 37.96 6.99 5.16
N ALA B 240 36.96 7.55 4.46
CA ALA B 240 35.72 7.91 5.13
C ALA B 240 34.94 6.68 5.55
N MET B 241 34.93 5.64 4.70
CA MET B 241 34.25 4.40 5.08
C MET B 241 34.91 3.74 6.28
N GLU B 242 36.23 3.86 6.42
CA GLU B 242 36.88 3.35 7.63
C GLU B 242 36.47 4.14 8.86
N LEU B 243 36.39 5.47 8.75
CA LEU B 243 35.90 6.28 9.86
C LEU B 243 34.46 5.92 10.19
N ALA B 244 33.64 5.68 9.17
CA ALA B 244 32.25 5.31 9.40
C ALA B 244 32.13 3.98 10.12
N ARG B 245 33.07 3.06 9.87
CA ARG B 245 33.06 1.76 10.53
C ARG B 245 33.51 1.80 11.97
N ARG B 246 33.72 3.01 12.52
CA ARG B 246 34.03 3.24 13.92
C ARG B 246 35.31 2.53 14.34
N PRO B 247 36.48 3.08 14.03
CA PRO B 247 37.74 2.48 14.49
C PRO B 247 37.87 2.55 16.01
N GLY B 248 38.19 1.41 16.62
CA GLY B 248 38.34 1.37 18.06
C GLY B 248 37.06 1.45 18.85
N GLY B 249 35.90 1.31 18.20
CA GLY B 249 34.63 1.39 18.88
C GLY B 249 34.10 2.80 19.08
N LYS B 250 34.86 3.83 18.70
CA LYS B 250 34.48 5.21 18.91
C LYS B 250 33.89 5.77 17.61
N ALA B 251 32.74 6.45 17.73
CA ALA B 251 32.05 6.99 16.56
C ALA B 251 32.64 8.35 16.17
N PRO B 252 32.85 8.59 14.89
CA PRO B 252 33.45 9.86 14.47
C PRO B 252 32.44 10.99 14.46
N THR B 253 32.95 12.19 14.74
CA THR B 253 32.17 13.41 14.61
C THR B 253 32.98 14.40 13.79
N GLY B 254 32.30 15.08 12.88
CA GLY B 254 32.92 16.03 11.98
C GLY B 254 32.44 15.76 10.56
N LEU B 255 33.25 16.19 9.60
CA LEU B 255 32.96 15.97 8.19
C LEU B 255 33.77 14.79 7.70
N LEU B 256 33.09 13.74 7.24
CA LEU B 256 33.76 12.54 6.76
C LEU B 256 34.07 12.62 5.27
N TYR B 257 33.09 13.03 4.47
CA TYR B 257 33.21 12.95 3.02
C TYR B 257 32.47 14.12 2.39
N LYS B 258 33.06 14.67 1.34
CA LYS B 258 32.52 15.82 0.64
C LYS B 258 33.09 15.84 -0.77
N THR B 259 32.21 15.95 -1.77
CA THR B 259 32.67 15.91 -3.15
C THR B 259 31.66 16.62 -4.05
N SER B 260 32.16 17.14 -5.17
CA SER B 260 31.34 17.85 -6.14
C SER B 260 31.02 16.94 -7.31
N ALA B 261 29.73 16.83 -7.64
CA ALA B 261 29.25 15.97 -8.70
C ALA B 261 27.91 16.52 -9.18
N PRO B 262 27.50 16.21 -10.40
CA PRO B 262 26.22 16.71 -10.89
C PRO B 262 25.06 16.25 -10.01
N THR B 263 24.09 17.13 -9.84
CA THR B 263 22.88 16.83 -9.08
C THR B 263 21.77 16.40 -10.02
N LEU B 264 20.70 15.84 -9.45
CA LEU B 264 19.60 15.32 -10.26
C LEU B 264 18.94 16.41 -11.08
N ASP B 265 18.70 17.59 -10.48
CA ASP B 265 18.03 18.65 -11.21
C ASP B 265 18.89 19.17 -12.36
N GLN B 266 20.21 19.05 -12.23
CA GLN B 266 21.11 19.49 -13.30
C GLN B 266 21.10 18.50 -14.46
N ASN B 267 21.17 17.19 -14.17
CA ASN B 267 21.10 16.21 -15.24
C ASN B 267 19.74 16.22 -15.92
N LEU B 268 18.67 16.45 -15.15
CA LEU B 268 17.37 16.65 -15.76
C LEU B 268 17.34 17.89 -16.63
N ALA B 269 18.12 18.91 -16.27
CA ALA B 269 18.16 20.14 -17.05
C ALA B 269 18.88 19.92 -18.38
N LYS B 270 19.97 19.14 -18.36
CA LYS B 270 20.68 18.85 -19.60
C LYS B 270 19.76 18.22 -20.62
N ILE B 271 18.87 17.32 -20.18
CA ILE B 271 17.90 16.73 -21.10
C ILE B 271 17.07 17.81 -21.77
N ARG B 272 16.62 18.80 -21.00
CA ARG B 272 15.87 19.90 -21.58
C ARG B 272 16.74 20.79 -22.45
N GLU B 273 17.99 21.03 -22.04
CA GLU B 273 18.87 21.92 -22.81
C GLU B 273 19.24 21.29 -24.15
N ARG B 274 19.57 19.99 -24.15
CA ARG B 274 19.93 19.31 -25.39
C ARG B 274 18.77 19.29 -26.38
N LEU B 275 17.54 19.36 -25.90
CA LEU B 275 16.36 19.40 -26.75
C LEU B 275 15.91 20.82 -27.09
N GLY B 276 16.60 21.83 -26.58
CA GLY B 276 16.12 23.20 -26.72
C GLY B 276 14.76 23.42 -26.10
N GLY B 277 14.44 22.68 -25.04
CA GLY B 277 13.11 22.77 -24.44
C GLY B 277 12.92 24.01 -23.59
N HIS B 278 11.68 24.50 -23.60
CA HIS B 278 11.30 25.68 -22.83
C HIS B 278 9.79 25.68 -22.69
N VAL B 279 9.29 26.62 -21.87
CA VAL B 279 7.86 26.66 -21.58
C VAL B 279 7.05 27.02 -22.82
N GLY B 280 7.57 27.91 -23.67
CA GLY B 280 6.82 28.34 -24.82
C GLY B 280 7.06 27.52 -26.07
N TYR B 281 7.21 26.22 -25.91
CA TYR B 281 7.34 25.33 -27.06
C TYR B 281 6.00 25.22 -27.79
N ASP B 282 6.06 25.23 -29.11
CA ASP B 282 4.86 25.07 -29.95
C ASP B 282 4.37 23.63 -29.85
N LYS B 283 3.39 23.40 -28.98
CA LYS B 283 2.90 22.04 -28.76
C LYS B 283 2.33 21.41 -30.01
N ASN B 284 2.03 22.20 -31.05
CA ASN B 284 1.58 21.63 -32.31
C ASN B 284 2.68 20.81 -32.97
N LYS B 285 3.95 21.13 -32.67
CA LYS B 285 5.05 20.33 -33.17
C LYS B 285 4.96 18.89 -32.65
N ILE B 286 4.59 18.74 -31.38
CA ILE B 286 4.44 17.41 -30.79
C ILE B 286 3.23 16.70 -31.38
N ILE B 287 2.13 17.43 -31.59
CA ILE B 287 0.92 16.82 -32.14
C ILE B 287 1.13 16.45 -33.60
N ALA B 288 2.00 17.17 -34.30
CA ALA B 288 2.22 16.92 -35.72
C ALA B 288 2.81 15.53 -35.96
N LEU B 289 3.58 15.01 -35.01
CA LEU B 289 4.18 13.69 -35.18
C LEU B 289 3.13 12.58 -35.25
N ALA B 290 1.92 12.84 -34.79
CA ALA B 290 0.85 11.84 -34.83
C ALA B 290 0.06 11.88 -36.12
N LYS B 291 0.43 12.74 -37.06
CA LYS B 291 -0.25 12.79 -38.35
C LYS B 291 0.03 11.50 -39.14
N PRO B 292 -0.97 10.97 -39.87
CA PRO B 292 -0.84 9.73 -40.63
C PRO B 292 0.20 9.83 -41.74
N GLU C 2 -26.42 -1.91 -44.63
CA GLU C 2 -25.28 -1.88 -45.53
C GLU C 2 -23.97 -1.95 -44.74
N LYS C 3 -23.02 -2.73 -45.23
CA LYS C 3 -21.74 -2.91 -44.55
C LYS C 3 -20.74 -1.87 -45.07
N LYS C 4 -20.26 -1.02 -44.16
CA LYS C 4 -19.30 0.03 -44.49
C LYS C 4 -17.90 -0.23 -43.98
N ASP C 5 -17.71 -1.22 -43.11
CA ASP C 5 -16.45 -1.47 -42.44
C ASP C 5 -15.79 -2.75 -42.94
N LEU C 6 -14.50 -2.87 -42.65
CA LEU C 6 -13.73 -4.07 -42.93
C LEU C 6 -12.85 -4.37 -41.73
N ILE C 7 -12.87 -5.63 -41.29
CA ILE C 7 -12.13 -6.08 -40.12
C ILE C 7 -11.09 -7.09 -40.56
N ILE C 8 -9.81 -6.77 -40.34
CA ILE C 8 -8.70 -7.62 -40.71
C ILE C 8 -7.99 -8.02 -39.43
N ARG C 9 -7.94 -9.33 -39.16
CA ARG C 9 -7.28 -9.85 -37.96
C ARG C 9 -6.03 -10.62 -38.37
N VAL C 10 -4.90 -10.28 -37.75
CA VAL C 10 -3.62 -10.95 -37.96
C VAL C 10 -3.20 -11.58 -36.64
N ALA C 11 -2.79 -12.84 -36.68
CA ALA C 11 -2.46 -13.58 -35.48
C ALA C 11 -1.22 -14.43 -35.72
N GLY C 12 -0.58 -14.84 -34.63
CA GLY C 12 0.59 -15.68 -34.71
C GLY C 12 1.31 -15.73 -33.39
N GLU C 13 2.48 -16.37 -33.41
CA GLU C 13 3.30 -16.50 -32.21
C GLU C 13 4.07 -15.21 -31.98
N GLY C 14 4.02 -14.71 -30.74
CA GLY C 14 4.74 -13.51 -30.38
C GLY C 14 6.22 -13.62 -30.73
N GLY C 15 6.81 -12.51 -31.19
CA GLY C 15 8.17 -12.49 -31.66
C GLY C 15 8.32 -12.60 -33.16
N GLU C 16 7.27 -13.03 -33.86
CA GLU C 16 7.28 -13.09 -35.32
C GLU C 16 6.76 -11.81 -35.97
N GLY C 17 6.61 -10.72 -35.21
CA GLY C 17 6.23 -9.45 -35.81
C GLY C 17 4.76 -9.29 -36.11
N ILE C 18 3.88 -9.90 -35.32
CA ILE C 18 2.45 -9.81 -35.57
C ILE C 18 1.95 -8.40 -35.29
N ILE C 19 2.39 -7.81 -34.18
CA ILE C 19 1.93 -6.48 -33.80
C ILE C 19 2.45 -5.43 -34.78
N SER C 20 3.72 -5.56 -35.18
CA SER C 20 4.30 -4.58 -36.10
C SER C 20 3.55 -4.54 -37.42
N SER C 21 3.18 -5.72 -37.94
CA SER C 21 2.46 -5.78 -39.21
C SER C 21 1.09 -5.11 -39.08
N GLY C 22 0.44 -5.25 -37.92
CA GLY C 22 -0.86 -4.63 -37.73
C GLY C 22 -0.81 -3.11 -37.73
N ASP C 23 0.23 -2.54 -37.11
CA ASP C 23 0.36 -1.08 -37.08
C ASP C 23 0.50 -0.50 -38.48
N PHE C 24 1.21 -1.21 -39.35
CA PHE C 24 1.40 -0.74 -40.72
C PHE C 24 0.07 -0.69 -41.48
N ILE C 25 -0.75 -1.74 -41.33
CA ILE C 25 -2.05 -1.77 -41.99
C ILE C 25 -2.93 -0.62 -41.48
N ALA C 26 -2.89 -0.35 -40.17
CA ALA C 26 -3.69 0.73 -39.61
C ALA C 26 -3.23 2.08 -40.14
N ALA C 27 -1.92 2.32 -40.20
CA ALA C 27 -1.41 3.58 -40.72
C ALA C 27 -1.72 3.75 -42.19
N ALA C 28 -1.76 2.66 -42.94
CA ALA C 28 -2.06 2.73 -44.37
C ALA C 28 -3.49 3.16 -44.62
N CYS C 29 -4.44 2.61 -43.85
CA CYS C 29 -5.84 2.98 -44.02
C CYS C 29 -6.09 4.43 -43.65
N ALA C 30 -5.28 4.99 -42.74
CA ALA C 30 -5.43 6.40 -42.37
C ALA C 30 -4.99 7.31 -43.51
N ARG C 31 -3.88 6.96 -44.19
CA ARG C 31 -3.45 7.70 -45.36
C ARG C 31 -4.51 7.70 -46.46
N ALA C 32 -5.41 6.73 -46.44
CA ALA C 32 -6.50 6.64 -47.39
C ALA C 32 -7.76 7.36 -46.91
N GLY C 33 -7.67 8.15 -45.85
CA GLY C 33 -8.82 8.91 -45.38
C GLY C 33 -9.89 8.05 -44.74
N LEU C 34 -9.51 7.00 -44.03
CA LEU C 34 -10.45 6.10 -43.37
C LEU C 34 -10.30 6.19 -41.86
N GLU C 35 -11.39 5.85 -41.17
CA GLU C 35 -11.40 5.77 -39.71
C GLU C 35 -10.90 4.40 -39.27
N VAL C 36 -10.00 4.37 -38.29
CA VAL C 36 -9.32 3.16 -37.86
C VAL C 36 -9.56 2.91 -36.38
N TYR C 37 -9.76 1.65 -36.02
CA TYR C 37 -9.89 1.21 -34.63
C TYR C 37 -9.21 -0.15 -34.51
N THR C 38 -8.08 -0.20 -33.81
CA THR C 38 -7.31 -1.43 -33.68
C THR C 38 -7.56 -2.08 -32.32
N PHE C 39 -7.04 -3.29 -32.16
CA PHE C 39 -7.17 -4.04 -30.91
C PHE C 39 -6.18 -5.19 -30.90
N LYS C 40 -5.38 -5.28 -29.85
CA LYS C 40 -4.35 -6.30 -29.76
C LYS C 40 -4.42 -7.01 -28.41
N THR C 41 -4.07 -8.29 -28.42
CA THR C 41 -3.89 -9.09 -27.21
C THR C 41 -2.64 -9.95 -27.36
N PHE C 42 -1.85 -10.04 -26.30
CA PHE C 42 -0.67 -10.89 -26.31
C PHE C 42 -0.50 -11.54 -24.94
N PRO C 43 0.30 -12.61 -24.85
CA PRO C 43 0.62 -13.20 -23.55
C PRO C 43 1.55 -12.32 -22.73
N ALA C 44 1.55 -12.58 -21.42
CA ALA C 44 2.40 -11.85 -20.49
C ALA C 44 3.89 -12.10 -20.72
N GLU C 45 4.26 -13.03 -21.60
CA GLU C 45 5.66 -13.35 -21.86
C GLU C 45 6.13 -12.65 -23.14
N ILE C 46 7.43 -12.31 -23.14
CA ILE C 46 7.97 -11.42 -24.17
C ILE C 46 8.02 -12.09 -25.54
N LYS C 47 8.41 -13.35 -25.62
CA LYS C 47 8.70 -13.92 -26.93
C LYS C 47 7.86 -15.10 -27.37
N GLY C 48 7.01 -15.66 -26.51
CA GLY C 48 6.20 -16.79 -26.92
C GLY C 48 4.78 -16.69 -26.43
N GLY C 49 3.87 -17.27 -27.21
CA GLY C 49 2.47 -17.41 -26.91
C GLY C 49 1.63 -17.00 -28.09
N TYR C 50 0.33 -16.83 -27.85
CA TYR C 50 -0.63 -16.45 -28.89
C TYR C 50 -0.74 -14.93 -28.95
N ALA C 51 -0.29 -14.34 -30.07
CA ALA C 51 -0.42 -12.90 -30.30
C ALA C 51 -1.46 -12.64 -31.38
N MET C 52 -2.21 -11.56 -31.22
CA MET C 52 -3.32 -11.25 -32.12
C MET C 52 -3.43 -9.75 -32.34
N TYR C 53 -3.63 -9.35 -33.58
CA TYR C 53 -3.86 -7.96 -33.94
C TYR C 53 -5.07 -7.89 -34.85
N GLN C 54 -5.95 -6.93 -34.60
CA GLN C 54 -7.16 -6.76 -35.39
C GLN C 54 -7.34 -5.29 -35.73
N VAL C 55 -7.34 -4.97 -37.01
CA VAL C 55 -7.49 -3.59 -37.48
C VAL C 55 -8.85 -3.46 -38.14
N ARG C 56 -9.53 -2.34 -37.87
CA ARG C 56 -10.86 -2.10 -38.40
C ARG C 56 -10.86 -0.77 -39.14
N ALA C 57 -11.14 -0.81 -40.44
CA ALA C 57 -11.22 0.37 -41.26
C ALA C 57 -12.65 0.54 -41.76
N SER C 58 -13.15 1.77 -41.71
CA SER C 58 -14.51 2.04 -42.12
C SER C 58 -14.59 3.47 -42.66
N SER C 59 -15.67 3.73 -43.40
CA SER C 59 -15.96 5.05 -43.93
C SER C 59 -16.72 5.92 -42.94
N GLU C 60 -17.12 5.37 -41.80
CA GLU C 60 -17.81 6.11 -40.75
C GLU C 60 -17.05 5.96 -39.43
N LYS C 61 -17.54 6.65 -38.40
CA LYS C 61 -16.89 6.60 -37.10
C LYS C 61 -17.00 5.22 -36.49
N LEU C 62 -15.93 4.81 -35.80
CA LEU C 62 -15.86 3.51 -35.14
C LEU C 62 -15.84 3.70 -33.62
N TYR C 63 -16.39 2.71 -32.91
CA TYR C 63 -16.49 2.78 -31.46
C TYR C 63 -15.95 1.57 -30.72
N CYS C 64 -15.62 0.48 -31.41
CA CYS C 64 -15.04 -0.68 -30.76
C CYS C 64 -14.33 -1.51 -31.82
N GLN C 65 -14.02 -2.76 -31.49
CA GLN C 65 -13.25 -3.62 -32.38
C GLN C 65 -14.11 -4.42 -33.36
N GLY C 66 -15.38 -4.62 -33.04
CA GLY C 66 -16.29 -5.38 -33.87
C GLY C 66 -16.59 -6.74 -33.29
N ASP C 67 -17.56 -7.42 -33.93
CA ASP C 67 -17.96 -8.75 -33.46
C ASP C 67 -16.90 -9.79 -33.78
N THR C 68 -16.44 -9.82 -35.02
CA THR C 68 -15.40 -10.75 -35.45
C THR C 68 -14.84 -10.25 -36.78
N PHE C 69 -13.79 -10.92 -37.24
CA PHE C 69 -13.03 -10.51 -38.40
C PHE C 69 -13.75 -10.84 -39.71
N ASP C 70 -13.41 -10.09 -40.75
CA ASP C 70 -13.75 -10.44 -42.12
C ASP C 70 -12.61 -11.16 -42.82
N VAL C 71 -11.37 -10.75 -42.56
CA VAL C 71 -10.17 -11.38 -43.10
C VAL C 71 -9.33 -11.84 -41.92
N PHE C 72 -8.83 -13.07 -42.00
CA PHE C 72 -7.98 -13.63 -40.95
C PHE C 72 -6.68 -14.14 -41.56
N CYS C 73 -5.58 -13.91 -40.86
CA CYS C 73 -4.25 -14.32 -41.30
C CYS C 73 -3.56 -15.06 -40.18
N ALA C 74 -3.25 -16.33 -40.39
CA ALA C 74 -2.66 -17.20 -39.38
C ALA C 74 -1.19 -17.42 -39.71
N PHE C 75 -0.31 -17.07 -38.78
CA PHE C 75 1.13 -17.27 -38.96
C PHE C 75 1.59 -18.65 -38.53
N ASN C 76 0.78 -19.39 -37.76
CA ASN C 76 1.15 -20.71 -37.28
C ASN C 76 -0.12 -21.47 -36.93
N GLY C 77 0.06 -22.68 -36.39
CA GLY C 77 -1.06 -23.54 -36.13
C GLY C 77 -1.92 -23.07 -34.98
N GLU C 78 -1.29 -22.53 -33.93
CA GLU C 78 -2.07 -22.06 -32.79
C GLU C 78 -2.97 -20.90 -33.18
N ALA C 79 -2.50 -20.02 -34.06
CA ALA C 79 -3.34 -18.94 -34.56
C ALA C 79 -4.57 -19.48 -35.26
N TYR C 80 -4.42 -20.57 -36.00
CA TYR C 80 -5.55 -21.18 -36.70
C TYR C 80 -6.57 -21.75 -35.72
N GLU C 81 -6.12 -22.56 -34.76
CA GLU C 81 -7.05 -23.22 -33.84
C GLU C 81 -7.77 -22.22 -32.94
N GLN C 82 -7.10 -21.12 -32.56
CA GLN C 82 -7.74 -20.13 -31.70
C GLN C 82 -8.89 -19.43 -32.40
N ASN C 83 -8.80 -19.26 -33.73
CA ASN C 83 -9.81 -18.56 -34.50
C ASN C 83 -10.63 -19.49 -35.37
N LYS C 84 -10.41 -20.81 -35.27
CA LYS C 84 -11.07 -21.74 -36.19
C LYS C 84 -12.59 -21.66 -36.09
N ASP C 85 -13.12 -21.43 -34.88
CA ASP C 85 -14.56 -21.31 -34.70
C ASP C 85 -15.12 -20.07 -35.38
N LYS C 86 -14.31 -19.05 -35.60
CA LYS C 86 -14.76 -17.81 -36.23
C LYS C 86 -14.43 -17.77 -37.73
N ILE C 87 -13.67 -18.73 -38.25
CA ILE C 87 -13.45 -18.82 -39.69
C ILE C 87 -14.68 -19.47 -40.31
N LYS C 88 -15.75 -18.70 -40.43
CA LYS C 88 -17.02 -19.15 -40.94
C LYS C 88 -17.14 -18.82 -42.42
N PRO C 89 -18.04 -19.48 -43.15
CA PRO C 89 -18.20 -19.20 -44.58
C PRO C 89 -18.48 -17.73 -44.83
N GLY C 90 -17.87 -17.20 -45.89
CA GLY C 90 -17.97 -15.79 -46.23
C GLY C 90 -16.74 -14.99 -45.86
N THR C 91 -15.84 -15.53 -45.05
CA THR C 91 -14.65 -14.85 -44.60
C THR C 91 -13.44 -15.28 -45.44
N ALA C 92 -12.49 -14.36 -45.60
CA ALA C 92 -11.24 -14.68 -46.25
C ALA C 92 -10.27 -15.30 -45.27
N PHE C 93 -9.44 -16.22 -45.76
CA PHE C 93 -8.52 -16.97 -44.90
C PHE C 93 -7.17 -17.06 -45.61
N VAL C 94 -6.17 -16.36 -45.08
CA VAL C 94 -4.79 -16.48 -45.52
C VAL C 94 -4.03 -17.20 -44.43
N TYR C 95 -3.21 -18.19 -44.81
CA TYR C 95 -2.49 -18.98 -43.83
C TYR C 95 -1.13 -19.39 -44.38
N ASP C 96 -0.28 -19.88 -43.48
CA ASP C 96 1.11 -20.21 -43.80
C ASP C 96 1.19 -21.68 -44.24
N TYR C 97 1.15 -21.92 -45.56
CA TYR C 97 1.17 -23.28 -46.06
C TYR C 97 1.59 -23.29 -47.52
N PRO C 98 2.47 -24.21 -47.94
CA PRO C 98 3.11 -25.17 -47.04
C PRO C 98 4.35 -24.57 -46.35
N GLY C 99 5.06 -25.41 -45.59
CA GLY C 99 6.24 -24.98 -44.86
C GLY C 99 5.99 -24.55 -43.43
N GLY C 100 4.74 -24.29 -43.06
CA GLY C 100 4.43 -23.96 -41.69
C GLY C 100 4.49 -25.19 -40.79
N ASP C 101 3.99 -25.00 -39.57
CA ASP C 101 3.98 -26.05 -38.55
C ASP C 101 2.60 -26.67 -38.39
N PHE C 102 1.76 -26.61 -39.42
CA PHE C 102 0.40 -27.14 -39.34
C PHE C 102 -0.20 -27.20 -40.73
N GLU C 103 -1.19 -28.07 -40.88
CA GLU C 103 -2.04 -28.12 -42.06
C GLU C 103 -3.48 -27.91 -41.66
N PRO C 104 -4.18 -26.94 -42.25
CA PRO C 104 -5.56 -26.67 -41.83
C PRO C 104 -6.47 -27.85 -42.15
N ASP C 105 -7.49 -28.03 -41.31
CA ASP C 105 -8.47 -29.09 -41.50
C ASP C 105 -9.32 -28.80 -42.75
N GLU C 106 -10.36 -29.61 -42.95
CA GLU C 106 -11.27 -29.43 -44.07
C GLU C 106 -11.84 -28.02 -44.09
N ILE C 107 -11.35 -27.18 -44.98
CA ILE C 107 -11.81 -25.79 -45.09
C ILE C 107 -13.25 -25.78 -45.57
N PRO C 108 -14.17 -25.20 -44.80
CA PRO C 108 -15.59 -25.23 -45.18
C PRO C 108 -15.84 -24.58 -46.54
N GLU C 109 -16.82 -25.10 -47.25
CA GLU C 109 -17.15 -24.60 -48.58
C GLU C 109 -17.64 -23.16 -48.50
N GLY C 110 -17.06 -22.30 -49.33
CA GLY C 110 -17.36 -20.88 -49.34
C GLY C 110 -16.31 -20.00 -48.69
N VAL C 111 -15.34 -20.60 -48.01
CA VAL C 111 -14.26 -19.85 -47.37
C VAL C 111 -13.17 -19.61 -48.40
N PHE C 112 -12.82 -18.34 -48.62
CA PHE C 112 -11.82 -17.96 -49.61
C PHE C 112 -10.44 -18.17 -49.01
N ALA C 113 -9.89 -19.37 -49.22
CA ALA C 113 -8.60 -19.74 -48.65
C ALA C 113 -7.48 -19.36 -49.61
N TYR C 114 -6.43 -18.72 -49.08
CA TYR C 114 -5.28 -18.28 -49.86
C TYR C 114 -4.01 -18.78 -49.17
N PRO C 115 -3.58 -20.02 -49.44
CA PRO C 115 -2.35 -20.53 -48.81
C PRO C 115 -1.13 -19.81 -49.35
N ILE C 116 -0.30 -19.31 -48.43
CA ILE C 116 0.90 -18.58 -48.77
C ILE C 116 2.09 -19.18 -48.02
N PRO C 117 3.12 -19.67 -48.71
CA PRO C 117 4.32 -20.17 -48.01
C PRO C 117 5.12 -19.04 -47.36
N MET C 118 4.71 -18.63 -46.17
CA MET C 118 5.39 -17.53 -45.47
C MET C 118 6.70 -18.00 -44.83
N SER C 119 6.64 -19.08 -44.04
CA SER C 119 7.85 -19.58 -43.38
C SER C 119 8.85 -20.14 -44.39
N GLN C 120 8.37 -20.67 -45.52
CA GLN C 120 9.28 -21.21 -46.54
C GLN C 120 10.14 -20.10 -47.13
N THR C 121 9.51 -19.00 -47.56
CA THR C 121 10.24 -17.90 -48.17
C THR C 121 11.20 -17.25 -47.18
N ALA C 122 10.84 -17.23 -45.89
CA ALA C 122 11.74 -16.67 -44.89
C ALA C 122 13.03 -17.49 -44.76
N LYS C 123 12.91 -18.81 -44.79
CA LYS C 123 14.11 -19.66 -44.80
C LYS C 123 14.88 -19.53 -46.10
N GLU C 124 14.17 -19.26 -47.21
CA GLU C 124 14.84 -19.09 -48.50
C GLU C 124 15.68 -17.81 -48.54
N MET C 125 15.31 -16.80 -47.76
CA MET C 125 16.06 -15.55 -47.69
C MET C 125 17.12 -15.56 -46.59
N LYS C 126 17.35 -16.70 -45.94
CA LYS C 126 18.35 -16.86 -44.89
C LYS C 126 18.08 -15.92 -43.71
N SER C 127 16.84 -15.47 -43.53
CA SER C 127 16.49 -14.52 -42.46
C SER C 127 15.04 -14.77 -42.08
N TYR C 128 14.84 -15.51 -40.98
CA TYR C 128 13.48 -15.81 -40.52
C TYR C 128 12.78 -14.61 -39.90
N ARG C 129 13.51 -13.55 -39.53
CA ARG C 129 12.86 -12.36 -38.98
C ARG C 129 11.93 -11.70 -39.98
N SER C 130 12.19 -11.85 -41.28
CA SER C 130 11.37 -11.21 -42.30
C SER C 130 10.17 -12.08 -42.70
N LYS C 131 9.77 -13.02 -41.84
CA LYS C 131 8.66 -13.90 -42.15
C LYS C 131 7.34 -13.14 -42.22
N ASN C 132 7.14 -12.17 -41.34
CA ASN C 132 5.88 -11.43 -41.33
C ASN C 132 5.75 -10.47 -42.50
N MET C 133 6.85 -10.04 -43.11
CA MET C 133 6.76 -9.13 -44.24
C MET C 133 6.21 -9.81 -45.49
N VAL C 134 6.53 -11.08 -45.70
CA VAL C 134 5.97 -11.75 -46.88
C VAL C 134 4.46 -11.86 -46.73
N ALA C 135 3.96 -12.00 -45.50
CA ALA C 135 2.51 -11.95 -45.29
C ALA C 135 1.97 -10.54 -45.44
N LEU C 136 2.78 -9.54 -45.07
CA LEU C 136 2.36 -8.15 -45.23
C LEU C 136 2.22 -7.79 -46.71
N GLY C 137 3.20 -8.17 -47.53
CA GLY C 137 3.11 -7.93 -48.95
C GLY C 137 1.97 -8.68 -49.61
N ALA C 138 1.70 -9.90 -49.13
CA ALA C 138 0.62 -10.70 -49.70
C ALA C 138 -0.74 -10.09 -49.41
N LEU C 139 -0.93 -9.59 -48.18
CA LEU C 139 -2.20 -9.00 -47.80
C LEU C 139 -2.46 -7.68 -48.52
N SER C 140 -1.41 -6.94 -48.86
CA SER C 140 -1.58 -5.67 -49.55
C SER C 140 -2.21 -5.87 -50.93
N GLU C 141 -1.78 -6.90 -51.65
CA GLU C 141 -2.33 -7.15 -52.98
C GLU C 141 -3.79 -7.59 -52.91
N LEU C 142 -4.07 -8.59 -52.07
CA LEU C 142 -5.39 -9.23 -52.09
C LEU C 142 -6.52 -8.27 -51.74
N PHE C 143 -6.25 -7.28 -50.90
CA PHE C 143 -7.31 -6.40 -50.41
C PHE C 143 -7.00 -4.93 -50.68
N ASN C 144 -6.09 -4.65 -51.60
CA ASN C 144 -5.83 -3.30 -52.10
C ASN C 144 -5.46 -2.36 -50.95
N ILE C 145 -4.42 -2.74 -50.22
CA ILE C 145 -3.80 -1.85 -49.25
C ILE C 145 -2.81 -0.96 -49.98
N SER C 146 -2.84 0.34 -49.68
CA SER C 146 -1.92 1.24 -50.36
C SER C 146 -0.50 0.77 -50.12
N GLU C 147 0.07 0.08 -51.12
CA GLU C 147 1.40 -0.52 -50.98
C GLU C 147 2.48 0.54 -50.89
N ASN C 148 2.25 1.71 -51.51
CA ASN C 148 3.28 2.75 -51.55
C ASN C 148 3.59 3.26 -50.14
N THR C 149 2.56 3.50 -49.34
CA THR C 149 2.76 3.94 -47.96
C THR C 149 3.30 2.81 -47.08
N LEU C 150 3.00 1.56 -47.42
CA LEU C 150 3.38 0.43 -46.56
C LEU C 150 4.89 0.27 -46.45
N LYS C 151 5.62 0.40 -47.56
CA LYS C 151 7.07 0.29 -47.47
C LYS C 151 7.69 1.47 -46.75
N GLU C 152 7.02 2.62 -46.72
CA GLU C 152 7.54 3.78 -46.01
C GLU C 152 7.47 3.61 -44.50
N VAL C 153 6.34 3.09 -43.99
CA VAL C 153 6.18 2.96 -42.54
C VAL C 153 7.09 1.87 -41.97
N LEU C 154 7.23 0.75 -42.69
CA LEU C 154 8.13 -0.31 -42.22
C LEU C 154 9.59 0.09 -42.37
N SER C 155 9.91 1.02 -43.27
CA SER C 155 11.28 1.51 -43.38
C SER C 155 11.64 2.40 -42.19
N ASP C 156 10.70 3.25 -41.76
CA ASP C 156 10.96 4.13 -40.63
C ASP C 156 11.11 3.36 -39.33
N LYS C 157 10.44 2.21 -39.20
CA LYS C 157 10.50 1.43 -37.98
C LYS C 157 11.70 0.48 -37.97
N PHE C 158 12.05 -0.08 -39.13
CA PHE C 158 13.11 -1.07 -39.25
C PHE C 158 14.40 -0.49 -39.81
N GLY C 159 14.46 0.82 -40.06
CA GLY C 159 15.71 1.42 -40.48
C GLY C 159 16.73 1.49 -39.37
N LYS C 160 16.26 1.56 -38.13
CA LYS C 160 17.12 1.61 -36.94
C LYS C 160 17.64 0.24 -36.54
N LYS C 161 17.31 -0.81 -37.29
CA LYS C 161 17.80 -2.16 -37.02
C LYS C 161 19.04 -2.51 -37.84
N GLY C 162 19.30 -1.77 -38.92
CA GLY C 162 20.43 -2.02 -39.78
C GLY C 162 20.10 -1.81 -41.24
N GLU C 163 21.12 -1.86 -42.11
CA GLU C 163 20.87 -1.71 -43.55
C GLU C 163 20.56 -3.03 -44.25
N GLU C 164 21.09 -4.15 -43.74
CA GLU C 164 20.81 -5.45 -44.33
C GLU C 164 19.51 -6.07 -43.84
N VAL C 165 19.04 -5.66 -42.65
CA VAL C 165 17.76 -6.14 -42.15
C VAL C 165 16.62 -5.51 -42.94
N LEU C 166 16.78 -4.23 -43.33
CA LEU C 166 15.74 -3.56 -44.09
C LEU C 166 15.65 -4.11 -45.50
N ALA C 167 16.80 -4.38 -46.13
CA ALA C 167 16.79 -4.91 -47.49
C ALA C 167 16.15 -6.29 -47.54
N PHE C 168 16.19 -7.04 -46.43
CA PHE C 168 15.54 -8.35 -46.38
C PHE C 168 14.03 -8.22 -46.23
N ASN C 169 13.58 -7.26 -45.41
CA ASN C 169 12.14 -7.06 -45.22
C ASN C 169 11.48 -6.47 -46.46
N LEU C 170 12.19 -5.59 -47.18
CA LEU C 170 11.65 -5.11 -48.45
C LEU C 170 11.57 -6.23 -49.47
N GLU C 171 12.49 -7.19 -49.42
CA GLU C 171 12.45 -8.30 -50.36
C GLU C 171 11.28 -9.23 -50.08
N ALA C 172 10.88 -9.36 -48.82
CA ALA C 172 9.73 -10.22 -48.50
C ALA C 172 8.41 -9.59 -48.94
N PHE C 173 8.33 -8.26 -48.95
CA PHE C 173 7.08 -7.59 -49.33
C PHE C 173 6.71 -7.90 -50.77
N ASP C 174 7.60 -7.58 -51.71
CA ASP C 174 7.29 -7.83 -53.11
C ASP C 174 7.37 -9.31 -53.48
N LYS C 175 8.00 -10.14 -52.63
CA LYS C 175 7.93 -11.59 -52.82
C LYS C 175 6.52 -12.11 -52.55
N GLY C 176 5.91 -11.68 -51.44
CA GLY C 176 4.50 -11.97 -51.18
C GLY C 176 3.54 -11.22 -52.07
N LYS C 177 3.98 -10.09 -52.64
CA LYS C 177 3.14 -9.32 -53.54
C LYS C 177 2.82 -10.12 -54.81
N ALA C 178 3.77 -10.91 -55.31
CA ALA C 178 3.52 -11.71 -56.51
C ALA C 178 2.68 -12.95 -56.21
N LEU C 179 2.92 -13.59 -55.07
CA LEU C 179 2.16 -14.79 -54.72
C LEU C 179 0.67 -14.53 -54.57
N ALA C 180 0.30 -13.31 -54.15
CA ALA C 180 -1.10 -13.05 -53.82
C ALA C 180 -1.97 -12.79 -55.06
N LYS C 181 -1.67 -11.72 -55.80
CA LYS C 181 -2.49 -11.37 -56.96
C LYS C 181 -2.38 -12.39 -58.09
N ALA C 182 -1.33 -13.22 -58.08
CA ALA C 182 -1.28 -14.31 -59.04
C ALA C 182 -2.41 -15.32 -58.82
N LEU C 183 -2.92 -15.40 -57.61
CA LEU C 183 -4.01 -16.32 -57.29
C LEU C 183 -5.35 -15.71 -57.70
N THR C 184 -6.36 -16.57 -57.80
CA THR C 184 -7.67 -16.15 -58.27
C THR C 184 -8.40 -15.46 -57.14
N LYS C 185 -8.58 -14.15 -57.27
CA LYS C 185 -9.25 -13.35 -56.24
C LYS C 185 -10.75 -13.60 -56.34
N ALA C 186 -11.31 -14.29 -55.35
CA ALA C 186 -12.74 -14.55 -55.30
C ALA C 186 -13.43 -13.84 -54.13
N ASP C 187 -12.66 -13.30 -53.19
CA ASP C 187 -13.26 -12.65 -52.03
C ASP C 187 -13.88 -11.31 -52.43
N PRO C 188 -14.98 -10.91 -51.79
CA PRO C 188 -15.61 -9.63 -52.12
C PRO C 188 -15.09 -8.49 -51.27
N PHE C 189 -13.96 -8.69 -50.60
CA PHE C 189 -13.46 -7.75 -49.61
C PHE C 189 -12.32 -6.92 -50.19
N ARG C 190 -12.51 -5.61 -50.25
CA ARG C 190 -11.46 -4.70 -50.72
C ARG C 190 -11.48 -3.45 -49.87
N VAL C 191 -10.30 -3.00 -49.45
CA VAL C 191 -10.18 -1.71 -48.78
C VAL C 191 -10.40 -0.60 -49.81
N ALA C 192 -11.20 0.39 -49.42
CA ALA C 192 -11.53 1.50 -50.32
C ALA C 192 -10.26 2.18 -50.82
N ASP C 193 -10.35 2.75 -52.02
CA ASP C 193 -9.20 3.39 -52.63
C ASP C 193 -8.84 4.66 -51.86
N PRO C 194 -7.57 5.05 -51.85
CA PRO C 194 -7.15 6.20 -51.03
C PRO C 194 -7.88 7.48 -51.44
N GLN C 195 -8.56 8.07 -50.47
CA GLN C 195 -9.19 9.37 -50.64
C GLN C 195 -8.31 10.43 -49.97
N GLU C 196 -8.79 11.66 -49.92
CA GLU C 196 -8.04 12.71 -49.24
C GLU C 196 -8.07 12.48 -47.73
N PRO C 197 -6.93 12.32 -47.07
CA PRO C 197 -6.92 12.08 -45.62
C PRO C 197 -7.46 13.27 -44.83
N LYS C 198 -8.60 13.09 -44.18
CA LYS C 198 -9.18 14.15 -43.37
C LYS C 198 -8.23 14.53 -42.23
N ASP C 199 -8.37 15.76 -41.74
CA ASP C 199 -7.45 16.27 -40.74
C ASP C 199 -7.63 15.57 -39.40
N VAL C 200 -6.90 14.47 -39.20
CA VAL C 200 -6.96 13.66 -38.00
C VAL C 200 -5.54 13.24 -37.64
N ILE C 201 -5.40 12.52 -36.52
CA ILE C 201 -4.15 11.88 -36.14
C ILE C 201 -4.46 10.49 -35.61
N ILE C 202 -3.46 9.61 -35.69
CA ILE C 202 -3.53 8.26 -35.14
C ILE C 202 -2.69 8.21 -33.87
N MET C 203 -3.26 7.64 -32.82
CA MET C 203 -2.60 7.62 -31.53
C MET C 203 -3.11 6.45 -30.72
N ALA C 204 -2.19 5.79 -30.00
CA ALA C 204 -2.59 4.74 -29.08
C ALA C 204 -3.11 5.37 -27.79
N GLY C 205 -3.92 4.60 -27.06
CA GLY C 205 -4.60 5.16 -25.90
C GLY C 205 -3.64 5.70 -24.86
N ASN C 206 -2.60 4.92 -24.54
CA ASN C 206 -1.63 5.36 -23.54
C ASN C 206 -0.86 6.58 -24.02
N ASP C 207 -0.43 6.58 -25.28
CA ASP C 207 0.25 7.76 -25.83
C ASP C 207 -0.64 8.98 -25.82
N ALA C 208 -1.96 8.79 -26.00
CA ALA C 208 -2.89 9.91 -25.94
C ALA C 208 -3.00 10.48 -24.54
N VAL C 209 -2.88 9.64 -23.51
CA VAL C 209 -2.92 10.12 -22.15
C VAL C 209 -1.73 11.04 -21.89
N GLY C 210 -0.56 10.66 -22.40
CA GLY C 210 0.61 11.52 -22.25
C GLY C 210 0.43 12.86 -22.92
N LEU C 211 -0.20 12.89 -24.09
CA LEU C 211 -0.41 14.15 -24.79
C LEU C 211 -1.40 15.05 -24.04
N GLY C 212 -2.51 14.48 -23.57
CA GLY C 212 -3.48 15.28 -22.84
C GLY C 212 -2.89 15.89 -21.59
N GLY C 213 -2.05 15.15 -20.88
CA GLY C 213 -1.36 15.73 -19.73
C GLY C 213 -0.47 16.88 -20.13
N ILE C 214 0.29 16.71 -21.21
CA ILE C 214 1.17 17.77 -21.68
C ILE C 214 0.36 19.00 -22.09
N LEU C 215 -0.72 18.78 -22.84
CA LEU C 215 -1.55 19.89 -23.27
C LEU C 215 -2.25 20.56 -22.08
N GLY C 216 -2.48 19.83 -21.01
CA GLY C 216 -3.11 20.37 -19.82
C GLY C 216 -2.18 21.10 -18.88
N GLY C 217 -0.91 21.27 -19.27
CA GLY C 217 0.03 22.01 -18.45
C GLY C 217 0.87 21.20 -17.50
N LEU C 218 1.09 19.92 -17.81
CA LEU C 218 1.89 19.07 -16.94
C LEU C 218 3.31 19.63 -16.81
N GLU C 219 3.85 19.55 -15.60
CA GLU C 219 5.19 20.08 -15.35
C GLU C 219 6.08 19.02 -14.72
N PHE C 220 5.49 18.08 -13.98
CA PHE C 220 6.26 17.04 -13.35
C PHE C 220 5.55 15.70 -13.51
N PHE C 221 6.30 14.68 -13.93
CA PHE C 221 5.78 13.32 -14.09
C PHE C 221 6.74 12.36 -13.41
N SER C 222 6.21 11.46 -12.58
CA SER C 222 7.00 10.44 -11.92
C SER C 222 6.36 9.09 -12.18
N ALA C 223 7.13 8.15 -12.74
CA ALA C 223 6.57 6.88 -13.17
C ALA C 223 7.40 5.71 -12.63
N TYR C 224 6.72 4.57 -12.51
CA TYR C 224 7.35 3.29 -12.28
C TYR C 224 6.72 2.30 -13.25
N PRO C 225 7.52 1.48 -13.94
CA PRO C 225 6.95 0.64 -15.01
C PRO C 225 5.96 -0.38 -14.49
N ILE C 226 4.84 -0.50 -15.20
CA ILE C 226 3.87 -1.57 -14.98
C ILE C 226 3.00 -1.65 -16.22
N THR C 227 2.75 -2.86 -16.65
CA THR C 227 1.91 -3.12 -17.82
C THR C 227 0.43 -3.06 -17.42
N PRO C 228 -0.43 -2.42 -18.22
CA PRO C 228 -0.16 -1.75 -19.50
C PRO C 228 -0.08 -0.23 -19.43
N ALA C 229 0.65 0.30 -18.45
CA ALA C 229 0.74 1.73 -18.23
C ALA C 229 2.11 2.30 -18.56
N THR C 230 3.08 1.47 -18.93
CA THR C 230 4.43 1.96 -19.15
C THR C 230 4.51 2.92 -20.34
N GLU C 231 3.63 2.78 -21.32
CA GLU C 231 3.72 3.60 -22.52
C GLU C 231 3.55 5.07 -22.21
N VAL C 232 2.67 5.40 -21.25
CA VAL C 232 2.45 6.80 -20.88
C VAL C 232 3.76 7.45 -20.44
N ALA C 233 4.55 6.74 -19.63
CA ALA C 233 5.84 7.27 -19.21
C ALA C 233 6.76 7.48 -20.40
N LYS C 234 6.70 6.59 -21.40
CA LYS C 234 7.58 6.74 -22.56
C LYS C 234 7.23 7.98 -23.37
N TYR C 235 5.95 8.21 -23.61
CA TYR C 235 5.54 9.40 -24.34
C TYR C 235 5.89 10.67 -23.56
N VAL C 236 5.64 10.66 -22.25
CA VAL C 236 5.87 11.85 -21.44
C VAL C 236 7.37 12.13 -21.29
N ALA C 237 8.17 11.08 -21.11
CA ALA C 237 9.61 11.28 -21.01
C ALA C 237 10.18 11.84 -22.31
N THR C 238 9.54 11.53 -23.44
CA THR C 238 10.04 11.98 -24.73
C THR C 238 9.71 13.44 -24.99
N HIS C 239 8.46 13.83 -24.74
CA HIS C 239 7.96 15.12 -25.20
C HIS C 239 7.85 16.18 -24.11
N LEU C 240 7.56 15.78 -22.86
CA LEU C 240 7.45 16.77 -21.80
C LEU C 240 8.74 17.57 -21.57
N PRO C 241 9.95 17.01 -21.69
CA PRO C 241 11.14 17.85 -21.57
C PRO C 241 11.18 18.98 -22.59
N LYS C 242 10.51 18.82 -23.73
CA LYS C 242 10.45 19.91 -24.71
C LYS C 242 9.65 21.10 -24.19
N CYS C 243 8.62 20.85 -23.37
CA CYS C 243 7.74 21.90 -22.86
C CYS C 243 8.14 22.39 -21.47
N GLY C 244 9.42 22.26 -21.11
CA GLY C 244 9.91 22.76 -19.84
C GLY C 244 9.63 21.89 -18.63
N GLY C 245 9.06 20.69 -18.82
CA GLY C 245 8.78 19.78 -17.73
C GLY C 245 9.88 18.74 -17.53
N ASP C 246 9.66 17.88 -16.52
CA ASP C 246 10.61 16.86 -16.15
C ASP C 246 9.87 15.55 -15.91
N LEU C 247 10.49 14.43 -16.29
CA LEU C 247 10.02 13.10 -15.92
C LEU C 247 11.13 12.40 -15.14
N VAL C 248 10.75 11.74 -14.05
CA VAL C 248 11.67 10.97 -13.21
C VAL C 248 11.09 9.58 -13.01
N GLN C 249 11.92 8.54 -13.17
CA GLN C 249 11.51 7.17 -12.88
C GLN C 249 11.87 6.85 -11.44
N ALA C 250 10.87 6.81 -10.56
CA ALA C 250 11.09 6.56 -9.15
C ALA C 250 11.39 5.08 -8.93
N GLU C 251 11.67 4.73 -7.66
CA GLU C 251 12.05 3.36 -7.33
C GLU C 251 10.85 2.44 -7.13
N ASP C 252 9.67 2.98 -6.88
CA ASP C 252 8.46 2.18 -6.77
C ASP C 252 7.25 3.11 -6.90
N GLU C 253 6.06 2.52 -6.86
CA GLU C 253 4.85 3.32 -7.02
C GLU C 253 4.63 4.24 -5.83
N ILE C 254 4.99 3.79 -4.61
CA ILE C 254 4.86 4.64 -3.43
C ILE C 254 5.74 5.88 -3.58
N ALA C 255 7.01 5.67 -3.93
CA ALA C 255 7.90 6.80 -4.20
C ALA C 255 7.37 7.65 -5.35
N SER C 256 6.71 7.00 -6.32
CA SER C 256 6.21 7.72 -7.49
C SER C 256 5.15 8.75 -7.09
N ILE C 257 4.14 8.30 -6.35
CA ILE C 257 3.08 9.21 -5.91
C ILE C 257 3.59 10.17 -4.85
N ALA C 258 4.58 9.74 -4.06
CA ALA C 258 5.17 10.63 -3.09
C ALA C 258 5.83 11.83 -3.77
N GLN C 259 6.56 11.58 -4.87
CA GLN C 259 7.18 12.67 -5.60
C GLN C 259 6.15 13.59 -6.24
N VAL C 260 5.01 13.02 -6.67
CA VAL C 260 3.96 13.85 -7.29
C VAL C 260 3.46 14.90 -6.30
N LEU C 261 3.17 14.48 -5.07
CA LEU C 261 2.74 15.43 -4.04
C LEU C 261 3.85 16.43 -3.74
N GLY C 262 5.10 15.96 -3.69
CA GLY C 262 6.21 16.86 -3.43
C GLY C 262 6.32 17.95 -4.47
N ALA C 263 6.16 17.59 -5.75
CA ALA C 263 6.22 18.58 -6.81
C ALA C 263 4.96 19.44 -6.86
N SER C 264 3.81 18.88 -6.46
CA SER C 264 2.58 19.65 -6.47
C SER C 264 2.55 20.65 -5.31
N TYR C 265 3.07 20.25 -4.14
CA TYR C 265 3.23 21.20 -3.05
C TYR C 265 4.17 22.34 -3.45
N ALA C 266 5.15 22.07 -4.29
CA ALA C 266 6.02 23.11 -4.80
C ALA C 266 5.31 24.02 -5.80
N GLY C 267 4.11 23.68 -6.25
CA GLY C 267 3.32 24.53 -7.10
C GLY C 267 3.19 24.10 -8.54
N LYS C 268 3.74 22.96 -8.94
CA LYS C 268 3.69 22.50 -10.32
C LYS C 268 2.63 21.42 -10.51
N LYS C 269 2.00 21.42 -11.68
CA LYS C 269 1.04 20.38 -12.02
C LYS C 269 1.76 19.05 -12.20
N SER C 270 1.37 18.06 -11.41
CA SER C 270 2.07 16.78 -11.39
C SER C 270 1.07 15.64 -11.55
N MET C 271 1.56 14.52 -12.08
CA MET C 271 0.71 13.36 -12.31
C MET C 271 1.58 12.12 -12.41
N THR C 272 0.93 10.96 -12.40
CA THR C 272 1.61 9.69 -12.60
C THR C 272 0.63 8.71 -13.24
N ALA C 273 1.20 7.61 -13.75
CA ALA C 273 0.42 6.55 -14.37
C ALA C 273 0.90 5.20 -13.84
N THR C 274 -0.04 4.29 -13.63
CA THR C 274 0.27 2.97 -13.08
C THR C 274 -0.87 2.02 -13.40
N SER C 275 -0.87 0.86 -12.76
CA SER C 275 -1.95 -0.10 -12.93
C SER C 275 -2.48 -0.57 -11.57
N GLY C 276 -3.26 -1.66 -11.58
CA GLY C 276 -3.87 -2.18 -10.38
C GLY C 276 -2.95 -2.32 -9.18
N PRO C 277 -1.93 -3.17 -9.28
CA PRO C 277 -1.02 -3.34 -8.14
C PRO C 277 -0.38 -2.03 -7.70
N GLY C 278 -0.14 -1.11 -8.62
CA GLY C 278 0.47 0.16 -8.23
C GLY C 278 -0.49 1.06 -7.47
N LEU C 279 -1.73 1.17 -7.94
CA LEU C 279 -2.72 1.97 -7.24
C LEU C 279 -2.93 1.46 -5.82
N ALA C 280 -2.93 0.14 -5.63
CA ALA C 280 -3.07 -0.40 -4.29
C ALA C 280 -1.87 -0.04 -3.41
N LEU C 281 -0.69 0.13 -4.01
CA LEU C 281 0.46 0.60 -3.23
C LEU C 281 0.37 2.09 -2.94
N MET C 282 -0.34 2.85 -3.78
CA MET C 282 -0.48 4.29 -3.59
C MET C 282 -1.59 4.65 -2.62
N SER C 283 -2.24 3.68 -2.01
CA SER C 283 -3.45 3.96 -1.23
C SER C 283 -3.17 4.93 -0.09
N GLU C 284 -2.10 4.68 0.68
CA GLU C 284 -1.84 5.54 1.83
C GLU C 284 -1.49 6.96 1.41
N MET C 285 -0.69 7.10 0.34
CA MET C 285 -0.28 8.45 -0.07
C MET C 285 -1.43 9.21 -0.69
N LEU C 286 -2.38 8.52 -1.32
CA LEU C 286 -3.54 9.21 -1.86
C LEU C 286 -4.43 9.74 -0.75
N GLY C 287 -4.43 9.08 0.41
CA GLY C 287 -5.14 9.62 1.56
C GLY C 287 -4.50 10.88 2.08
N MET C 288 -3.16 10.90 2.13
CA MET C 288 -2.43 12.13 2.46
C MET C 288 -2.83 13.26 1.53
N ALA C 289 -3.00 12.97 0.24
CA ALA C 289 -3.38 14.00 -0.71
C ALA C 289 -4.77 14.56 -0.39
N HIS C 290 -5.70 13.70 0.05
CA HIS C 290 -7.04 14.19 0.39
C HIS C 290 -7.00 15.03 1.66
N MET C 291 -6.31 14.55 2.70
CA MET C 291 -6.30 15.26 3.98
C MET C 291 -5.59 16.61 3.85
N SER C 292 -4.41 16.63 3.23
CA SER C 292 -3.65 17.86 3.08
C SER C 292 -4.20 18.75 1.97
N GLU C 293 -5.17 18.26 1.19
CA GLU C 293 -5.77 19.01 0.08
C GLU C 293 -4.71 19.43 -0.93
N THR C 294 -3.88 18.46 -1.33
CA THR C 294 -2.84 18.69 -2.33
C THR C 294 -3.26 18.09 -3.66
N PRO C 295 -3.24 18.85 -4.75
CA PRO C 295 -3.66 18.30 -6.04
C PRO C 295 -2.69 17.24 -6.55
N CYS C 296 -3.23 16.17 -7.11
CA CYS C 296 -2.41 15.16 -7.76
C CYS C 296 -3.31 14.28 -8.63
N LEU C 297 -2.74 13.81 -9.73
CA LEU C 297 -3.46 12.99 -10.70
C LEU C 297 -2.80 11.63 -10.79
N VAL C 298 -3.62 10.58 -10.77
CA VAL C 298 -3.15 9.20 -10.92
C VAL C 298 -3.98 8.55 -12.01
N VAL C 299 -3.32 8.13 -13.10
CA VAL C 299 -3.98 7.43 -14.18
C VAL C 299 -3.73 5.93 -13.98
N ASP C 300 -4.80 5.19 -13.72
CA ASP C 300 -4.73 3.75 -13.49
C ASP C 300 -5.27 3.03 -14.72
N VAL C 301 -4.35 2.55 -15.56
CA VAL C 301 -4.71 1.72 -16.71
C VAL C 301 -5.04 0.33 -16.16
N GLN C 302 -6.32 -0.01 -16.09
CA GLN C 302 -6.73 -1.24 -15.43
C GLN C 302 -6.31 -2.46 -16.23
N ARG C 303 -5.74 -3.45 -15.55
CA ARG C 303 -5.42 -4.76 -16.11
C ARG C 303 -6.23 -5.81 -15.36
N GLY C 304 -5.94 -7.08 -15.64
CA GLY C 304 -6.66 -8.16 -14.99
C GLY C 304 -6.17 -8.41 -13.57
N GLY C 305 -7.11 -8.67 -12.68
CA GLY C 305 -6.80 -8.98 -11.30
C GLY C 305 -7.54 -10.20 -10.82
N PRO C 306 -7.43 -10.52 -9.53
CA PRO C 306 -6.66 -9.80 -8.51
C PRO C 306 -5.18 -10.14 -8.50
N SER C 307 -4.44 -9.56 -7.54
CA SER C 307 -3.01 -9.75 -7.41
C SER C 307 -2.29 -9.53 -8.72
N THR C 308 -1.29 -10.36 -9.03
CA THR C 308 -0.59 -10.22 -10.31
C THR C 308 -1.55 -10.41 -11.48
N GLY C 309 -2.56 -11.27 -11.31
CA GLY C 309 -3.68 -11.36 -12.23
C GLY C 309 -3.26 -11.72 -13.65
N LEU C 310 -3.88 -11.05 -14.61
CA LEU C 310 -3.60 -11.22 -16.04
C LEU C 310 -3.05 -9.89 -16.53
N PRO C 311 -1.73 -9.70 -16.49
CA PRO C 311 -1.16 -8.37 -16.75
C PRO C 311 -1.44 -7.81 -18.13
N THR C 312 -1.78 -8.63 -19.12
CA THR C 312 -1.94 -8.15 -20.49
C THR C 312 -3.39 -8.18 -20.98
N LYS C 313 -4.33 -8.67 -20.19
CA LYS C 313 -5.70 -8.82 -20.64
C LYS C 313 -6.53 -7.59 -20.29
N HIS C 314 -7.82 -7.67 -20.59
CA HIS C 314 -8.75 -6.54 -20.48
C HIS C 314 -9.66 -6.73 -19.28
N GLU C 315 -9.78 -5.68 -18.47
CA GLU C 315 -10.60 -5.75 -17.27
C GLU C 315 -10.79 -4.35 -16.71
N GLN C 316 -11.98 -4.08 -16.17
CA GLN C 316 -12.28 -2.84 -15.47
C GLN C 316 -12.72 -3.20 -14.06
N SER C 317 -11.76 -3.59 -13.22
CA SER C 317 -12.05 -4.12 -11.90
C SER C 317 -11.45 -3.28 -10.77
N ASP C 318 -10.98 -2.07 -11.07
CA ASP C 318 -10.37 -1.20 -10.07
C ASP C 318 -11.32 -0.12 -9.57
N LEU C 319 -12.63 -0.30 -9.75
CA LEU C 319 -13.57 0.71 -9.25
C LEU C 319 -13.73 0.62 -7.74
N PHE C 320 -13.71 -0.60 -7.20
CA PHE C 320 -13.74 -0.75 -5.74
C PHE C 320 -12.50 -0.12 -5.10
N LEU C 321 -11.33 -0.27 -5.75
CA LEU C 321 -10.11 0.27 -5.20
C LEU C 321 -10.01 1.78 -5.37
N ALA C 322 -10.47 2.31 -6.51
CA ALA C 322 -10.32 3.73 -6.78
C ALA C 322 -11.10 4.57 -5.78
N ILE C 323 -12.27 4.08 -5.36
CA ILE C 323 -13.17 4.88 -4.53
C ILE C 323 -12.96 4.62 -3.04
N HIS C 324 -12.86 3.35 -2.65
CA HIS C 324 -12.76 2.97 -1.25
C HIS C 324 -11.37 2.48 -0.86
N GLY C 325 -10.34 2.88 -1.59
CA GLY C 325 -9.00 2.35 -1.36
C GLY C 325 -8.24 2.96 -0.21
N GLY C 326 -8.78 4.00 0.44
CA GLY C 326 -8.09 4.69 1.51
C GLY C 326 -8.68 4.35 2.87
N HIS C 327 -7.82 4.32 3.89
CA HIS C 327 -8.29 4.12 5.25
C HIS C 327 -9.01 5.36 5.76
N GLY C 328 -9.99 5.14 6.62
CA GLY C 328 -10.82 6.24 7.05
C GLY C 328 -11.71 6.75 5.92
N ASP C 329 -12.29 7.92 6.16
CA ASP C 329 -13.13 8.59 5.17
C ASP C 329 -12.21 9.42 4.27
N SER C 330 -11.83 8.83 3.14
CA SER C 330 -10.79 9.38 2.27
C SER C 330 -11.23 9.26 0.82
N PRO C 331 -12.13 10.14 0.38
CA PRO C 331 -12.69 10.03 -0.97
C PRO C 331 -11.77 10.57 -2.06
N ARG C 332 -12.03 10.13 -3.29
CA ARG C 332 -11.30 10.56 -4.46
C ARG C 332 -12.29 10.95 -5.55
N ILE C 333 -11.80 11.71 -6.53
CA ILE C 333 -12.58 12.07 -7.71
C ILE C 333 -12.18 11.10 -8.81
N VAL C 334 -13.13 10.27 -9.25
CA VAL C 334 -12.85 9.15 -10.15
C VAL C 334 -13.55 9.39 -11.48
N LEU C 335 -12.77 9.35 -12.56
CA LEU C 335 -13.24 9.44 -13.93
C LEU C 335 -12.90 8.14 -14.65
N SER C 336 -13.50 7.96 -15.84
CA SER C 336 -13.20 6.78 -16.65
C SER C 336 -13.33 7.15 -18.11
N VAL C 337 -12.25 6.95 -18.87
CA VAL C 337 -12.23 7.32 -20.29
C VAL C 337 -12.88 6.21 -21.12
N GLU C 338 -13.21 6.55 -22.37
CA GLU C 338 -13.86 5.64 -23.31
C GLU C 338 -13.07 5.38 -24.57
N ASP C 339 -12.51 6.43 -25.18
CA ASP C 339 -11.80 6.28 -26.45
C ASP C 339 -10.54 7.13 -26.42
N VAL C 340 -9.81 7.15 -27.54
CA VAL C 340 -8.59 7.95 -27.62
C VAL C 340 -8.90 9.43 -27.46
N LYS C 341 -10.09 9.87 -27.88
CA LYS C 341 -10.49 11.25 -27.63
C LYS C 341 -10.47 11.57 -26.14
N ASP C 342 -11.12 10.73 -25.34
CA ASP C 342 -11.15 10.96 -23.90
C ASP C 342 -9.76 10.88 -23.28
N CYS C 343 -8.88 10.03 -23.83
CA CYS C 343 -7.54 9.92 -23.27
C CYS C 343 -6.77 11.23 -23.34
N ILE C 344 -7.17 12.15 -24.19
CA ILE C 344 -6.60 13.49 -24.21
C ILE C 344 -7.47 14.48 -23.41
N SER C 345 -8.76 14.56 -23.74
CA SER C 345 -9.63 15.55 -23.12
C SER C 345 -9.83 15.28 -21.63
N MET C 346 -10.10 14.02 -21.27
CA MET C 346 -10.37 13.70 -19.86
C MET C 346 -9.09 13.67 -19.02
N THR C 347 -7.92 13.49 -19.64
CA THR C 347 -6.68 13.70 -18.90
C THR C 347 -6.47 15.18 -18.60
N VAL C 348 -6.87 16.05 -19.52
CA VAL C 348 -6.91 17.48 -19.21
C VAL C 348 -7.89 17.72 -18.06
N ASP C 349 -9.09 17.13 -18.14
CA ASP C 349 -10.07 17.30 -17.07
C ASP C 349 -9.52 16.82 -15.74
N GLY C 350 -8.76 15.72 -15.74
CA GLY C 350 -8.20 15.23 -14.49
C GLY C 350 -7.27 16.24 -13.85
N LEU C 351 -6.33 16.77 -14.63
CA LEU C 351 -5.43 17.80 -14.10
C LEU C 351 -6.19 19.05 -13.69
N ASN C 352 -7.23 19.42 -14.45
CA ASN C 352 -8.03 20.58 -14.10
C ASN C 352 -8.81 20.34 -12.81
N LEU C 353 -9.57 19.25 -12.74
CA LEU C 353 -10.34 18.95 -11.54
C LEU C 353 -9.45 18.80 -10.32
N ALA C 354 -8.22 18.31 -10.51
CA ALA C 354 -7.28 18.26 -9.39
C ALA C 354 -6.85 19.66 -8.97
N GLU C 355 -6.53 20.52 -9.95
CA GLU C 355 -6.14 21.89 -9.62
C GLU C 355 -7.28 22.67 -9.00
N LYS C 356 -8.50 22.53 -9.54
CA LYS C 356 -9.60 23.37 -9.08
C LYS C 356 -10.05 22.98 -7.69
N TYR C 357 -10.02 21.69 -7.36
CA TYR C 357 -10.58 21.20 -6.10
C TYR C 357 -9.54 20.69 -5.13
N GLN C 358 -8.25 20.79 -5.45
CA GLN C 358 -7.17 20.44 -4.53
C GLN C 358 -7.42 19.08 -3.88
N ALA C 359 -7.54 18.06 -4.73
CA ALA C 359 -7.96 16.75 -4.28
C ALA C 359 -7.29 15.70 -5.15
N PRO C 360 -7.19 14.45 -4.67
CA PRO C 360 -6.65 13.39 -5.53
C PRO C 360 -7.67 12.97 -6.57
N VAL C 361 -7.26 12.99 -7.83
CA VAL C 361 -8.10 12.60 -8.97
C VAL C 361 -7.52 11.33 -9.57
N ILE C 362 -8.39 10.36 -9.84
CA ILE C 362 -7.99 9.10 -10.46
C ILE C 362 -8.74 8.97 -11.78
N VAL C 363 -8.01 8.72 -12.86
CA VAL C 363 -8.59 8.49 -14.18
C VAL C 363 -8.38 7.02 -14.52
N LEU C 364 -9.48 6.28 -14.64
CA LEU C 364 -9.43 4.85 -14.94
C LEU C 364 -9.51 4.62 -16.44
N SER C 365 -8.50 3.96 -16.99
CA SER C 365 -8.51 3.45 -18.35
C SER C 365 -8.60 1.93 -18.30
N ASP C 366 -8.18 1.26 -19.37
CA ASP C 366 -8.12 -0.20 -19.36
C ASP C 366 -7.11 -0.67 -20.41
N GLY C 367 -6.87 -1.98 -20.42
CA GLY C 367 -5.77 -2.51 -21.22
C GLY C 367 -6.01 -2.51 -22.71
N SER C 368 -7.25 -2.75 -23.13
CA SER C 368 -7.57 -2.72 -24.56
C SER C 368 -7.37 -1.31 -25.11
N LEU C 369 -8.09 -0.34 -24.55
CA LEU C 369 -7.97 1.05 -25.02
C LEU C 369 -6.54 1.54 -24.93
N ALA C 370 -5.73 0.99 -24.02
CA ALA C 370 -4.34 1.42 -23.90
C ALA C 370 -3.59 1.21 -25.21
N PHE C 371 -3.79 0.05 -25.84
CA PHE C 371 -3.07 -0.29 -27.05
C PHE C 371 -3.85 -0.04 -28.33
N SER C 372 -5.17 0.08 -28.23
CA SER C 372 -5.97 0.41 -29.42
C SER C 372 -5.58 1.79 -29.95
N THR C 373 -5.32 1.86 -31.24
CA THR C 373 -5.06 3.11 -31.93
C THR C 373 -6.30 3.53 -32.68
N GLN C 374 -6.60 4.83 -32.67
CA GLN C 374 -7.77 5.37 -33.34
C GLN C 374 -7.38 6.60 -34.14
N THR C 375 -8.29 6.99 -35.04
CA THR C 375 -8.20 8.26 -35.75
C THR C 375 -9.08 9.28 -35.01
N ILE C 376 -8.46 10.35 -34.53
CA ILE C 376 -9.20 11.39 -33.82
C ILE C 376 -8.88 12.75 -34.45
N PRO C 377 -9.81 13.71 -34.41
CA PRO C 377 -9.53 15.03 -34.97
C PRO C 377 -8.29 15.67 -34.37
N ARG C 378 -7.52 16.36 -35.22
CA ARG C 378 -6.24 16.96 -34.83
C ARG C 378 -6.43 18.00 -33.74
N PRO C 379 -5.84 17.80 -32.56
CA PRO C 379 -6.04 18.75 -31.46
C PRO C 379 -5.14 19.98 -31.59
N LYS C 380 -5.65 21.10 -31.06
CA LYS C 380 -4.90 22.33 -30.98
C LYS C 380 -4.77 22.75 -29.52
N PRO C 381 -3.57 23.17 -29.09
CA PRO C 381 -3.36 23.41 -27.66
C PRO C 381 -4.34 24.37 -27.02
N GLU C 382 -4.87 25.31 -27.81
CA GLU C 382 -5.83 26.29 -27.31
C GLU C 382 -7.28 25.80 -27.37
N ASP C 383 -7.51 24.59 -27.89
CA ASP C 383 -8.86 24.03 -27.90
C ASP C 383 -9.34 23.66 -26.51
N PHE C 384 -8.42 23.51 -25.55
CA PHE C 384 -8.72 22.93 -24.25
C PHE C 384 -8.77 24.02 -23.19
N THR C 385 -9.79 23.97 -22.35
CA THR C 385 -9.87 24.87 -21.20
C THR C 385 -8.87 24.42 -20.14
N ILE C 386 -8.06 25.36 -19.64
CA ILE C 386 -7.07 25.08 -18.61
C ILE C 386 -7.51 25.79 -17.32
N ILE C 387 -7.56 25.04 -16.23
CA ILE C 387 -7.88 25.57 -14.91
C ILE C 387 -6.62 25.50 -14.06
N ASN C 388 -6.42 26.52 -13.22
CA ASN C 388 -5.28 26.56 -12.31
C ASN C 388 -5.78 26.64 -10.88
N ARG C 389 -4.92 26.25 -9.95
CA ARG C 389 -5.27 26.23 -8.54
C ARG C 389 -5.52 27.64 -8.01
N LYS C 390 -6.44 27.73 -7.05
CA LYS C 390 -6.74 29.02 -6.43
C LYS C 390 -5.53 29.52 -5.65
N THR C 391 -4.96 30.64 -6.08
CA THR C 391 -3.77 31.21 -5.47
C THR C 391 -4.13 32.39 -4.57
N TRP C 392 -3.38 32.52 -3.46
CA TRP C 392 -3.59 33.60 -2.53
C TRP C 392 -3.28 34.95 -3.17
N ASP C 393 -4.11 35.94 -2.87
CA ASP C 393 -3.91 37.28 -3.43
C ASP C 393 -2.90 38.12 -2.66
N GLY C 394 -2.33 37.57 -1.59
CA GLY C 394 -1.40 38.31 -0.76
C GLY C 394 -2.04 39.22 0.26
N GLN C 395 -3.36 39.42 0.21
CA GLN C 395 -4.02 40.34 1.13
C GLN C 395 -4.32 39.63 2.45
N GLY C 396 -3.95 40.28 3.54
CA GLY C 396 -4.23 39.76 4.86
C GLY C 396 -3.16 38.80 5.34
N THR C 397 -3.54 38.00 6.33
CA THR C 397 -2.67 36.97 6.90
C THR C 397 -3.05 35.61 6.32
N TYR C 398 -2.06 34.88 5.84
CA TYR C 398 -2.33 33.66 5.09
C TYR C 398 -2.59 32.48 6.02
N LYS C 399 -3.55 31.64 5.62
CA LYS C 399 -3.86 30.40 6.31
C LYS C 399 -4.08 29.31 5.28
N ARG C 400 -3.29 28.23 5.35
CA ARG C 400 -3.32 27.22 4.30
C ARG C 400 -4.67 26.53 4.20
N TYR C 401 -5.33 26.30 5.34
CA TYR C 401 -6.62 25.62 5.32
C TYR C 401 -7.71 26.54 5.81
N GLU C 402 -7.73 27.77 5.31
CA GLU C 402 -8.74 28.73 5.69
C GLU C 402 -10.12 28.28 5.24
N LEU C 403 -11.12 28.50 6.09
CA LEU C 403 -12.49 28.20 5.73
C LEU C 403 -13.03 29.32 4.86
N THR C 404 -13.41 28.99 3.62
CA THR C 404 -13.96 29.96 2.68
C THR C 404 -15.37 29.54 2.29
N GLU C 405 -16.00 30.36 1.43
CA GLU C 405 -17.38 30.11 1.07
C GLU C 405 -17.54 28.87 0.19
N ASP C 406 -16.54 28.56 -0.65
CA ASP C 406 -16.58 27.38 -1.50
C ASP C 406 -15.71 26.23 -0.98
N ASN C 407 -15.19 26.34 0.25
CA ASN C 407 -14.36 25.34 0.91
C ASN C 407 -13.01 25.13 0.23
N ILE C 408 -12.64 25.98 -0.73
CA ILE C 408 -11.36 25.88 -1.42
C ILE C 408 -10.43 26.94 -0.85
N SER C 409 -9.47 26.51 -0.04
CA SER C 409 -8.49 27.44 0.53
C SER C 409 -7.45 27.82 -0.52
N PRO C 410 -7.12 29.09 -0.67
CA PRO C 410 -6.13 29.49 -1.69
C PRO C 410 -4.75 28.90 -1.39
N MET C 411 -4.10 28.41 -2.45
CA MET C 411 -2.79 27.81 -2.31
C MET C 411 -1.69 28.85 -2.55
N ALA C 412 -0.49 28.53 -2.08
CA ALA C 412 0.67 29.40 -2.26
C ALA C 412 1.90 28.52 -2.38
N ALA C 413 2.57 28.58 -3.52
CA ALA C 413 3.78 27.80 -3.71
C ALA C 413 4.90 28.35 -2.83
N PRO C 414 5.84 27.50 -2.43
CA PRO C 414 7.01 28.00 -1.69
C PRO C 414 7.71 29.09 -2.47
N GLY C 415 8.25 30.06 -1.73
CA GLY C 415 8.79 31.26 -2.30
C GLY C 415 7.84 32.43 -2.28
N THR C 416 6.54 32.17 -2.17
CA THR C 416 5.55 33.25 -2.08
C THR C 416 5.73 34.01 -0.77
N PRO C 417 5.95 35.33 -0.81
CA PRO C 417 6.19 36.07 0.44
C PRO C 417 4.96 36.08 1.33
N ASN C 418 5.22 36.07 2.64
CA ASN C 418 4.20 36.15 3.68
C ASN C 418 3.22 34.98 3.64
N ALA C 419 3.60 33.87 3.00
CA ALA C 419 2.71 32.72 2.87
C ALA C 419 3.32 31.44 3.42
N LYS C 420 4.29 31.54 4.32
CA LYS C 420 4.85 30.35 4.94
C LYS C 420 3.74 29.58 5.66
N HIS C 421 3.63 28.29 5.35
CA HIS C 421 2.56 27.46 5.85
C HIS C 421 3.05 26.02 5.90
N ILE C 422 2.19 25.14 6.42
CA ILE C 422 2.50 23.71 6.44
C ILE C 422 1.35 22.94 5.81
N ALA C 423 1.70 21.94 5.01
CA ALA C 423 0.75 20.94 4.55
C ALA C 423 0.98 19.66 5.34
N THR C 424 -0.09 19.13 5.91
CA THR C 424 0.03 18.05 6.90
C THR C 424 -1.02 16.97 6.64
N GLY C 425 -0.69 15.76 7.09
CA GLY C 425 -1.60 14.63 6.98
C GLY C 425 -2.37 14.42 8.28
N LEU C 426 -1.88 15.00 9.37
CA LEU C 426 -2.61 15.00 10.61
C LEU C 426 -3.85 15.88 10.49
N GLU C 427 -4.89 15.54 11.25
CA GLU C 427 -6.04 16.42 11.30
C GLU C 427 -5.61 17.77 11.87
N HIS C 428 -6.15 18.84 11.29
CA HIS C 428 -5.55 20.16 11.45
C HIS C 428 -6.63 21.23 11.53
N GLY C 429 -6.19 22.42 11.96
CA GLY C 429 -7.02 23.60 11.92
C GLY C 429 -6.73 24.45 10.69
N GLU C 430 -7.24 25.69 10.72
CA GLU C 430 -7.11 26.56 9.56
C GLU C 430 -5.65 26.84 9.20
N THR C 431 -4.76 26.84 10.19
CA THR C 431 -3.36 27.18 9.97
C THR C 431 -2.47 25.96 9.77
N GLY C 432 -3.06 24.76 9.74
CA GLY C 432 -2.30 23.54 9.54
C GLY C 432 -1.74 22.91 10.80
N ALA C 433 -2.02 23.46 11.97
CA ALA C 433 -1.53 22.87 13.20
C ALA C 433 -2.39 21.67 13.59
N PRO C 434 -1.78 20.64 14.19
CA PRO C 434 -2.55 19.45 14.59
C PRO C 434 -3.67 19.82 15.55
N ASN C 435 -4.87 19.31 15.27
CA ASN C 435 -6.07 19.64 16.02
C ASN C 435 -6.93 18.39 16.15
N TYR C 436 -6.99 17.83 17.37
CA TYR C 436 -7.72 16.61 17.62
C TYR C 436 -9.10 16.83 18.25
N SER C 437 -9.60 18.06 18.25
CA SER C 437 -10.86 18.34 18.92
C SER C 437 -12.03 17.79 18.11
N PRO C 438 -13.12 17.39 18.78
CA PRO C 438 -14.27 16.84 18.05
C PRO C 438 -14.88 17.78 17.03
N ALA C 439 -15.17 19.03 17.42
CA ALA C 439 -15.86 19.95 16.52
C ALA C 439 -15.02 20.25 15.27
N ASN C 440 -13.69 20.26 15.41
CA ASN C 440 -12.83 20.55 14.26
C ASN C 440 -12.82 19.39 13.27
N HIS C 441 -12.83 18.15 13.78
CA HIS C 441 -12.87 17.00 12.91
C HIS C 441 -14.17 16.98 12.09
N GLU C 442 -15.29 17.29 12.72
CA GLU C 442 -16.55 17.40 11.99
C GLU C 442 -16.52 18.56 11.02
N LEU C 443 -15.87 19.66 11.40
CA LEU C 443 -15.87 20.84 10.55
C LEU C 443 -14.99 20.62 9.33
N MET C 444 -13.83 19.99 9.51
CA MET C 444 -12.92 19.76 8.41
C MET C 444 -13.39 18.62 7.51
N HIS C 445 -14.04 17.60 8.06
CA HIS C 445 -14.65 16.58 7.22
C HIS C 445 -15.69 17.19 6.30
N ARG C 446 -16.50 18.11 6.82
CA ARG C 446 -17.52 18.76 5.99
C ARG C 446 -16.90 19.70 4.99
N LYS C 447 -15.76 20.31 5.32
CA LYS C 447 -15.06 21.18 4.38
C LYS C 447 -14.57 20.40 3.17
N ARG C 448 -13.80 19.34 3.41
CA ARG C 448 -13.18 18.61 2.31
C ARG C 448 -14.21 17.82 1.50
N PHE C 449 -15.25 17.30 2.16
CA PHE C 449 -16.27 16.55 1.44
C PHE C 449 -17.15 17.48 0.60
N ASN C 450 -17.67 18.56 1.21
CA ASN C 450 -18.47 19.50 0.45
C ASN C 450 -17.66 20.11 -0.70
N LYS C 451 -16.35 20.29 -0.51
CA LYS C 451 -15.50 20.77 -1.59
C LYS C 451 -15.49 19.80 -2.75
N GLN C 452 -15.16 18.54 -2.48
CA GLN C 452 -15.06 17.56 -3.55
C GLN C 452 -16.43 17.21 -4.11
N ASN C 453 -17.45 17.14 -3.26
CA ASN C 453 -18.80 16.84 -3.74
C ASN C 453 -19.34 17.90 -4.68
N SER C 454 -18.84 19.14 -4.60
CA SER C 454 -19.33 20.21 -5.47
C SER C 454 -18.86 20.04 -6.91
N VAL C 455 -18.13 18.98 -7.24
CA VAL C 455 -17.80 18.72 -8.64
C VAL C 455 -19.07 18.43 -9.43
N LEU C 456 -20.07 17.82 -8.79
CA LEU C 456 -21.35 17.58 -9.45
C LEU C 456 -22.01 18.87 -9.92
N ASP C 457 -21.69 20.00 -9.29
CA ASP C 457 -22.21 21.30 -9.69
C ASP C 457 -21.36 21.96 -10.77
N PHE C 458 -20.30 21.31 -11.23
CA PHE C 458 -19.40 21.91 -12.20
C PHE C 458 -19.03 20.99 -13.35
N TYR C 459 -18.80 19.71 -13.09
CA TYR C 459 -18.40 18.75 -14.12
C TYR C 459 -19.51 17.72 -14.32
N LYS C 460 -20.07 17.70 -15.53
CA LYS C 460 -21.11 16.75 -15.90
C LYS C 460 -20.70 16.09 -17.21
N ASN C 461 -20.42 14.77 -17.14
CA ASN C 461 -20.00 13.97 -18.30
C ASN C 461 -20.72 12.63 -18.19
N MET C 462 -22.00 12.61 -18.60
CA MET C 462 -22.83 11.42 -18.59
C MET C 462 -23.85 11.54 -19.72
N GLU C 463 -23.36 11.36 -20.96
CA GLU C 463 -24.19 11.47 -22.14
C GLU C 463 -25.33 10.45 -22.09
N VAL C 464 -26.46 10.83 -22.67
CA VAL C 464 -27.62 9.95 -22.79
C VAL C 464 -28.07 9.95 -24.24
N GLU C 465 -28.24 8.77 -24.81
CA GLU C 465 -28.72 8.62 -26.18
C GLU C 465 -29.72 7.48 -26.24
N GLY C 466 -30.54 7.48 -27.30
CA GLY C 466 -31.55 6.48 -27.50
C GLY C 466 -32.93 7.09 -27.68
N VAL C 467 -33.95 6.34 -27.28
CA VAL C 467 -35.32 6.80 -27.41
C VAL C 467 -35.58 7.95 -26.45
N GLU C 468 -36.51 8.83 -26.83
CA GLU C 468 -36.82 10.01 -26.04
C GLU C 468 -37.88 9.76 -24.98
N GLY C 469 -38.85 8.90 -25.27
CA GLY C 469 -39.91 8.58 -24.34
C GLY C 469 -39.53 7.47 -23.39
N GLU C 470 -40.54 6.80 -22.86
CA GLU C 470 -40.30 5.64 -22.01
C GLU C 470 -39.59 4.55 -22.81
N ALA C 471 -38.73 3.80 -22.12
CA ALA C 471 -37.92 2.76 -22.75
C ALA C 471 -38.17 1.43 -22.07
N ASP C 472 -38.07 0.36 -22.86
CA ASP C 472 -38.25 -0.99 -22.32
C ASP C 472 -37.03 -1.44 -21.52
N VAL C 473 -35.84 -1.04 -21.95
CA VAL C 473 -34.58 -1.43 -21.30
C VAL C 473 -33.60 -0.26 -21.40
N GLY C 474 -32.99 0.09 -20.27
CA GLY C 474 -31.93 1.08 -20.23
C GLY C 474 -30.58 0.43 -20.02
N ILE C 475 -29.54 1.02 -20.61
CA ILE C 475 -28.19 0.47 -20.56
C ILE C 475 -27.27 1.50 -19.93
N ILE C 476 -26.57 1.11 -18.86
CA ILE C 476 -25.59 1.95 -18.19
C ILE C 476 -24.27 1.20 -18.15
N THR C 477 -23.21 1.81 -18.67
CA THR C 477 -21.90 1.19 -18.65
C THR C 477 -20.83 2.27 -18.62
N TRP C 478 -19.61 1.87 -18.25
CA TRP C 478 -18.50 2.79 -18.10
C TRP C 478 -17.25 2.20 -18.75
N GLY C 479 -16.24 3.04 -18.93
CA GLY C 479 -14.99 2.60 -19.53
C GLY C 479 -15.08 2.49 -21.05
N SER C 480 -14.26 1.58 -21.60
CA SER C 480 -14.29 1.31 -23.04
C SER C 480 -15.52 0.50 -23.44
N THR C 481 -16.24 -0.09 -22.49
CA THR C 481 -17.51 -0.73 -22.79
C THR C 481 -18.51 0.25 -23.38
N ILE C 482 -18.34 1.55 -23.13
CA ILE C 482 -19.22 2.57 -23.69
C ILE C 482 -19.27 2.46 -25.21
N GLY C 483 -18.09 2.47 -25.85
CA GLY C 483 -18.04 2.35 -27.29
C GLY C 483 -18.65 1.06 -27.79
N VAL C 484 -18.54 -0.02 -27.01
CA VAL C 484 -19.18 -1.27 -27.38
C VAL C 484 -20.70 -1.13 -27.34
N VAL C 485 -21.22 -0.40 -26.36
CA VAL C 485 -22.66 -0.22 -26.27
C VAL C 485 -23.16 0.79 -27.30
N ARG C 486 -22.30 1.73 -27.72
CA ARG C 486 -22.69 2.66 -28.79
C ARG C 486 -23.04 1.89 -30.05
N GLU C 487 -22.14 1.01 -30.51
CA GLU C 487 -22.42 0.23 -31.70
C GLU C 487 -23.60 -0.72 -31.48
N ALA C 488 -23.73 -1.25 -30.27
CA ALA C 488 -24.90 -2.07 -29.96
C ALA C 488 -26.19 -1.26 -30.04
N MET C 489 -26.13 0.03 -29.68
CA MET C 489 -27.32 0.87 -29.75
C MET C 489 -27.69 1.22 -31.18
N GLN C 490 -26.71 1.36 -32.07
CA GLN C 490 -27.03 1.58 -33.48
C GLN C 490 -27.89 0.46 -34.04
N ARG C 491 -27.61 -0.78 -33.63
CA ARG C 491 -28.38 -1.91 -34.13
C ARG C 491 -29.74 -2.02 -33.42
N LEU C 492 -29.79 -1.70 -32.14
CA LEU C 492 -31.04 -1.80 -31.39
C LEU C 492 -32.03 -0.73 -31.81
N THR C 493 -31.56 0.51 -32.02
CA THR C 493 -32.44 1.60 -32.43
C THR C 493 -32.86 1.49 -33.90
N ALA C 494 -32.00 0.95 -34.76
CA ALA C 494 -32.33 0.82 -36.17
C ALA C 494 -33.48 -0.16 -36.41
N GLU C 495 -33.71 -1.09 -35.49
CA GLU C 495 -34.85 -1.99 -35.57
C GLU C 495 -36.09 -1.46 -34.87
N GLY C 496 -36.02 -0.25 -34.30
CA GLY C 496 -37.18 0.34 -33.68
C GLY C 496 -37.52 -0.18 -32.29
N LEU C 497 -36.52 -0.61 -31.54
CA LEU C 497 -36.72 -1.10 -30.18
C LEU C 497 -36.67 0.06 -29.20
N LYS C 498 -37.50 -0.01 -28.16
CA LYS C 498 -37.60 1.05 -27.16
C LYS C 498 -36.51 0.86 -26.12
N VAL C 499 -35.29 1.29 -26.46
CA VAL C 499 -34.13 1.20 -25.60
C VAL C 499 -33.41 2.55 -25.57
N LYS C 500 -32.78 2.84 -24.43
CA LYS C 500 -31.95 4.03 -24.28
C LYS C 500 -30.69 3.64 -23.50
N ALA C 501 -29.65 4.46 -23.64
CA ALA C 501 -28.37 4.18 -23.04
C ALA C 501 -27.82 5.43 -22.33
N MET C 502 -27.02 5.20 -21.31
CA MET C 502 -26.36 6.27 -20.56
C MET C 502 -24.92 5.86 -20.29
N TYR C 503 -23.99 6.80 -20.51
CA TYR C 503 -22.55 6.54 -20.49
C TYR C 503 -21.88 7.41 -19.44
N PRO C 504 -21.91 7.00 -18.17
CA PRO C 504 -21.24 7.80 -17.13
C PRO C 504 -19.73 7.79 -17.31
N LYS C 505 -19.15 8.99 -17.30
CA LYS C 505 -17.70 9.15 -17.29
C LYS C 505 -17.17 9.84 -16.04
N LEU C 506 -18.05 10.44 -15.24
CA LEU C 506 -17.74 10.82 -13.86
C LEU C 506 -18.31 9.74 -12.96
N LEU C 507 -17.42 8.98 -12.32
CA LEU C 507 -17.83 7.81 -11.53
C LEU C 507 -17.96 8.11 -10.03
N TRP C 508 -17.08 8.95 -9.48
CA TRP C 508 -17.20 9.35 -8.08
C TRP C 508 -16.69 10.78 -7.96
N PRO C 509 -17.47 11.68 -7.33
CA PRO C 509 -18.80 11.39 -6.80
C PRO C 509 -19.83 11.20 -7.91
N MET C 510 -20.93 10.45 -7.64
CA MET C 510 -21.80 10.20 -8.79
C MET C 510 -23.08 11.01 -8.70
N PRO C 511 -23.53 11.58 -9.84
CA PRO C 511 -24.75 12.40 -9.82
C PRO C 511 -26.00 11.56 -9.59
N VAL C 512 -26.31 11.31 -8.31
CA VAL C 512 -27.43 10.45 -7.96
C VAL C 512 -28.72 10.94 -8.62
N ALA C 513 -28.92 12.25 -8.67
CA ALA C 513 -30.16 12.79 -9.22
C ALA C 513 -30.29 12.51 -10.72
N ASP C 514 -29.19 12.63 -11.46
CA ASP C 514 -29.24 12.34 -12.89
C ASP C 514 -29.41 10.85 -13.17
N TYR C 515 -28.85 9.98 -12.32
CA TYR C 515 -29.08 8.55 -12.46
C TYR C 515 -30.55 8.21 -12.26
N ASP C 516 -31.17 8.79 -11.23
CA ASP C 516 -32.58 8.53 -10.98
C ASP C 516 -33.46 9.11 -12.09
N ALA C 517 -33.05 10.23 -12.68
CA ALA C 517 -33.80 10.77 -13.82
C ALA C 517 -33.80 9.80 -14.98
N PHE C 518 -32.69 9.07 -15.17
CA PHE C 518 -32.61 8.07 -16.22
C PHE C 518 -33.48 6.85 -15.90
N GLY C 519 -33.23 6.24 -14.74
CA GLY C 519 -33.92 5.01 -14.34
C GLY C 519 -35.41 5.16 -14.15
N ALA C 520 -35.94 6.39 -14.17
CA ALA C 520 -37.38 6.58 -14.08
C ALA C 520 -38.10 6.18 -15.36
N THR C 521 -37.44 6.38 -16.51
CA THR C 521 -38.04 6.09 -17.81
C THR C 521 -37.64 4.73 -18.37
N CYS C 522 -37.24 3.79 -17.52
CA CYS C 522 -36.75 2.49 -17.96
C CYS C 522 -37.42 1.39 -17.17
N LYS C 523 -38.09 0.47 -17.87
CA LYS C 523 -38.65 -0.70 -17.21
C LYS C 523 -37.55 -1.54 -16.58
N LYS C 524 -36.47 -1.77 -17.32
CA LYS C 524 -35.31 -2.53 -16.83
C LYS C 524 -34.04 -1.77 -17.16
N VAL C 525 -33.02 -1.95 -16.31
CA VAL C 525 -31.73 -1.28 -16.47
C VAL C 525 -30.65 -2.36 -16.48
N ILE C 526 -29.86 -2.38 -17.54
CA ILE C 526 -28.79 -3.37 -17.72
C ILE C 526 -27.45 -2.67 -17.58
N VAL C 527 -26.59 -3.23 -16.72
CA VAL C 527 -25.28 -2.63 -16.47
C VAL C 527 -24.20 -3.62 -16.93
N PRO C 528 -23.70 -3.48 -18.16
CA PRO C 528 -22.62 -4.36 -18.61
C PRO C 528 -21.25 -3.82 -18.23
N GLU C 529 -20.43 -4.64 -17.57
CA GLU C 529 -19.09 -4.22 -17.19
C GLU C 529 -18.19 -5.44 -17.09
N VAL C 530 -16.91 -5.24 -17.39
CA VAL C 530 -15.95 -6.35 -17.42
C VAL C 530 -15.28 -6.38 -16.06
N ASN C 531 -16.02 -6.91 -15.08
CA ASN C 531 -15.48 -7.23 -13.77
C ASN C 531 -16.39 -8.27 -13.14
N PHE C 532 -15.84 -9.00 -12.15
CA PHE C 532 -16.54 -10.17 -11.65
C PHE C 532 -17.73 -9.78 -10.76
N GLN C 533 -17.56 -8.77 -9.92
CA GLN C 533 -18.53 -8.46 -8.87
C GLN C 533 -19.63 -7.50 -9.33
N GLY C 534 -19.56 -6.96 -10.54
CA GLY C 534 -20.50 -5.93 -10.93
C GLY C 534 -20.30 -4.67 -10.12
N GLN C 535 -19.15 -4.02 -10.31
CA GLN C 535 -18.71 -3.00 -9.36
C GLN C 535 -19.50 -1.71 -9.50
N LEU C 536 -19.76 -1.27 -10.73
CA LEU C 536 -20.61 -0.09 -10.90
C LEU C 536 -22.03 -0.36 -10.41
N SER C 537 -22.51 -1.60 -10.59
CA SER C 537 -23.82 -1.97 -10.07
C SER C 537 -23.88 -1.86 -8.56
N HIS C 538 -22.75 -2.10 -7.88
CA HIS C 538 -22.72 -1.93 -6.43
C HIS C 538 -22.99 -0.49 -6.04
N PHE C 539 -22.27 0.45 -6.68
CA PHE C 539 -22.49 1.86 -6.40
C PHE C 539 -23.81 2.39 -6.97
N ILE C 540 -24.45 1.64 -7.88
CA ILE C 540 -25.76 2.04 -8.36
C ILE C 540 -26.83 1.68 -7.34
N ARG C 541 -26.73 0.49 -6.74
CA ARG C 541 -27.69 0.08 -5.73
C ARG C 541 -27.54 0.87 -4.44
N ALA C 542 -26.32 1.31 -4.12
CA ALA C 542 -26.08 1.96 -2.85
C ALA C 542 -26.52 3.42 -2.86
N GLU C 543 -26.28 4.13 -3.96
CA GLU C 543 -26.47 5.57 -3.99
C GLU C 543 -27.71 6.00 -4.74
N THR C 544 -28.20 5.21 -5.67
CA THR C 544 -29.39 5.54 -6.45
C THR C 544 -30.55 4.62 -6.07
N SER C 545 -31.68 4.85 -6.72
CA SER C 545 -32.88 4.03 -6.56
C SER C 545 -33.02 2.98 -7.64
N ILE C 546 -32.09 2.95 -8.61
CA ILE C 546 -32.14 1.97 -9.67
C ILE C 546 -31.82 0.59 -9.12
N LYS C 547 -32.63 -0.40 -9.47
CA LYS C 547 -32.28 -1.78 -9.21
C LYS C 547 -31.79 -2.39 -10.51
N PRO C 548 -30.49 -2.44 -10.75
CA PRO C 548 -29.97 -2.78 -12.08
C PRO C 548 -29.86 -4.29 -12.28
N ILE C 549 -29.61 -4.65 -13.54
CA ILE C 549 -29.36 -6.04 -13.93
C ILE C 549 -27.88 -6.15 -14.31
N PRO C 550 -27.04 -6.74 -13.46
CA PRO C 550 -25.61 -6.81 -13.78
C PRO C 550 -25.33 -7.83 -14.86
N TYR C 551 -24.63 -7.38 -15.91
CA TYR C 551 -24.14 -8.24 -16.98
C TYR C 551 -22.62 -8.28 -16.85
N THR C 552 -22.11 -9.26 -16.10
CA THR C 552 -20.71 -9.28 -15.69
C THR C 552 -19.96 -10.40 -16.41
N ILE C 553 -18.85 -10.03 -17.05
CA ILE C 553 -17.90 -10.98 -17.62
C ILE C 553 -16.52 -10.69 -17.05
N CYS C 554 -15.72 -11.73 -16.88
CA CYS C 554 -14.40 -11.58 -16.31
C CYS C 554 -13.51 -12.63 -16.95
N GLY C 555 -13.31 -12.48 -18.26
CA GLY C 555 -12.49 -13.43 -19.01
C GLY C 555 -11.32 -12.77 -19.72
N GLY C 556 -10.97 -11.55 -19.32
CA GLY C 556 -9.88 -10.87 -19.97
C GLY C 556 -10.21 -10.34 -21.35
N LEU C 557 -11.46 -10.46 -21.79
CA LEU C 557 -11.88 -9.98 -23.10
C LEU C 557 -12.93 -8.90 -22.95
N PRO C 558 -12.91 -7.89 -23.82
CA PRO C 558 -13.97 -6.88 -23.78
C PRO C 558 -15.27 -7.42 -24.34
N PHE C 559 -16.32 -6.62 -24.24
CA PHE C 559 -17.58 -6.99 -24.85
C PHE C 559 -17.51 -6.77 -26.36
N THR C 560 -18.42 -7.44 -27.07
CA THR C 560 -18.66 -7.17 -28.47
C THR C 560 -20.13 -6.78 -28.66
N PRO C 561 -20.43 -5.95 -29.67
CA PRO C 561 -21.82 -5.47 -29.85
C PRO C 561 -22.85 -6.59 -29.88
N GLU C 562 -22.53 -7.75 -30.46
CA GLU C 562 -23.51 -8.82 -30.51
C GLU C 562 -23.79 -9.39 -29.13
N MET C 563 -22.82 -9.36 -28.21
CA MET C 563 -23.08 -9.81 -26.85
C MET C 563 -24.08 -8.89 -26.15
N ILE C 564 -23.93 -7.58 -26.32
CA ILE C 564 -24.86 -6.63 -25.72
C ILE C 564 -26.24 -6.76 -26.35
N VAL C 565 -26.29 -6.76 -27.69
CA VAL C 565 -27.57 -6.84 -28.39
C VAL C 565 -28.32 -8.11 -28.00
N ASN C 566 -27.59 -9.24 -27.92
CA ASN C 566 -28.24 -10.49 -27.53
C ASN C 566 -28.77 -10.41 -26.11
N ARG C 567 -28.01 -9.77 -25.21
CA ARG C 567 -28.45 -9.63 -23.84
C ARG C 567 -29.66 -8.71 -23.72
N VAL C 568 -29.72 -7.67 -24.56
CA VAL C 568 -30.84 -6.73 -24.50
C VAL C 568 -32.13 -7.41 -24.94
N LYS C 569 -32.09 -8.12 -26.07
CA LYS C 569 -33.30 -8.74 -26.59
C LYS C 569 -33.84 -9.78 -25.63
N GLU C 570 -32.99 -10.35 -24.79
CA GLU C 570 -33.47 -11.29 -23.78
C GLU C 570 -34.33 -10.61 -22.72
N GLU C 571 -33.94 -9.39 -22.31
CA GLU C 571 -34.68 -8.69 -21.28
C GLU C 571 -35.89 -7.94 -21.83
N ILE C 572 -35.87 -7.57 -23.11
CA ILE C 572 -37.05 -6.95 -23.72
C ILE C 572 -38.24 -7.91 -23.67
N GLN C 573 -38.10 -9.05 -24.33
CA GLN C 573 -39.11 -10.09 -24.31
C GLN C 573 -38.49 -11.42 -24.72
N THR D 2 18.88 -25.95 11.65
CA THR D 2 19.74 -26.83 10.85
C THR D 2 19.00 -27.34 9.61
N VAL D 3 19.53 -27.01 8.43
CA VAL D 3 18.93 -27.44 7.19
C VAL D 3 19.09 -28.95 7.04
N GLU D 4 17.98 -29.63 6.77
CA GLU D 4 17.94 -31.08 6.68
C GLU D 4 17.69 -31.57 5.26
N ALA D 5 17.89 -30.70 4.27
CA ALA D 5 17.62 -31.05 2.87
C ALA D 5 18.88 -31.43 2.10
N PHE D 6 20.06 -31.22 2.66
CA PHE D 6 21.31 -31.46 1.95
C PHE D 6 21.75 -32.90 2.13
N HIS D 7 22.27 -33.49 1.05
CA HIS D 7 22.83 -34.84 1.06
C HIS D 7 21.81 -35.87 1.55
N LYS D 8 20.59 -35.81 0.98
CA LYS D 8 19.54 -36.76 1.30
C LYS D 8 19.19 -37.68 0.15
N MET D 9 19.63 -37.36 -1.07
CA MET D 9 19.36 -38.17 -2.25
C MET D 9 20.68 -38.52 -2.92
N GLU D 10 20.75 -39.73 -3.47
CA GLU D 10 21.97 -40.25 -4.08
C GLU D 10 21.79 -40.36 -5.60
N ASN D 11 22.89 -40.13 -6.32
CA ASN D 11 22.94 -40.27 -7.78
C ASN D 11 21.88 -39.40 -8.46
N MET D 12 21.97 -38.10 -8.20
CA MET D 12 21.03 -37.14 -8.74
C MET D 12 21.63 -36.40 -9.93
N LYS D 13 20.79 -36.17 -10.94
CA LYS D 13 21.15 -35.41 -12.13
C LYS D 13 20.41 -34.08 -12.16
N PRO D 14 20.93 -33.09 -12.89
CA PRO D 14 20.21 -31.82 -13.00
C PRO D 14 18.78 -31.96 -13.49
N LYS D 15 18.52 -32.86 -14.44
CA LYS D 15 17.18 -32.99 -15.02
C LYS D 15 16.15 -33.53 -14.02
N ASP D 16 16.59 -34.03 -12.86
CA ASP D 16 15.64 -34.47 -11.84
C ASP D 16 14.95 -33.30 -11.16
N TYR D 17 15.47 -32.09 -11.32
CA TYR D 17 14.89 -30.91 -10.71
C TYR D 17 14.13 -30.05 -11.71
N LYS D 18 13.95 -30.53 -12.93
CA LYS D 18 13.07 -29.87 -13.89
C LYS D 18 11.62 -30.20 -13.56
N SER D 19 10.75 -29.20 -13.71
CA SER D 19 9.32 -29.36 -13.45
C SER D 19 8.57 -29.58 -14.76
N GLU D 20 7.25 -29.73 -14.65
CA GLU D 20 6.40 -29.97 -15.81
C GLU D 20 6.15 -28.71 -16.63
N VAL D 21 6.59 -27.55 -16.16
CA VAL D 21 6.31 -26.28 -16.81
C VAL D 21 7.43 -26.00 -17.81
N PRO D 22 7.12 -25.80 -19.08
CA PRO D 22 8.16 -25.39 -20.03
C PRO D 22 8.58 -23.94 -19.82
N THR D 23 9.81 -23.64 -20.22
CA THR D 23 10.36 -22.30 -20.05
C THR D 23 9.65 -21.29 -20.96
N THR D 24 9.61 -20.04 -20.50
CA THR D 24 8.98 -18.95 -21.25
C THR D 24 9.96 -17.89 -21.70
N TRP D 25 11.25 -18.03 -21.40
CA TRP D 25 12.24 -16.99 -21.68
C TRP D 25 12.59 -16.96 -23.17
N CYS D 26 13.07 -15.80 -23.62
CA CYS D 26 13.52 -15.65 -24.98
C CYS D 26 14.77 -16.49 -25.24
N PRO D 27 14.93 -17.01 -26.46
CA PRO D 27 16.15 -17.77 -26.78
C PRO D 27 17.38 -16.88 -26.70
N GLY D 28 18.40 -17.35 -25.98
CA GLY D 28 19.61 -16.60 -25.74
C GLY D 28 19.64 -15.83 -24.43
N CYS D 29 18.52 -15.78 -23.71
CA CYS D 29 18.47 -15.07 -22.44
C CYS D 29 19.38 -15.75 -21.42
N GLY D 30 20.14 -14.93 -20.69
CA GLY D 30 21.08 -15.45 -19.70
C GLY D 30 20.44 -16.14 -18.52
N HIS D 31 19.12 -16.01 -18.34
CA HIS D 31 18.47 -16.69 -17.22
C HIS D 31 18.53 -18.21 -17.37
N PHE D 32 18.64 -18.70 -18.61
CA PHE D 32 18.78 -20.15 -18.81
C PHE D 32 20.04 -20.67 -18.14
N GLY D 33 21.14 -19.93 -18.24
CA GLY D 33 22.37 -20.35 -17.58
C GLY D 33 22.23 -20.39 -16.07
N ILE D 34 21.57 -19.38 -15.49
CA ILE D 34 21.40 -19.33 -14.04
C ILE D 34 20.50 -20.47 -13.57
N LEU D 35 19.41 -20.72 -14.30
CA LEU D 35 18.57 -21.87 -13.98
C LEU D 35 19.38 -23.16 -14.05
N ASN D 36 20.20 -23.30 -15.10
CA ASN D 36 21.05 -24.48 -15.22
C ASN D 36 22.10 -24.53 -14.11
N GLY D 37 22.56 -23.38 -13.64
CA GLY D 37 23.46 -23.37 -12.50
C GLY D 37 22.76 -23.76 -11.21
N VAL D 38 21.48 -23.44 -11.09
CA VAL D 38 20.71 -23.87 -9.93
C VAL D 38 20.50 -25.38 -9.95
N TYR D 39 20.22 -25.93 -11.13
CA TYR D 39 20.04 -27.38 -11.25
C TYR D 39 21.29 -28.13 -10.81
N ARG D 40 22.44 -27.78 -11.40
CA ARG D 40 23.68 -28.46 -11.06
C ARG D 40 24.00 -28.32 -9.57
N ALA D 41 23.69 -27.16 -9.00
CA ALA D 41 23.94 -26.95 -7.57
C ALA D 41 23.07 -27.86 -6.71
N MET D 42 21.79 -27.99 -7.06
CA MET D 42 20.91 -28.89 -6.32
C MET D 42 21.37 -30.34 -6.46
N ALA D 43 21.89 -30.71 -7.63
CA ALA D 43 22.29 -32.09 -7.85
C ALA D 43 23.56 -32.44 -7.07
N GLU D 44 24.56 -31.55 -7.08
CA GLU D 44 25.80 -31.83 -6.36
C GLU D 44 25.58 -31.91 -4.85
N LEU D 45 24.46 -31.42 -4.35
CA LEU D 45 24.16 -31.48 -2.92
C LEU D 45 23.18 -32.59 -2.57
N GLY D 46 22.68 -33.33 -3.57
CA GLY D 46 21.70 -34.37 -3.29
C GLY D 46 20.48 -33.86 -2.57
N ILE D 47 19.96 -32.69 -2.98
CA ILE D 47 18.88 -32.04 -2.24
C ILE D 47 17.58 -32.81 -2.43
N ASP D 48 16.94 -33.16 -1.32
CA ASP D 48 15.56 -33.64 -1.33
C ASP D 48 14.68 -32.42 -1.55
N SER D 49 14.25 -32.20 -2.79
CA SER D 49 13.55 -30.99 -3.16
C SER D 49 12.21 -30.83 -2.46
N THR D 50 11.74 -31.84 -1.72
CA THR D 50 10.57 -31.65 -0.88
C THR D 50 10.85 -30.68 0.27
N LYS D 51 12.13 -30.52 0.64
CA LYS D 51 12.57 -29.58 1.66
C LYS D 51 13.31 -28.39 1.05
N PHE D 52 12.87 -27.96 -0.13
CA PHE D 52 13.52 -26.89 -0.90
C PHE D 52 12.47 -25.87 -1.29
N ALA D 53 12.71 -24.60 -0.98
CA ALA D 53 11.76 -23.52 -1.23
C ALA D 53 12.41 -22.49 -2.12
N ALA D 54 11.81 -22.25 -3.30
CA ALA D 54 12.28 -21.26 -4.25
C ALA D 54 11.21 -20.18 -4.38
N ILE D 55 11.51 -18.99 -3.89
CA ILE D 55 10.54 -17.90 -3.79
C ILE D 55 11.05 -16.73 -4.62
N SER D 56 10.19 -16.18 -5.45
CA SER D 56 10.57 -15.15 -6.40
C SER D 56 9.62 -13.97 -6.34
N GLY D 57 10.07 -12.85 -6.89
CA GLY D 57 9.27 -11.64 -6.96
C GLY D 57 8.51 -11.55 -8.26
N ILE D 58 8.73 -10.47 -9.01
CA ILE D 58 8.04 -10.23 -10.27
C ILE D 58 9.05 -9.83 -11.33
N GLY D 59 8.93 -10.42 -12.52
CA GLY D 59 9.83 -10.16 -13.63
C GLY D 59 10.15 -11.41 -14.41
N CYS D 60 10.80 -11.27 -15.57
CA CYS D 60 11.26 -12.44 -16.31
C CYS D 60 12.07 -13.36 -15.41
N SER D 61 12.99 -12.75 -14.65
CA SER D 61 13.82 -13.51 -13.73
C SER D 61 12.98 -14.28 -12.71
N SER D 62 11.86 -13.69 -12.27
CA SER D 62 11.05 -14.27 -11.21
C SER D 62 10.19 -15.41 -11.69
N ARG D 63 10.23 -15.75 -12.97
CA ARG D 63 9.49 -16.91 -13.46
C ARG D 63 10.22 -18.21 -13.20
N MET D 64 11.41 -18.15 -12.60
CA MET D 64 12.22 -19.35 -12.41
C MET D 64 11.58 -20.41 -11.53
N PRO D 65 10.98 -20.09 -10.37
CA PRO D 65 10.42 -21.16 -9.54
C PRO D 65 9.47 -22.09 -10.28
N TYR D 66 8.68 -21.57 -11.22
CA TYR D 66 7.79 -22.41 -12.01
C TYR D 66 8.54 -23.56 -12.66
N PHE D 67 9.80 -23.34 -13.04
CA PHE D 67 10.59 -24.33 -13.77
C PHE D 67 11.37 -25.28 -12.85
N VAL D 68 11.27 -25.13 -11.53
CA VAL D 68 11.99 -25.97 -10.59
C VAL D 68 11.01 -26.89 -9.89
N ASP D 69 11.38 -28.16 -9.74
CA ASP D 69 10.54 -29.16 -9.08
C ASP D 69 10.87 -29.15 -7.60
N SER D 70 10.14 -28.33 -6.86
CA SER D 70 10.31 -28.17 -5.41
C SER D 70 9.14 -27.32 -4.92
N TYR D 71 9.09 -27.10 -3.61
CA TYR D 71 8.17 -26.12 -3.06
C TYR D 71 8.62 -24.73 -3.47
N LYS D 72 7.66 -23.87 -3.80
CA LYS D 72 7.99 -22.62 -4.49
C LYS D 72 6.89 -21.60 -4.27
N MET D 73 7.25 -20.33 -4.46
CA MET D 73 6.29 -19.23 -4.38
C MET D 73 6.61 -18.16 -5.39
N HIS D 74 5.57 -17.65 -6.04
CA HIS D 74 5.65 -16.53 -6.97
C HIS D 74 4.90 -15.37 -6.32
N THR D 75 5.65 -14.47 -5.67
CA THR D 75 5.02 -13.42 -4.88
C THR D 75 4.94 -12.10 -5.65
N LEU D 76 4.95 -10.99 -4.93
CA LEU D 76 4.78 -9.68 -5.54
C LEU D 76 6.12 -9.03 -5.85
N HIS D 77 6.06 -7.89 -6.53
CA HIS D 77 7.25 -7.20 -7.01
C HIS D 77 8.03 -6.62 -5.83
N GLY D 78 9.25 -7.11 -5.64
CA GLY D 78 10.14 -6.61 -4.62
C GLY D 78 9.94 -7.16 -3.23
N ARG D 79 9.01 -8.11 -3.06
CA ARG D 79 8.67 -8.64 -1.75
C ARG D 79 9.16 -10.07 -1.54
N ALA D 80 9.94 -10.61 -2.49
CA ALA D 80 10.38 -12.00 -2.38
C ALA D 80 11.20 -12.21 -1.11
N GLY D 81 12.24 -11.39 -0.92
CA GLY D 81 13.05 -11.51 0.28
C GLY D 81 12.28 -11.31 1.56
N ALA D 82 11.21 -10.52 1.53
CA ALA D 82 10.37 -10.37 2.71
C ALA D 82 9.55 -11.64 2.95
N VAL D 83 8.86 -12.12 1.92
CA VAL D 83 8.07 -13.35 2.05
C VAL D 83 8.97 -14.52 2.43
N ALA D 84 10.17 -14.59 1.83
CA ALA D 84 11.08 -15.69 2.13
C ALA D 84 11.52 -15.71 3.59
N THR D 85 11.63 -14.52 4.21
CA THR D 85 12.02 -14.47 5.62
C THR D 85 10.97 -15.13 6.50
N GLY D 86 9.69 -14.89 6.22
CA GLY D 86 8.65 -15.60 6.93
C GLY D 86 8.71 -17.10 6.71
N THR D 87 9.09 -17.52 5.51
CA THR D 87 9.24 -18.94 5.22
C THR D 87 10.40 -19.55 6.00
N GLN D 88 11.55 -18.89 5.98
CA GLN D 88 12.73 -19.44 6.63
C GLN D 88 12.55 -19.50 8.14
N VAL D 89 11.97 -18.47 8.74
CA VAL D 89 11.79 -18.43 10.19
C VAL D 89 10.80 -19.50 10.64
N ALA D 90 9.67 -19.63 9.93
CA ALA D 90 8.65 -20.59 10.32
C ALA D 90 9.17 -22.02 10.24
N ARG D 91 9.96 -22.33 9.22
CA ARG D 91 10.49 -23.68 9.00
C ARG D 91 11.99 -23.59 8.78
N PRO D 92 12.77 -23.51 9.86
CA PRO D 92 14.23 -23.43 9.71
C PRO D 92 14.86 -24.65 9.05
N ASP D 93 14.12 -25.75 8.88
CA ASP D 93 14.69 -26.94 8.28
C ASP D 93 14.83 -26.83 6.77
N LEU D 94 13.97 -26.03 6.13
CA LEU D 94 13.97 -25.93 4.68
C LEU D 94 15.20 -25.18 4.18
N CYS D 95 15.60 -25.50 2.94
CA CYS D 95 16.60 -24.71 2.22
C CYS D 95 15.87 -23.68 1.38
N VAL D 96 16.04 -22.40 1.72
CA VAL D 96 15.30 -21.30 1.11
C VAL D 96 16.21 -20.58 0.11
N VAL D 97 15.68 -20.34 -1.09
CA VAL D 97 16.39 -19.62 -2.14
C VAL D 97 15.47 -18.57 -2.71
N VAL D 98 16.01 -17.38 -2.95
CA VAL D 98 15.27 -16.25 -3.51
C VAL D 98 15.84 -15.93 -4.88
N ALA D 99 14.97 -15.77 -5.87
CA ALA D 99 15.37 -15.47 -7.23
C ALA D 99 14.60 -14.27 -7.74
N GLY D 100 15.29 -13.34 -8.37
CA GLY D 100 14.63 -12.14 -8.88
C GLY D 100 15.63 -11.28 -9.62
N GLY D 101 15.09 -10.25 -10.28
CA GLY D 101 15.89 -9.41 -11.13
C GLY D 101 16.49 -8.21 -10.41
N ASP D 102 17.18 -7.38 -11.20
CA ASP D 102 17.87 -6.21 -10.66
C ASP D 102 16.88 -5.11 -10.29
N GLY D 103 15.83 -4.94 -11.08
CA GLY D 103 14.80 -3.99 -10.70
C GLY D 103 13.97 -4.49 -9.54
N ASP D 104 13.66 -5.79 -9.55
CA ASP D 104 12.89 -6.39 -8.46
C ASP D 104 13.61 -6.21 -7.13
N GLY D 105 14.94 -6.29 -7.13
CA GLY D 105 15.70 -6.34 -5.90
C GLY D 105 16.15 -5.00 -5.36
N PHE D 106 16.66 -4.12 -6.21
CA PHE D 106 17.25 -2.87 -5.75
C PHE D 106 16.44 -1.65 -6.13
N SER D 107 15.21 -1.84 -6.62
CA SER D 107 14.32 -0.71 -6.88
C SER D 107 13.15 -0.83 -5.91
N ILE D 108 12.08 -1.53 -6.28
CA ILE D 108 10.94 -1.65 -5.36
C ILE D 108 11.29 -2.49 -4.14
N GLY D 109 12.23 -3.40 -4.28
CA GLY D 109 12.63 -4.27 -3.17
C GLY D 109 13.83 -3.79 -2.39
N GLY D 110 14.36 -2.60 -2.69
CA GLY D 110 15.53 -2.10 -2.00
C GLY D 110 15.30 -1.81 -0.53
N GLY D 111 14.04 -1.71 -0.11
CA GLY D 111 13.76 -1.49 1.30
C GLY D 111 13.93 -2.73 2.14
N HIS D 112 13.65 -3.91 1.56
CA HIS D 112 13.79 -5.16 2.29
C HIS D 112 15.19 -5.73 2.21
N MET D 113 16.01 -5.26 1.27
CA MET D 113 17.36 -5.79 1.14
C MET D 113 18.21 -5.63 2.40
N PRO D 114 18.36 -4.43 2.98
CA PRO D 114 19.31 -4.29 4.09
C PRO D 114 18.98 -5.15 5.30
N HIS D 115 17.69 -5.34 5.60
CA HIS D 115 17.33 -6.07 6.81
C HIS D 115 17.49 -7.58 6.62
N MET D 116 17.32 -8.10 5.41
CA MET D 116 17.65 -9.48 5.12
C MET D 116 19.08 -9.79 5.54
N ALA D 117 20.03 -9.00 5.01
CA ALA D 117 21.44 -9.26 5.27
C ALA D 117 21.81 -8.92 6.70
N ARG D 118 21.25 -7.84 7.24
CA ARG D 118 21.55 -7.45 8.62
C ARG D 118 21.19 -8.57 9.58
N LYS D 119 19.93 -9.00 9.56
CA LYS D 119 19.45 -10.05 10.45
C LYS D 119 20.05 -11.41 10.13
N ASN D 120 20.80 -11.54 9.03
CA ASN D 120 21.53 -12.77 8.70
C ASN D 120 20.60 -13.96 8.59
N VAL D 121 19.52 -13.80 7.83
CA VAL D 121 18.58 -14.90 7.62
C VAL D 121 19.25 -15.98 6.78
N ASN D 122 19.14 -17.23 7.23
CA ASN D 122 19.80 -18.33 6.52
C ASN D 122 19.07 -18.67 5.23
N MET D 123 19.39 -17.95 4.16
CA MET D 123 18.79 -18.18 2.86
C MET D 123 19.77 -17.69 1.79
N THR D 124 19.52 -18.06 0.55
CA THR D 124 20.34 -17.68 -0.58
C THR D 124 19.56 -16.74 -1.48
N TYR D 125 20.20 -15.64 -1.89
CA TYR D 125 19.61 -14.69 -2.82
C TYR D 125 20.38 -14.76 -4.13
N VAL D 126 19.71 -15.24 -5.17
CA VAL D 126 20.26 -15.26 -6.52
C VAL D 126 19.63 -14.10 -7.27
N LEU D 127 20.41 -13.04 -7.51
CA LEU D 127 19.91 -11.86 -8.21
C LEU D 127 20.45 -11.87 -9.62
N MET D 128 19.54 -11.91 -10.60
CA MET D 128 19.91 -11.94 -12.02
C MET D 128 19.98 -10.51 -12.53
N ASP D 129 21.20 -10.01 -12.73
CA ASP D 129 21.43 -8.60 -13.03
C ASP D 129 21.60 -8.45 -14.54
N ASN D 130 20.55 -7.95 -15.20
CA ASN D 130 20.58 -7.66 -16.63
C ASN D 130 20.58 -6.16 -16.95
N GLY D 131 20.62 -5.31 -15.93
CA GLY D 131 20.71 -3.87 -16.17
C GLY D 131 19.53 -3.26 -16.91
N ILE D 132 18.34 -3.85 -16.80
CA ILE D 132 17.17 -3.34 -17.49
C ILE D 132 15.93 -4.01 -16.91
N TYR D 133 14.76 -3.42 -17.16
CA TYR D 133 13.49 -4.05 -16.82
C TYR D 133 13.06 -4.89 -18.02
N GLY D 134 13.25 -6.20 -17.92
CA GLY D 134 12.99 -7.06 -19.05
C GLY D 134 11.52 -7.27 -19.36
N LEU D 135 10.78 -7.83 -18.40
CA LEU D 135 9.41 -8.25 -18.68
C LEU D 135 8.50 -7.07 -19.01
N THR D 136 8.81 -5.87 -18.52
CA THR D 136 8.05 -4.67 -18.86
C THR D 136 8.63 -3.93 -20.06
N LYS D 137 9.50 -4.59 -20.81
CA LYS D 137 9.93 -4.20 -22.16
C LYS D 137 10.98 -3.12 -22.21
N GLY D 138 11.93 -3.13 -21.28
CA GLY D 138 13.18 -2.44 -21.51
C GLY D 138 13.36 -1.07 -20.90
N GLN D 139 12.85 -0.86 -19.68
CA GLN D 139 13.12 0.36 -18.95
C GLN D 139 14.38 0.18 -18.12
N TYR D 140 15.13 1.26 -17.96
CA TYR D 140 16.42 1.15 -17.29
C TYR D 140 16.24 0.84 -15.81
N SER D 141 17.30 0.28 -15.22
CA SER D 141 17.26 -0.24 -13.86
C SER D 141 18.31 0.46 -13.01
N PRO D 142 18.34 0.23 -11.69
CA PRO D 142 19.41 0.80 -10.87
C PRO D 142 20.82 0.35 -11.26
N THR D 143 20.98 -0.69 -12.08
CA THR D 143 22.30 -1.14 -12.52
C THR D 143 22.61 -0.75 -13.96
N SER D 144 21.69 -0.09 -14.66
CA SER D 144 21.97 0.37 -16.02
C SER D 144 23.07 1.41 -16.02
N ARG D 145 23.89 1.38 -17.07
CA ARG D 145 24.92 2.39 -17.26
C ARG D 145 24.30 3.70 -17.74
N PRO D 146 24.91 4.84 -17.40
CA PRO D 146 24.24 6.13 -17.69
C PRO D 146 24.02 6.38 -19.16
N GLU D 147 24.98 6.03 -20.01
CA GLU D 147 24.90 6.34 -21.44
C GLU D 147 23.81 5.55 -22.16
N MET D 148 23.22 4.55 -21.51
CA MET D 148 22.20 3.75 -22.17
C MET D 148 20.94 4.58 -22.43
N THR D 149 20.36 4.38 -23.61
CA THR D 149 19.06 4.94 -23.96
C THR D 149 18.03 3.82 -23.93
N ALA D 150 16.94 4.00 -23.20
CA ALA D 150 16.00 2.92 -22.97
C ALA D 150 14.57 3.45 -23.00
N TYR D 151 13.63 2.56 -22.65
CA TYR D 151 12.20 2.80 -22.82
C TYR D 151 11.77 4.15 -22.25
N THR D 152 11.98 4.35 -20.95
CA THR D 152 11.59 5.60 -20.31
C THR D 152 12.73 6.61 -20.25
N THR D 153 13.90 6.27 -20.79
CA THR D 153 15.05 7.18 -20.85
C THR D 153 15.53 7.28 -22.29
N PRO D 154 14.78 7.98 -23.15
CA PRO D 154 15.23 8.13 -24.54
C PRO D 154 16.45 9.03 -24.69
N TYR D 155 16.71 9.89 -23.71
CA TYR D 155 17.85 10.80 -23.76
C TYR D 155 18.90 10.46 -22.70
N GLY D 156 19.02 9.18 -22.35
CA GLY D 156 20.03 8.75 -21.41
C GLY D 156 19.56 8.74 -19.97
N GLY D 157 20.36 8.08 -19.14
CA GLY D 157 20.08 7.95 -17.72
C GLY D 157 20.61 9.11 -16.91
N PRO D 158 19.73 9.76 -16.14
CA PRO D 158 20.15 10.94 -15.38
C PRO D 158 20.78 10.62 -14.03
N GLU D 159 21.24 9.39 -13.84
CA GLU D 159 21.92 9.02 -12.61
C GLU D 159 22.86 7.87 -12.89
N ASN D 160 23.76 7.62 -11.94
CA ASN D 160 24.73 6.54 -12.03
C ASN D 160 24.14 5.26 -11.45
N PRO D 161 24.67 4.10 -11.85
CA PRO D 161 24.20 2.84 -11.28
C PRO D 161 24.74 2.61 -9.88
N MET D 162 24.08 1.71 -9.16
CA MET D 162 24.51 1.31 -7.84
C MET D 162 25.30 0.01 -7.90
N ASN D 163 26.03 -0.26 -6.83
CA ASN D 163 26.92 -1.40 -6.74
C ASN D 163 26.26 -2.51 -5.93
N PRO D 164 25.74 -3.58 -6.57
CA PRO D 164 25.05 -4.61 -5.80
C PRO D 164 25.94 -5.32 -4.79
N LEU D 165 27.20 -5.59 -5.14
CA LEU D 165 28.09 -6.24 -4.18
C LEU D 165 28.41 -5.31 -3.01
N LEU D 166 28.62 -4.02 -3.29
CA LEU D 166 28.96 -3.10 -2.21
C LEU D 166 27.79 -2.87 -1.27
N TYR D 167 26.57 -2.80 -1.83
CA TYR D 167 25.38 -2.71 -1.00
C TYR D 167 25.30 -3.86 -0.01
N MET D 168 25.45 -5.09 -0.50
CA MET D 168 25.27 -6.25 0.36
C MET D 168 26.39 -6.38 1.37
N LEU D 169 27.62 -6.00 0.99
CA LEU D 169 28.72 -6.00 1.95
C LEU D 169 28.47 -4.99 3.06
N THR D 170 27.97 -3.81 2.71
CA THR D 170 27.63 -2.81 3.71
C THR D 170 26.48 -3.26 4.59
N TYR D 171 25.45 -3.86 3.98
CA TYR D 171 24.32 -4.37 4.76
C TYR D 171 24.73 -5.50 5.70
N GLY D 172 25.88 -6.11 5.48
CA GLY D 172 26.38 -7.13 6.36
C GLY D 172 26.08 -8.56 5.96
N ALA D 173 25.97 -8.85 4.67
CA ALA D 173 25.76 -10.23 4.24
C ALA D 173 27.01 -11.05 4.54
N THR D 174 26.80 -12.29 4.98
CA THR D 174 27.88 -13.16 5.41
C THR D 174 28.35 -14.08 4.30
N TYR D 175 27.92 -13.86 3.06
CA TYR D 175 28.40 -14.62 1.91
C TYR D 175 28.07 -13.81 0.66
N VAL D 176 29.10 -13.26 0.02
CA VAL D 176 28.92 -12.40 -1.14
C VAL D 176 29.77 -12.93 -2.29
N ALA D 177 29.13 -13.21 -3.42
CA ALA D 177 29.79 -13.76 -4.59
C ALA D 177 29.20 -13.14 -5.84
N GLN D 178 29.93 -13.25 -6.95
CA GLN D 178 29.47 -12.74 -8.24
C GLN D 178 29.89 -13.70 -9.34
N ALA D 179 29.04 -13.85 -10.35
CA ALA D 179 29.29 -14.79 -11.42
C ALA D 179 28.68 -14.26 -12.71
N PHE D 180 28.98 -14.96 -13.81
CA PHE D 180 28.44 -14.65 -15.12
C PHE D 180 27.65 -15.85 -15.63
N ALA D 181 26.49 -15.57 -16.25
CA ALA D 181 25.61 -16.64 -16.73
C ALA D 181 26.29 -17.51 -17.79
N GLY D 182 27.23 -16.95 -18.55
CA GLY D 182 27.95 -17.70 -19.56
C GLY D 182 28.98 -18.69 -19.02
N LYS D 183 29.20 -18.70 -17.70
CA LYS D 183 30.08 -19.66 -17.04
C LYS D 183 29.20 -20.51 -16.13
N PRO D 184 28.45 -21.46 -16.69
CA PRO D 184 27.47 -22.18 -15.87
C PRO D 184 28.10 -23.01 -14.76
N LYS D 185 29.40 -23.28 -14.83
CA LYS D 185 30.09 -23.94 -13.73
C LYS D 185 30.55 -22.98 -12.64
N ASP D 186 30.70 -21.69 -12.97
CA ASP D 186 30.86 -20.69 -11.92
C ASP D 186 29.57 -20.48 -11.15
N CYS D 187 28.44 -20.37 -11.87
CA CYS D 187 27.15 -20.24 -11.22
C CYS D 187 26.89 -21.42 -10.28
N ALA D 188 27.07 -22.64 -10.77
CA ALA D 188 26.75 -23.82 -10.00
C ALA D 188 27.58 -23.91 -8.72
N GLU D 189 28.87 -23.54 -8.81
CA GLU D 189 29.74 -23.64 -7.63
C GLU D 189 29.37 -22.58 -6.60
N LEU D 190 29.27 -21.32 -7.01
CA LEU D 190 28.98 -20.24 -6.07
C LEU D 190 27.59 -20.39 -5.47
N ILE D 191 26.62 -20.87 -6.24
CA ILE D 191 25.29 -21.14 -5.71
C ILE D 191 25.34 -22.30 -4.72
N LYS D 192 26.18 -23.30 -4.99
CA LYS D 192 26.33 -24.43 -4.08
C LYS D 192 26.85 -23.98 -2.72
N GLY D 193 27.96 -23.24 -2.71
CA GLY D 193 28.50 -22.74 -1.45
C GLY D 193 27.57 -21.77 -0.76
N ALA D 194 26.76 -21.05 -1.54
CA ALA D 194 25.80 -20.12 -0.94
C ALA D 194 24.73 -20.87 -0.17
N MET D 195 24.27 -22.01 -0.70
CA MET D 195 23.21 -22.75 0.00
C MET D 195 23.73 -23.40 1.27
N GLU D 196 24.91 -24.03 1.21
CA GLU D 196 25.45 -24.67 2.40
C GLU D 196 25.78 -23.66 3.50
N HIS D 197 26.17 -22.44 3.12
CA HIS D 197 26.49 -21.42 4.10
C HIS D 197 25.30 -21.13 5.00
N GLU D 198 25.58 -20.99 6.30
CA GLU D 198 24.55 -20.67 7.31
C GLU D 198 24.55 -19.16 7.52
N GLY D 199 23.64 -18.49 6.84
CA GLY D 199 23.58 -17.04 6.85
C GLY D 199 22.88 -16.56 5.60
N PHE D 200 22.90 -15.23 5.42
CA PHE D 200 22.31 -14.65 4.22
C PHE D 200 23.39 -14.61 3.15
N ALA D 201 23.21 -15.45 2.12
CA ALA D 201 24.14 -15.56 1.01
C ALA D 201 23.56 -14.87 -0.21
N TYR D 202 24.31 -13.93 -0.77
CA TYR D 202 23.90 -13.19 -1.94
C TYR D 202 24.83 -13.52 -3.10
N VAL D 203 24.24 -13.85 -4.25
CA VAL D 203 24.99 -14.20 -5.46
C VAL D 203 24.49 -13.29 -6.56
N ASN D 204 25.33 -12.37 -7.01
CA ASN D 204 25.00 -11.45 -8.09
C ASN D 204 25.52 -12.04 -9.40
N ILE D 205 24.62 -12.34 -10.32
CA ILE D 205 24.97 -13.01 -11.56
C ILE D 205 24.54 -12.15 -12.73
N PHE D 206 25.51 -11.75 -13.56
CA PHE D 206 25.21 -11.03 -14.78
C PHE D 206 24.50 -11.94 -15.77
N SER D 207 23.36 -11.49 -16.28
CA SER D 207 22.56 -12.26 -17.23
C SER D 207 22.18 -11.36 -18.39
N GLN D 208 22.64 -11.69 -19.60
CA GLN D 208 22.36 -10.85 -20.75
C GLN D 208 20.87 -10.87 -21.08
N CYS D 209 20.40 -9.77 -21.68
CA CYS D 209 19.04 -9.66 -22.18
C CYS D 209 19.12 -9.19 -23.63
N PRO D 210 19.17 -10.14 -24.58
CA PRO D 210 19.32 -9.74 -25.99
C PRO D 210 18.09 -9.08 -26.58
N THR D 211 16.92 -9.23 -25.95
CA THR D 211 15.71 -8.69 -26.56
C THR D 211 15.61 -7.18 -26.41
N PHE D 212 16.01 -6.65 -25.26
CA PHE D 212 15.85 -5.22 -24.97
C PHE D 212 17.14 -4.49 -24.62
N ASN D 213 18.11 -5.16 -24.00
CA ASN D 213 19.36 -4.50 -23.60
C ASN D 213 20.36 -4.62 -24.74
N LYS D 214 20.68 -3.49 -25.37
CA LYS D 214 21.50 -3.46 -26.57
C LYS D 214 22.98 -3.22 -26.29
N ILE D 215 23.35 -2.80 -25.07
CA ILE D 215 24.75 -2.51 -24.78
C ILE D 215 25.35 -3.47 -23.73
N ASP D 216 24.54 -3.99 -22.80
CA ASP D 216 25.03 -4.99 -21.85
C ASP D 216 24.85 -6.38 -22.47
N THR D 217 25.73 -6.67 -23.43
CA THR D 217 25.67 -7.88 -24.23
C THR D 217 26.57 -8.96 -23.64
N VAL D 218 26.57 -10.13 -24.28
CA VAL D 218 27.42 -11.23 -23.85
C VAL D 218 28.89 -10.86 -23.96
N ASP D 219 29.28 -10.30 -25.11
CA ASP D 219 30.67 -9.89 -25.28
C ASP D 219 31.07 -8.86 -24.24
N PHE D 220 30.16 -7.96 -23.88
CA PHE D 220 30.48 -6.94 -22.88
C PHE D 220 30.68 -7.58 -21.50
N TYR D 221 29.75 -8.44 -21.08
CA TYR D 221 29.90 -9.09 -19.78
C TYR D 221 31.15 -9.97 -19.73
N ARG D 222 31.50 -10.63 -20.84
CA ARG D 222 32.69 -11.47 -20.84
C ARG D 222 33.96 -10.65 -20.65
N ASP D 223 34.01 -9.43 -21.21
CA ASP D 223 35.18 -8.59 -21.02
C ASP D 223 35.15 -7.87 -19.67
N LEU D 224 33.95 -7.60 -19.14
CA LEU D 224 33.84 -6.88 -17.88
C LEU D 224 34.35 -7.70 -16.71
N VAL D 225 34.14 -9.02 -16.74
CA VAL D 225 34.46 -9.85 -15.58
C VAL D 225 35.98 -9.97 -15.42
N GLU D 226 36.39 -10.34 -14.21
CA GLU D 226 37.78 -10.60 -13.85
C GLU D 226 37.79 -11.52 -12.63
N PRO D 227 38.15 -12.79 -12.78
CA PRO D 227 38.04 -13.73 -11.66
C PRO D 227 38.96 -13.33 -10.51
N ILE D 228 38.47 -13.55 -9.30
CA ILE D 228 39.20 -13.18 -8.08
C ILE D 228 40.40 -14.11 -7.90
N PRO D 229 41.59 -13.59 -7.61
CA PRO D 229 42.73 -14.48 -7.33
C PRO D 229 42.50 -15.26 -6.04
N GLU D 230 43.04 -16.48 -6.01
CA GLU D 230 42.83 -17.35 -4.86
C GLU D 230 43.53 -16.85 -3.61
N ASP D 231 44.59 -16.05 -3.74
CA ASP D 231 45.28 -15.50 -2.59
C ASP D 231 44.48 -14.40 -1.89
N HIS D 232 43.30 -14.05 -2.41
CA HIS D 232 42.44 -13.09 -1.74
C HIS D 232 41.88 -13.69 -0.45
N ASP D 233 41.82 -12.86 0.59
CA ASP D 233 41.35 -13.30 1.89
C ASP D 233 39.85 -13.03 1.98
N THR D 234 39.05 -14.09 1.98
CA THR D 234 37.59 -13.97 1.99
C THR D 234 37.04 -13.60 3.36
N SER D 235 37.90 -13.34 4.35
CA SER D 235 37.48 -12.85 5.64
C SER D 235 37.78 -11.37 5.83
N ASP D 236 38.42 -10.73 4.86
CA ASP D 236 38.77 -9.32 4.93
C ASP D 236 37.65 -8.51 4.30
N LEU D 237 36.78 -7.96 5.14
CA LEU D 237 35.65 -7.16 4.64
C LEU D 237 36.15 -5.96 3.83
N GLY D 238 37.21 -5.29 4.32
CA GLY D 238 37.75 -4.15 3.59
C GLY D 238 38.28 -4.53 2.22
N ALA D 239 38.95 -5.69 2.12
CA ALA D 239 39.43 -6.15 0.83
C ALA D 239 38.28 -6.53 -0.10
N ALA D 240 37.18 -7.07 0.45
CA ALA D 240 36.03 -7.41 -0.37
C ALA D 240 35.31 -6.16 -0.86
N MET D 241 35.21 -5.13 -0.01
CA MET D 241 34.61 -3.87 -0.44
C MET D 241 35.45 -3.19 -1.51
N GLU D 242 36.78 -3.33 -1.43
CA GLU D 242 37.63 -2.82 -2.51
C GLU D 242 37.43 -3.63 -3.79
N LEU D 243 37.28 -4.95 -3.67
CA LEU D 243 36.98 -5.76 -4.84
C LEU D 243 35.64 -5.37 -5.45
N ALA D 244 34.64 -5.10 -4.62
CA ALA D 244 33.33 -4.74 -5.12
C ALA D 244 33.37 -3.43 -5.89
N ARG D 245 34.22 -2.49 -5.47
CA ARG D 245 34.33 -1.18 -6.12
C ARG D 245 35.04 -1.24 -7.46
N ARG D 246 35.29 -2.46 -7.96
CA ARG D 246 35.82 -2.71 -9.29
C ARG D 246 37.15 -2.00 -9.53
N PRO D 247 38.25 -2.57 -9.04
CA PRO D 247 39.57 -1.98 -9.34
C PRO D 247 39.88 -2.12 -10.83
N GLY D 248 40.27 -1.01 -11.44
CA GLY D 248 40.56 -1.03 -12.86
C GLY D 248 39.35 -1.11 -13.76
N GLY D 249 38.15 -0.95 -13.21
CA GLY D 249 36.91 -1.01 -13.97
C GLY D 249 36.34 -2.39 -14.20
N LYS D 250 37.03 -3.45 -13.77
CA LYS D 250 36.59 -4.83 -14.03
C LYS D 250 35.88 -5.39 -12.80
N ALA D 251 34.73 -6.05 -13.06
CA ALA D 251 33.91 -6.61 -11.99
C ALA D 251 34.44 -7.98 -11.59
N PRO D 252 34.53 -8.24 -10.29
CA PRO D 252 35.08 -9.52 -9.84
C PRO D 252 34.07 -10.65 -9.96
N THR D 253 34.60 -11.86 -10.17
CA THR D 253 33.82 -13.09 -10.11
C THR D 253 34.54 -14.08 -9.20
N GLY D 254 33.77 -14.76 -8.36
CA GLY D 254 34.30 -15.67 -7.37
C GLY D 254 33.67 -15.40 -6.03
N LEU D 255 34.38 -15.76 -4.96
CA LEU D 255 33.93 -15.53 -3.60
C LEU D 255 34.61 -14.29 -3.04
N LEU D 256 33.82 -13.27 -2.69
CA LEU D 256 34.39 -12.03 -2.16
C LEU D 256 34.52 -12.04 -0.65
N TYR D 257 33.46 -12.45 0.05
CA TYR D 257 33.41 -12.34 1.50
C TYR D 257 32.60 -13.49 2.07
N LYS D 258 33.07 -14.03 3.18
CA LYS D 258 32.40 -15.16 3.83
C LYS D 258 32.83 -15.19 5.28
N THR D 259 31.84 -15.26 6.19
CA THR D 259 32.12 -15.26 7.62
C THR D 259 30.95 -15.92 8.34
N SER D 260 31.23 -16.47 9.51
CA SER D 260 30.24 -17.17 10.31
C SER D 260 29.74 -16.26 11.43
N ALA D 261 28.43 -16.14 11.56
CA ALA D 261 27.80 -15.31 12.58
C ALA D 261 26.41 -15.85 12.86
N PRO D 262 25.86 -15.60 14.05
CA PRO D 262 24.54 -16.13 14.38
C PRO D 262 23.48 -15.69 13.39
N THR D 263 22.57 -16.59 13.07
CA THR D 263 21.47 -16.29 12.16
C THR D 263 20.23 -15.86 12.93
N LEU D 264 19.24 -15.34 12.20
CA LEU D 264 18.04 -14.82 12.83
C LEU D 264 17.28 -15.92 13.54
N ASP D 265 17.12 -17.08 12.90
CA ASP D 265 16.37 -18.16 13.51
C ASP D 265 17.09 -18.73 14.73
N GLN D 266 18.42 -18.62 14.77
CA GLN D 266 19.16 -19.07 15.96
C GLN D 266 18.94 -18.11 17.12
N ASN D 267 19.03 -16.81 16.87
CA ASN D 267 18.78 -15.83 17.92
C ASN D 267 17.32 -15.89 18.38
N LEU D 268 16.38 -16.13 17.45
CA LEU D 268 15.01 -16.37 17.87
C LEU D 268 14.89 -17.61 18.74
N ALA D 269 15.76 -18.60 18.50
CA ALA D 269 15.73 -19.82 19.31
C ALA D 269 16.28 -19.56 20.70
N LYS D 270 17.34 -18.76 20.80
CA LYS D 270 17.92 -18.44 22.11
C LYS D 270 16.88 -17.80 23.03
N ILE D 271 16.02 -16.94 22.47
CA ILE D 271 14.95 -16.32 23.25
C ILE D 271 14.03 -17.39 23.83
N ARG D 272 13.66 -18.38 23.03
CA ARG D 272 12.80 -19.45 23.53
C ARG D 272 13.55 -20.35 24.51
N GLU D 273 14.84 -20.59 24.27
CA GLU D 273 15.61 -21.47 25.15
C GLU D 273 15.77 -20.86 26.54
N ARG D 274 16.09 -19.57 26.62
CA ARG D 274 16.26 -18.94 27.92
C ARG D 274 14.96 -18.94 28.71
N LEU D 275 13.83 -18.98 28.04
CA LEU D 275 12.53 -19.02 28.71
C LEU D 275 12.03 -20.44 28.97
N GLY D 276 12.79 -21.45 28.57
CA GLY D 276 12.29 -22.81 28.64
C GLY D 276 11.04 -23.00 27.80
N GLY D 277 10.91 -22.25 26.72
CA GLY D 277 9.69 -22.29 25.93
C GLY D 277 9.59 -23.53 25.07
N HIS D 278 8.36 -23.98 24.88
CA HIS D 278 8.07 -25.16 24.09
C HIS D 278 6.60 -25.11 23.69
N VAL D 279 6.22 -26.03 22.80
CA VAL D 279 4.86 -26.02 22.26
C VAL D 279 3.85 -26.29 23.36
N GLY D 280 4.21 -27.15 24.31
CA GLY D 280 3.31 -27.52 25.38
C GLY D 280 3.42 -26.66 26.61
N TYR D 281 3.56 -25.35 26.46
CA TYR D 281 3.56 -24.48 27.62
C TYR D 281 2.16 -24.42 28.21
N ASP D 282 2.07 -24.46 29.54
CA ASP D 282 0.78 -24.35 30.23
C ASP D 282 0.29 -22.92 30.08
N LYS D 283 -0.56 -22.69 29.08
CA LYS D 283 -1.03 -21.34 28.77
C LYS D 283 -1.80 -20.71 29.91
N ASN D 284 -2.27 -21.50 30.88
CA ASN D 284 -2.99 -20.92 32.01
C ASN D 284 -2.10 -20.04 32.88
N LYS D 285 -0.79 -20.26 32.88
CA LYS D 285 0.09 -19.33 33.59
C LYS D 285 0.00 -17.92 33.00
N ILE D 286 -0.11 -17.83 31.68
CA ILE D 286 -0.20 -16.53 31.03
C ILE D 286 -1.50 -15.83 31.40
N ILE D 287 -2.60 -16.59 31.44
CA ILE D 287 -3.90 -16.02 31.81
C ILE D 287 -3.94 -15.65 33.29
N ALA D 288 -3.17 -16.35 34.13
CA ALA D 288 -3.19 -16.06 35.56
C ALA D 288 -2.71 -14.65 35.86
N LEU D 289 -1.84 -14.10 35.02
CA LEU D 289 -1.34 -12.74 35.24
C LEU D 289 -2.44 -11.71 35.14
N ALA D 290 -3.58 -12.07 34.53
CA ALA D 290 -4.71 -11.17 34.38
C ALA D 290 -5.70 -11.23 35.54
N LYS D 291 -5.43 -12.03 36.56
CA LYS D 291 -6.28 -12.00 37.75
C LYS D 291 -6.10 -10.67 38.47
N PRO D 292 -7.18 -10.07 38.97
CA PRO D 292 -7.11 -8.80 39.70
C PRO D 292 -6.32 -8.92 41.01
C1 AKG E . 1.47 6.85 15.61
O1 AKG E . 0.94 5.83 15.01
O2 AKG E . 1.99 6.79 16.72
C2 AKG E . 1.37 8.13 14.74
O5 AKG E . 0.83 8.05 13.65
C3 AKG E . 1.92 9.42 15.28
C4 AKG E . 1.67 10.59 14.34
C5 AKG E . 1.86 11.94 15.00
O3 AKG E . 2.53 12.83 14.50
O4 AKG E . 1.23 12.06 16.14
N1A COA F . 3.97 6.08 44.83
C2A COA F . 5.08 5.64 44.19
N3A COA F . 5.01 4.96 43.03
C4A COA F . 3.78 4.75 42.49
C5A COA F . 2.63 5.18 43.11
C6A COA F . 2.73 5.86 44.30
N6A COA F . 1.63 6.31 44.94
N7A COA F . 1.56 4.81 42.33
C8A COA F . 2.00 4.14 41.23
N9A COA F . 3.45 4.10 41.31
C1B COA F . 4.26 3.23 40.46
C2B COA F . 3.38 2.46 39.47
O2B COA F . 3.20 1.08 39.81
C3B COA F . 4.06 2.62 38.13
O3B COA F . 5.04 1.58 37.99
P3B COA F . 4.80 0.20 37.18
O7A COA F . 5.37 -0.87 38.08
O8A COA F . 5.56 0.38 35.89
O9A COA F . 3.31 0.08 37.00
C4B COA F . 4.80 3.93 38.30
O4B COA F . 5.25 3.89 39.67
C5B COA F . 3.96 5.18 38.11
O5B COA F . 3.31 5.17 36.84
P1A COA F . 1.74 4.80 36.77
O1A COA F . 1.30 4.62 38.19
O2A COA F . 1.53 3.67 35.81
O3A COA F . 0.95 6.09 36.19
P2A COA F . 1.05 7.68 36.47
O4A COA F . 1.84 7.91 37.73
O5A COA F . -0.32 8.29 36.32
O6A COA F . 1.98 8.08 35.12
CBP COA F . 2.33 8.40 32.71
CCP COA F . 1.40 7.90 33.82
CDP COA F . 2.88 9.78 33.03
CEP COA F . 1.53 8.68 31.45
CAP COA F . 3.45 7.39 32.43
OAP COA F . 2.86 6.08 32.19
C9P COA F . 4.46 7.74 31.34
O9P COA F . 5.36 8.54 31.55
N8P COA F . 4.30 7.14 30.17
C7P COA F . 5.10 7.26 28.95
C6P COA F . 4.30 6.70 27.78
C5P COA F . 3.47 5.50 28.21
O5P COA F . 2.24 5.52 28.12
N4P COA F . 4.11 4.44 28.69
C3P COA F . 3.54 3.18 29.18
C2P COA F . 3.73 2.11 28.11
S1P COA F . 5.47 1.79 27.76
FE1 SF4 G . 11.90 10.39 23.39
FE2 SF4 G . 12.37 13.01 22.75
FE3 SF4 G . 10.16 11.74 21.79
FE4 SF4 G . 10.33 12.36 24.44
S1 SF4 G . 10.25 13.83 22.71
S2 SF4 G . 9.64 10.38 23.54
S3 SF4 G . 12.56 12.05 24.80
S4 SF4 G . 12.32 11.25 21.32
N1' TPP H . 3.32 3.12 9.96
C2' TPP H . 2.86 4.20 9.33
CM2 TPP H . 2.60 4.10 7.82
N3' TPP H . 2.62 5.34 9.96
C4' TPP H . 2.85 5.46 11.28
N4' TPP H . 2.58 6.69 11.97
C5' TPP H . 3.34 4.36 11.99
C6' TPP H . 3.56 3.16 11.27
C7' TPP H . 3.59 4.46 13.54
N3 TPP H . 4.70 5.27 13.92
C2 TPP H . 4.66 6.60 14.34
S1 TPP H . 6.09 7.28 14.73
C5 TPP H . 6.81 5.85 14.40
C4 TPP H . 5.97 4.83 13.98
CM4 TPP H . 6.44 3.43 13.63
C6 TPP H . 8.32 5.69 14.56
C7 TPP H . 9.03 6.96 15.11
O7 TPP H . 10.35 6.54 15.50
PA TPP H . 11.55 7.33 14.87
O1A TPP H . 11.44 7.26 13.37
O2A TPP H . 12.86 6.71 15.29
O3A TPP H . 11.50 8.84 15.35
PB TPP H . 11.63 9.30 16.88
O1B TPP H . 12.62 8.39 17.59
O2B TPP H . 12.14 10.71 16.91
O3B TPP H . 10.29 9.21 17.56
MG MG I . 14.18 7.23 16.66
C8 SCA J . 9.39 -7.90 -35.76
N9 SCA J . 10.72 -7.42 -35.43
C4 SCA J . 11.33 -7.19 -36.66
C5 SCA J . 10.47 -7.51 -37.68
N7 SCA J . 9.29 -7.93 -37.12
N3 SCA J . 12.59 -6.73 -36.90
C2 SCA J . 12.97 -6.59 -38.18
N1 SCA J . 12.14 -6.90 -39.20
C6 SCA J . 10.89 -7.35 -38.98
N6 SCA J . 10.06 -7.66 -40.00
C1' SCA J . 10.98 -6.76 -34.17
C2' SCA J . 9.94 -5.67 -33.87
O2' SCA J . 10.33 -4.38 -34.36
C3' SCA J . 9.83 -5.70 -32.37
O3' SCA J . 11.01 -5.09 -31.85
C4' SCA J . 9.97 -7.18 -32.09
O4' SCA J . 10.99 -7.60 -33.02
C5' SCA J . 8.71 -7.99 -32.35
O5' SCA J . 7.66 -7.45 -31.57
P1 SCA J . 6.41 -6.72 -32.29
O11 SCA J . 6.01 -5.53 -31.48
O12 SCA J . 6.77 -6.51 -33.74
O6 SCA J . 5.22 -7.80 -32.26
P2 SCA J . 5.16 -9.34 -31.75
O21 SCA J . 6.23 -10.12 -32.46
O22 SCA J . 3.74 -9.84 -31.76
O7 SCA J . 5.62 -9.06 -30.15
CPB SCA J . 4.99 -9.78 -29.07
CPA SCA J . 5.15 -8.94 -27.81
CP7 SCA J . 4.39 -9.54 -26.62
CP9 SCA J . 4.71 -7.52 -28.11
CP8 SCA J . 6.62 -8.70 -27.47
OP3 SCA J . 4.81 -10.90 -26.39
CP6 SCA J . 4.38 -8.70 -25.35
OP2 SCA J . 3.65 -7.73 -25.26
NP2 SCA J . 5.17 -9.08 -24.34
CP5 SCA J . 5.26 -8.36 -23.06
CP4 SCA J . 4.18 -8.73 -22.05
CP3 SCA J . 4.22 -7.72 -20.92
OP1 SCA J . 3.90 -6.55 -21.12
NP1 SCA J . 4.62 -8.11 -19.70
CP2 SCA J . 4.73 -7.28 -18.50
CP1 SCA J . 4.06 -7.90 -17.28
P3 SCA J . 11.06 -4.08 -30.59
O31 SCA J . 11.69 -2.83 -31.16
O32 SCA J . 11.91 -4.78 -29.57
O33 SCA J . 9.62 -3.91 -30.17
S SCA J . 4.07 -6.76 -15.86
CS1 SCA J . 4.79 -7.53 -14.44
OS1 SCA J . 3.79 -7.55 -13.41
CS2 SCA J . 5.13 -8.95 -14.81
CS3 SCA J . 4.21 -9.97 -14.15
CS4 SCA J . 4.53 -11.40 -14.49
OS4 SCA J . 5.40 -12.05 -13.93
OS5 SCA J . 3.79 -11.88 -15.45
FE1 SF4 K . 15.06 -10.11 -21.71
FE2 SF4 K . 15.40 -12.69 -20.86
FE3 SF4 K . 13.07 -11.37 -20.33
FE4 SF4 K . 13.66 -12.14 -22.89
S1 SF4 K . 13.29 -13.51 -21.10
S2 SF4 K . 12.84 -10.12 -22.22
S3 SF4 K . 15.91 -11.85 -22.92
S4 SF4 K . 15.14 -10.84 -19.56
N1' TPP L . 4.79 -2.97 -9.79
C2' TPP L . 4.24 -3.91 -9.03
CM2 TPP L . 4.00 -3.60 -7.55
N3' TPP L . 3.90 -5.09 -9.53
C4' TPP L . 4.11 -5.39 -10.84
N4' TPP L . 3.75 -6.67 -11.35
C5' TPP L . 4.69 -4.42 -11.67
C6' TPP L . 5.01 -3.17 -11.08
C7' TPP L . 4.94 -4.68 -13.20
N3 TPP L . 6.09 -5.44 -13.52
C2 TPP L . 6.11 -6.76 -14.01
S1 TPP L . 7.62 -7.38 -14.31
C5 TPP L . 8.27 -5.95 -13.85
C4 TPP L . 7.37 -4.98 -13.45
CM4 TPP L . 7.81 -3.59 -12.99
C6 TPP L . 9.78 -5.65 -13.85
C7 TPP L . 10.78 -6.83 -14.04
O7 TPP L . 12.11 -6.27 -13.96
PA TPP L . 13.27 -7.12 -13.30
O1A TPP L . 14.62 -6.50 -13.60
O2A TPP L . 13.08 -7.18 -11.82
O3A TPP L . 13.22 -8.60 -13.87
PB TPP L . 13.64 -9.00 -15.36
O1B TPP L . 14.69 -8.04 -15.88
O2B TPP L . 14.20 -10.40 -15.31
O3B TPP L . 12.42 -8.97 -16.25
MG MG M . 16.14 -6.89 -14.98
#